data_6T8C
#
_entry.id   6T8C
#
_cell.length_a   99.357
_cell.length_b   112.492
_cell.length_c   147.251
_cell.angle_alpha   90.000
_cell.angle_beta   90.000
_cell.angle_gamma   90.000
#
_symmetry.space_group_name_H-M   'P 21 21 21'
#
loop_
_entity.id
_entity.type
_entity.pdbx_description
1 polymer 'Formate dehydrogenase'
2 water water
#
_entity_poly.entity_id   1
_entity_poly.type   'polypeptide(L)'
_entity_poly.pdbx_seq_one_letter_code
;MAKILCVLYDDPITGYPKSYARADVPKIDHYPGGQTAPTPKQIDFTPGELLGSVSGELGLRKYLEGLGHTLVVTSDKEGE
DSVFERELPDAEIVISQPFWPAYLTPERIAKAKKLKLAVTAGIGSDHVDLEAAIKNGITVAEVTYSNSISVSEHVVMMIL
SLVRNYIPSYQWVIKGGWNIADCVERSYDLEAMHVGTVAAGRIGLAVLKRLKPFDVKLHYFDQHRLPESVENELGLTYHP
SVEDMVKVCDVVTINAPLHPGTLDLFNDELISKMKRGAYLVNTARGKICNRDAVVRALESGQLAGYAGDVWFPQPAPKDH
PWRTMPHHGMTPHISGTSLSAQARYAAGTREILECWFEERPIREEYLIVDGGKLAGTGAHSYTVSK
;
_entity_poly.pdbx_strand_id   A,B,C,D
#
# COMPACT_ATOMS: atom_id res chain seq x y z
N ALA A 2 27.98 -11.38 -10.65
CA ALA A 2 27.43 -10.04 -10.95
C ALA A 2 28.43 -9.32 -11.86
N LYS A 3 27.95 -8.30 -12.59
CA LYS A 3 28.79 -7.45 -13.42
C LYS A 3 28.92 -6.11 -12.68
N ILE A 4 30.17 -5.66 -12.52
CA ILE A 4 30.50 -4.34 -12.01
C ILE A 4 30.98 -3.49 -13.20
N LEU A 5 30.31 -2.35 -13.42
CA LEU A 5 30.65 -1.48 -14.53
C LEU A 5 31.26 -0.21 -13.96
N CYS A 6 32.53 0.03 -14.32
CA CYS A 6 33.33 1.04 -13.66
C CYS A 6 33.86 2.03 -14.70
N VAL A 7 33.41 3.29 -14.63
CA VAL A 7 33.90 4.30 -15.54
C VAL A 7 35.05 5.08 -14.89
N LEU A 8 36.16 5.21 -15.60
CA LEU A 8 37.31 5.94 -15.07
C LEU A 8 37.87 6.83 -16.18
N TYR A 9 38.76 7.76 -15.82
CA TYR A 9 39.35 8.62 -16.84
C TYR A 9 40.46 7.91 -17.65
N ASP A 10 40.78 8.46 -18.82
CA ASP A 10 41.87 7.94 -19.65
C ASP A 10 43.19 7.85 -18.88
N ASP A 11 43.98 6.84 -19.24
CA ASP A 11 45.39 6.80 -18.89
C ASP A 11 46.08 8.07 -19.39
N PRO A 12 47.25 8.43 -18.81
CA PRO A 12 48.10 9.50 -19.36
C PRO A 12 48.42 9.19 -20.83
N ILE A 13 48.61 10.23 -21.65
CA ILE A 13 48.90 10.08 -23.07
C ILE A 13 50.18 9.26 -23.32
N THR A 14 51.10 9.26 -22.35
CA THR A 14 52.31 8.44 -22.33
C THR A 14 52.07 7.03 -21.80
N GLY A 15 50.79 6.63 -21.65
CA GLY A 15 50.48 5.31 -21.13
C GLY A 15 50.40 5.28 -19.60
N TYR A 16 49.85 4.18 -19.09
CA TYR A 16 49.79 4.00 -17.64
C TYR A 16 51.22 4.06 -17.09
N PRO A 17 51.50 4.81 -15.99
CA PRO A 17 52.90 5.05 -15.59
C PRO A 17 53.63 3.78 -15.15
N LYS A 18 54.93 3.71 -15.43
CA LYS A 18 55.75 2.56 -15.02
C LYS A 18 56.59 2.93 -13.83
N SER A 19 56.56 4.20 -13.46
CA SER A 19 57.31 4.68 -12.32
C SER A 19 56.67 5.96 -11.81
N TYR A 20 56.98 6.33 -10.57
CA TYR A 20 56.37 7.45 -9.89
C TYR A 20 57.50 8.29 -9.30
N ALA A 21 57.21 9.56 -9.01
CA ALA A 21 58.17 10.47 -8.39
C ALA A 21 58.54 10.03 -6.96
N ARG A 22 57.63 9.33 -6.25
CA ARG A 22 57.82 9.00 -4.84
C ARG A 22 57.46 7.52 -4.64
N ALA A 23 58.05 6.83 -3.65
CA ALA A 23 57.85 5.39 -3.43
C ALA A 23 56.55 5.09 -2.66
N ASP A 24 56.06 6.05 -1.86
CA ASP A 24 54.91 5.84 -0.98
C ASP A 24 54.23 7.19 -0.74
N VAL A 25 53.11 7.18 -0.03
CA VAL A 25 52.47 8.38 0.45
C VAL A 25 52.24 8.23 1.95
N PRO A 26 51.99 9.31 2.69
CA PRO A 26 51.66 9.22 4.13
C PRO A 26 50.45 8.34 4.40
N LYS A 27 50.49 7.57 5.48
CA LYS A 27 49.33 6.78 5.84
C LYS A 27 48.38 7.68 6.61
N ILE A 28 47.15 7.87 6.12
CA ILE A 28 46.17 8.69 6.80
C ILE A 28 45.23 7.76 7.54
N ASP A 29 45.10 7.90 8.85
CA ASP A 29 44.27 6.91 9.53
C ASP A 29 42.90 7.47 9.90
N HIS A 30 42.74 8.80 9.97
CA HIS A 30 41.44 9.35 10.29
C HIS A 30 41.37 10.77 9.75
N TYR A 31 40.15 11.33 9.76
CA TYR A 31 39.93 12.68 9.27
C TYR A 31 39.59 13.60 10.44
N PRO A 32 39.62 14.94 10.29
CA PRO A 32 39.25 15.82 11.41
C PRO A 32 37.85 15.49 11.92
N GLY A 33 37.67 15.44 13.23
CA GLY A 33 36.37 15.07 13.78
C GLY A 33 36.32 13.57 14.12
N GLY A 34 37.27 12.77 13.61
CA GLY A 34 37.47 11.41 14.09
C GLY A 34 36.96 10.30 13.15
N GLN A 35 36.31 10.62 12.02
CA GLN A 35 35.91 9.52 11.14
C GLN A 35 37.17 8.77 10.71
N THR A 36 37.15 7.43 10.76
CA THR A 36 38.32 6.65 10.38
C THR A 36 38.46 6.61 8.85
N ALA A 37 39.72 6.48 8.39
CA ALA A 37 39.98 6.27 6.96
C ALA A 37 39.48 4.87 6.58
N PRO A 38 39.22 4.61 5.28
CA PRO A 38 38.57 3.35 4.86
C PRO A 38 39.26 2.09 5.40
N THR A 39 38.48 1.04 5.67
CA THR A 39 38.98 -0.19 6.26
C THR A 39 38.58 -1.39 5.41
N PRO A 40 38.99 -1.50 4.13
CA PRO A 40 38.73 -2.72 3.37
C PRO A 40 39.56 -3.86 4.04
N LYS A 41 39.15 -5.11 3.86
CA LYS A 41 39.92 -6.23 4.37
C LYS A 41 41.34 -6.26 3.82
N GLN A 42 41.55 -5.96 2.53
CA GLN A 42 42.90 -5.86 1.96
C GLN A 42 42.83 -4.85 0.82
N ILE A 43 44.00 -4.37 0.35
CA ILE A 43 44.05 -3.62 -0.90
C ILE A 43 45.06 -4.28 -1.83
N ASP A 44 44.78 -4.27 -3.14
CA ASP A 44 45.69 -4.87 -4.10
C ASP A 44 46.46 -3.77 -4.84
N PHE A 45 46.98 -2.76 -4.13
CA PHE A 45 47.79 -1.70 -4.74
C PHE A 45 48.67 -1.14 -3.63
N THR A 46 49.73 -0.41 -3.98
CA THR A 46 50.50 0.38 -3.02
C THR A 46 49.93 1.78 -3.06
N PRO A 47 49.47 2.37 -1.94
CA PRO A 47 49.06 3.78 -1.91
C PRO A 47 50.15 4.65 -2.55
N GLY A 48 49.75 5.48 -3.53
CA GLY A 48 50.73 6.16 -4.37
C GLY A 48 50.61 5.80 -5.86
N GLU A 49 50.06 4.63 -6.21
CA GLU A 49 49.84 4.22 -7.61
C GLU A 49 48.64 4.95 -8.21
N LEU A 50 48.63 5.05 -9.54
CA LEU A 50 47.53 5.72 -10.23
C LEU A 50 46.37 4.74 -10.31
N LEU A 51 45.21 5.10 -9.75
CA LEU A 51 44.13 4.14 -9.54
C LEU A 51 42.90 4.60 -10.32
N GLY A 52 42.78 5.92 -10.54
CA GLY A 52 41.57 6.52 -11.08
C GLY A 52 41.47 6.47 -12.62
N SER A 53 42.50 5.93 -13.28
CA SER A 53 42.44 5.87 -14.73
C SER A 53 42.11 4.44 -15.14
N VAL A 54 41.84 4.24 -16.43
CA VAL A 54 41.33 2.98 -16.95
C VAL A 54 42.23 1.78 -16.63
N SER A 55 43.56 1.93 -16.65
CA SER A 55 44.43 0.77 -16.39
C SER A 55 44.66 0.61 -14.89
N GLY A 56 44.27 1.60 -14.10
CA GLY A 56 44.39 1.49 -12.65
C GLY A 56 43.26 0.67 -12.04
N GLU A 57 42.06 0.80 -12.59
CA GLU A 57 40.90 -0.03 -12.26
C GLU A 57 40.48 0.05 -10.78
N LEU A 58 40.81 1.15 -10.12
CA LEU A 58 40.66 1.36 -8.67
C LEU A 58 41.21 0.17 -7.86
N GLY A 59 42.14 -0.58 -8.46
CA GLY A 59 42.74 -1.76 -7.81
C GLY A 59 41.71 -2.87 -7.51
N LEU A 60 40.66 -2.98 -8.34
CA LEU A 60 39.54 -3.87 -8.03
C LEU A 60 39.53 -5.21 -8.78
N ARG A 61 40.33 -5.39 -9.84
CA ARG A 61 40.07 -6.53 -10.72
C ARG A 61 40.32 -7.89 -10.05
N LYS A 62 41.46 -8.02 -9.37
CA LYS A 62 41.78 -9.32 -8.77
C LYS A 62 40.73 -9.69 -7.72
N TYR A 63 40.31 -8.72 -6.90
CA TYR A 63 39.28 -8.97 -5.91
C TYR A 63 37.97 -9.44 -6.57
N LEU A 64 37.47 -8.69 -7.56
CA LEU A 64 36.19 -9.00 -8.15
C LEU A 64 36.24 -10.31 -8.94
N GLU A 65 37.25 -10.49 -9.79
CA GLU A 65 37.29 -11.73 -10.56
C GLU A 65 37.50 -12.95 -9.64
N GLY A 66 38.29 -12.79 -8.57
CA GLY A 66 38.45 -13.80 -7.54
C GLY A 66 37.13 -14.24 -6.90
N LEU A 67 36.09 -13.39 -6.94
CA LEU A 67 34.78 -13.76 -6.43
C LEU A 67 33.88 -14.34 -7.52
N GLY A 68 34.35 -14.37 -8.77
CA GLY A 68 33.59 -14.91 -9.89
C GLY A 68 32.76 -13.85 -10.59
N HIS A 69 32.91 -12.57 -10.20
CA HIS A 69 32.21 -11.47 -10.86
C HIS A 69 32.97 -10.98 -12.09
N THR A 70 32.29 -10.19 -12.93
CA THR A 70 32.98 -9.59 -14.07
C THR A 70 33.11 -8.08 -13.85
N LEU A 71 34.26 -7.53 -14.26
CA LEU A 71 34.51 -6.11 -14.15
C LEU A 71 34.76 -5.56 -15.54
N VAL A 72 33.92 -4.59 -15.95
CA VAL A 72 34.15 -3.88 -17.20
C VAL A 72 34.59 -2.45 -16.84
N VAL A 73 35.75 -2.02 -17.35
CA VAL A 73 36.22 -0.66 -17.08
C VAL A 73 36.26 0.07 -18.42
N THR A 74 35.80 1.33 -18.48
CA THR A 74 35.86 2.11 -19.71
C THR A 74 35.91 3.60 -19.34
N SER A 75 36.40 4.42 -20.27
CA SER A 75 36.29 5.88 -20.15
C SER A 75 35.20 6.44 -21.06
N ASP A 76 34.60 5.56 -21.86
CA ASP A 76 33.63 5.95 -22.88
C ASP A 76 32.20 5.96 -22.30
N LYS A 77 31.66 7.15 -22.00
CA LYS A 77 30.55 7.24 -21.07
C LYS A 77 29.44 8.16 -21.60
N GLU A 78 29.64 8.81 -22.77
CA GLU A 78 28.72 9.85 -23.26
C GLU A 78 27.83 9.33 -24.38
N GLY A 79 26.52 9.57 -24.27
CA GLY A 79 25.60 9.29 -25.34
C GLY A 79 25.04 7.87 -25.23
N GLU A 80 23.97 7.61 -25.99
CA GLU A 80 23.30 6.31 -25.97
C GLU A 80 24.20 5.29 -26.65
N ASP A 81 25.21 5.74 -27.39
CA ASP A 81 26.05 4.82 -28.14
C ASP A 81 27.41 4.56 -27.46
N SER A 82 27.56 4.85 -26.18
CA SER A 82 28.87 4.66 -25.52
C SER A 82 29.05 3.23 -25.00
N VAL A 83 30.29 2.87 -24.65
CA VAL A 83 30.51 1.58 -23.98
C VAL A 83 29.73 1.53 -22.67
N PHE A 84 29.67 2.65 -21.95
CA PHE A 84 28.91 2.72 -20.71
C PHE A 84 27.45 2.32 -20.94
N GLU A 85 26.80 2.99 -21.91
CA GLU A 85 25.38 2.73 -22.08
C GLU A 85 25.15 1.29 -22.55
N ARG A 86 26.10 0.76 -23.33
CA ARG A 86 25.97 -0.56 -23.93
C ARG A 86 26.00 -1.59 -22.80
N GLU A 87 26.87 -1.36 -21.79
CA GLU A 87 27.14 -2.37 -20.76
C GLU A 87 26.18 -2.22 -19.59
N LEU A 88 25.42 -1.12 -19.55
CA LEU A 88 24.64 -0.74 -18.39
C LEU A 88 23.47 -1.69 -18.09
N PRO A 89 22.67 -2.13 -19.09
CA PRO A 89 21.52 -3.00 -18.82
C PRO A 89 21.76 -4.20 -17.91
N ASP A 90 23.02 -4.64 -17.87
CA ASP A 90 23.42 -5.92 -17.28
C ASP A 90 24.06 -5.72 -15.90
N ALA A 91 24.40 -4.47 -15.57
CA ALA A 91 25.27 -4.14 -14.45
C ALA A 91 24.48 -4.15 -13.14
N GLU A 92 25.02 -4.88 -12.15
CA GLU A 92 24.47 -4.87 -10.81
C GLU A 92 24.99 -3.63 -10.06
N ILE A 93 26.21 -3.20 -10.40
CA ILE A 93 26.92 -2.14 -9.69
C ILE A 93 27.58 -1.24 -10.72
N VAL A 94 27.43 0.06 -10.50
CA VAL A 94 28.13 1.07 -11.28
C VAL A 94 29.02 1.89 -10.34
N ILE A 95 30.23 2.14 -10.78
CA ILE A 95 31.16 2.96 -10.02
C ILE A 95 31.66 4.03 -10.96
N SER A 96 31.66 5.31 -10.53
CA SER A 96 32.49 6.29 -11.25
C SER A 96 32.97 7.37 -10.28
N GLN A 97 33.91 8.21 -10.73
CA GLN A 97 34.43 9.33 -9.95
C GLN A 97 33.73 10.62 -10.38
N PRO A 98 33.64 11.65 -9.50
CA PRO A 98 33.19 13.00 -9.93
C PRO A 98 34.04 13.70 -11.00
N PHE A 99 35.30 13.26 -11.17
CA PHE A 99 36.29 13.78 -12.13
C PHE A 99 36.02 13.28 -13.56
N TRP A 100 35.25 12.19 -13.71
CA TRP A 100 34.94 11.64 -15.01
C TRP A 100 33.64 10.84 -14.85
N PRO A 101 32.51 11.53 -14.53
CA PRO A 101 31.33 10.85 -13.96
C PRO A 101 30.50 10.14 -15.01
N ALA A 102 30.00 8.95 -14.68
CA ALA A 102 29.00 8.31 -15.52
C ALA A 102 27.60 8.68 -15.04
N TYR A 103 26.94 9.59 -15.76
CA TYR A 103 25.69 10.16 -15.30
C TYR A 103 24.63 9.07 -15.22
N LEU A 104 24.00 8.97 -14.06
CA LEU A 104 22.86 8.07 -13.95
C LEU A 104 21.59 8.91 -13.98
N THR A 105 21.15 9.23 -15.19
CA THR A 105 19.94 9.99 -15.44
C THR A 105 18.75 9.05 -15.28
N PRO A 106 17.52 9.58 -15.18
CA PRO A 106 16.33 8.72 -15.10
C PRO A 106 16.18 7.74 -16.25
N GLU A 107 16.59 8.12 -17.46
CA GLU A 107 16.46 7.27 -18.63
C GLU A 107 17.48 6.13 -18.59
N ARG A 108 18.70 6.42 -18.12
CA ARG A 108 19.70 5.37 -18.00
C ARG A 108 19.30 4.41 -16.88
N ILE A 109 18.82 4.98 -15.77
CA ILE A 109 18.40 4.16 -14.65
C ILE A 109 17.23 3.25 -15.08
N ALA A 110 16.30 3.78 -15.89
CA ALA A 110 15.22 2.98 -16.47
C ALA A 110 15.80 1.80 -17.29
N LYS A 111 16.85 2.03 -18.06
CA LYS A 111 17.42 0.97 -18.88
C LYS A 111 18.26 0.01 -18.05
N ALA A 112 18.64 0.40 -16.81
CA ALA A 112 19.59 -0.36 -16.00
C ALA A 112 18.85 -1.39 -15.15
N LYS A 113 18.50 -2.52 -15.80
CA LYS A 113 17.54 -3.47 -15.26
C LYS A 113 18.06 -4.17 -14.00
N LYS A 114 19.38 -4.40 -13.92
CA LYS A 114 19.90 -5.17 -12.81
C LYS A 114 20.53 -4.28 -11.72
N LEU A 115 20.50 -2.94 -11.89
CA LEU A 115 21.32 -2.05 -11.09
C LEU A 115 20.78 -1.98 -9.67
N LYS A 116 21.63 -2.25 -8.67
CA LYS A 116 21.22 -2.17 -7.28
C LYS A 116 22.16 -1.30 -6.43
N LEU A 117 23.35 -0.95 -6.97
CA LEU A 117 24.25 -0.14 -6.14
C LEU A 117 25.04 0.80 -7.04
N ALA A 118 25.04 2.11 -6.74
CA ALA A 118 25.86 3.06 -7.48
C ALA A 118 26.86 3.65 -6.46
N VAL A 119 28.17 3.52 -6.73
CA VAL A 119 29.22 3.97 -5.82
C VAL A 119 29.91 5.16 -6.46
N THR A 120 30.07 6.26 -5.68
CA THR A 120 30.93 7.34 -6.11
C THR A 120 32.31 7.11 -5.50
N ALA A 121 33.33 6.96 -6.39
CA ALA A 121 34.72 6.85 -5.98
C ALA A 121 35.25 8.28 -5.80
N GLY A 122 35.09 8.79 -4.57
CA GLY A 122 35.24 10.20 -4.29
C GLY A 122 34.05 10.63 -3.43
N ILE A 123 33.65 11.89 -3.59
CA ILE A 123 32.63 12.46 -2.73
C ILE A 123 31.54 13.05 -3.62
N GLY A 124 30.31 12.92 -3.15
CA GLY A 124 29.17 13.57 -3.79
C GLY A 124 28.30 12.54 -4.52
N SER A 125 27.24 13.02 -5.09
CA SER A 125 26.35 12.13 -5.87
C SER A 125 25.69 12.97 -6.95
N ASP A 126 26.32 14.09 -7.29
CA ASP A 126 25.92 15.10 -8.28
C ASP A 126 25.55 14.46 -9.63
N HIS A 127 26.25 13.43 -10.06
CA HIS A 127 25.99 12.74 -11.36
C HIS A 127 24.90 11.67 -11.23
N VAL A 128 24.33 11.45 -10.06
CA VAL A 128 23.29 10.41 -9.94
C VAL A 128 21.96 11.13 -9.67
N ASP A 129 20.88 10.73 -10.35
CA ASP A 129 19.55 11.28 -10.06
C ASP A 129 18.94 10.57 -8.86
N LEU A 130 18.98 11.23 -7.71
CA LEU A 130 18.63 10.51 -6.48
C LEU A 130 17.14 10.15 -6.45
N GLU A 131 16.28 10.95 -7.09
CA GLU A 131 14.86 10.64 -7.14
C GLU A 131 14.63 9.31 -7.87
N ALA A 132 15.29 9.10 -9.02
CA ALA A 132 15.19 7.86 -9.78
C ALA A 132 15.85 6.70 -9.03
N ALA A 133 16.97 6.99 -8.34
CA ALA A 133 17.60 5.96 -7.48
C ALA A 133 16.61 5.44 -6.43
N ILE A 134 15.98 6.38 -5.70
CA ILE A 134 15.01 6.09 -4.65
C ILE A 134 13.84 5.26 -5.22
N LYS A 135 13.25 5.75 -6.30
CA LYS A 135 12.14 5.11 -6.98
C LYS A 135 12.51 3.68 -7.35
N ASN A 136 13.77 3.39 -7.68
CA ASN A 136 14.08 2.06 -8.18
C ASN A 136 14.80 1.20 -7.15
N GLY A 137 14.77 1.57 -5.87
CA GLY A 137 15.43 0.81 -4.81
C GLY A 137 16.97 0.75 -4.91
N ILE A 138 17.63 1.73 -5.55
CA ILE A 138 19.08 1.68 -5.76
C ILE A 138 19.82 2.32 -4.57
N THR A 139 20.78 1.61 -3.98
CA THR A 139 21.61 2.19 -2.94
C THR A 139 22.63 3.10 -3.61
N VAL A 140 22.81 4.32 -3.05
CA VAL A 140 23.82 5.25 -3.53
C VAL A 140 24.81 5.45 -2.39
N ALA A 141 26.10 5.19 -2.64
CA ALA A 141 27.15 5.34 -1.64
C ALA A 141 28.32 6.16 -2.21
N GLU A 142 29.07 6.83 -1.31
CA GLU A 142 30.23 7.65 -1.66
C GLU A 142 31.27 7.44 -0.56
N VAL A 143 32.55 7.73 -0.84
CA VAL A 143 33.59 7.57 0.19
C VAL A 143 33.78 8.92 0.89
N THR A 144 32.86 9.22 1.79
CA THR A 144 32.79 10.42 2.62
C THR A 144 34.19 10.81 3.13
N TYR A 145 34.50 12.11 2.99
CA TYR A 145 35.71 12.74 3.48
C TYR A 145 36.98 12.36 2.69
N SER A 146 36.90 11.45 1.70
CA SER A 146 38.11 10.93 1.07
C SER A 146 38.97 11.98 0.37
N ASN A 147 38.39 13.09 -0.15
CA ASN A 147 39.29 14.04 -0.78
C ASN A 147 39.03 15.48 -0.34
N SER A 148 38.28 15.66 0.76
CA SER A 148 37.97 17.00 1.26
C SER A 148 39.27 17.77 1.53
N ILE A 149 40.24 17.13 2.18
CA ILE A 149 41.48 17.80 2.55
C ILE A 149 42.26 18.16 1.28
N SER A 150 42.27 17.25 0.28
CA SER A 150 42.92 17.51 -1.00
C SER A 150 42.41 18.83 -1.63
N VAL A 151 41.11 19.01 -1.64
CA VAL A 151 40.49 20.18 -2.24
C VAL A 151 40.93 21.42 -1.46
N SER A 152 40.92 21.31 -0.12
CA SER A 152 41.27 22.48 0.67
C SER A 152 42.71 22.95 0.41
N GLU A 153 43.64 22.01 0.20
CA GLU A 153 45.01 22.37 -0.19
C GLU A 153 45.09 23.09 -1.53
N HIS A 154 44.37 22.55 -2.52
CA HIS A 154 44.32 23.12 -3.85
C HIS A 154 43.80 24.56 -3.76
N VAL A 155 42.78 24.78 -2.92
CA VAL A 155 42.22 26.12 -2.72
C VAL A 155 43.30 27.08 -2.20
N VAL A 156 44.00 26.69 -1.12
CA VAL A 156 44.92 27.65 -0.55
C VAL A 156 46.09 27.91 -1.52
N MET A 157 46.58 26.84 -2.19
CA MET A 157 47.56 26.99 -3.25
C MET A 157 47.10 28.04 -4.28
N MET A 158 45.85 27.95 -4.75
CA MET A 158 45.37 28.89 -5.77
C MET A 158 45.25 30.33 -5.26
N ILE A 159 44.77 30.52 -4.01
CA ILE A 159 44.73 31.83 -3.39
C ILE A 159 46.14 32.45 -3.42
N LEU A 160 47.13 31.74 -2.87
CA LEU A 160 48.48 32.30 -2.79
C LEU A 160 49.03 32.62 -4.18
N SER A 161 48.86 31.71 -5.15
CA SER A 161 49.35 31.91 -6.50
C SER A 161 48.74 33.14 -7.16
N LEU A 162 47.44 33.38 -6.95
CA LEU A 162 46.82 34.55 -7.59
C LEU A 162 47.34 35.85 -6.95
N VAL A 163 47.37 35.89 -5.61
CA VAL A 163 47.62 37.11 -4.87
C VAL A 163 49.08 37.52 -5.07
N ARG A 164 49.96 36.52 -5.11
CA ARG A 164 51.39 36.76 -5.24
C ARG A 164 51.85 36.85 -6.70
N ASN A 165 51.00 36.54 -7.68
CA ASN A 165 51.29 36.67 -9.11
C ASN A 165 52.34 35.63 -9.51
N TYR A 166 52.13 34.40 -9.05
CA TYR A 166 53.13 33.36 -9.21
C TYR A 166 53.32 32.98 -10.69
N ILE A 167 52.23 32.70 -11.38
CA ILE A 167 52.37 32.05 -12.68
C ILE A 167 53.07 32.98 -13.68
N PRO A 168 52.64 34.26 -13.84
CA PRO A 168 53.38 35.18 -14.68
C PRO A 168 54.86 35.31 -14.32
N SER A 169 55.20 35.28 -13.03
CA SER A 169 56.60 35.36 -12.57
C SER A 169 57.40 34.15 -13.07
N TYR A 170 56.83 32.94 -12.93
CA TYR A 170 57.45 31.72 -13.41
C TYR A 170 57.66 31.82 -14.92
N GLN A 171 56.69 32.42 -15.63
CA GLN A 171 56.75 32.52 -17.09
C GLN A 171 57.94 33.38 -17.52
N TRP A 172 58.27 34.42 -16.74
CA TRP A 172 59.42 35.25 -17.05
C TRP A 172 60.70 34.41 -17.00
N VAL A 173 60.75 33.44 -16.09
CA VAL A 173 61.94 32.60 -15.96
C VAL A 173 62.13 31.78 -17.25
N ILE A 174 61.03 31.15 -17.68
CA ILE A 174 61.06 30.27 -18.84
C ILE A 174 61.34 31.10 -20.09
N LYS A 175 60.81 32.33 -20.19
CA LYS A 175 61.03 33.15 -21.37
C LYS A 175 62.46 33.71 -21.45
N GLY A 176 63.30 33.50 -20.43
CA GLY A 176 64.65 34.04 -20.46
C GLY A 176 64.75 35.42 -19.83
N GLY A 177 63.71 35.83 -19.09
CA GLY A 177 63.63 37.19 -18.58
C GLY A 177 63.86 37.19 -17.07
N TRP A 178 63.77 38.39 -16.51
CA TRP A 178 64.08 38.61 -15.11
C TRP A 178 62.99 39.54 -14.56
N ASN A 179 62.95 40.79 -15.03
CA ASN A 179 61.72 41.58 -15.10
C ASN A 179 61.05 41.70 -13.73
N ILE A 180 61.82 42.07 -12.70
CA ILE A 180 61.32 42.14 -11.34
C ILE A 180 60.07 43.01 -11.31
N ALA A 181 60.14 44.22 -11.87
CA ALA A 181 58.99 45.11 -11.78
C ALA A 181 57.76 44.55 -12.49
N ASP A 182 57.94 43.88 -13.63
CA ASP A 182 56.83 43.24 -14.32
C ASP A 182 56.19 42.17 -13.41
N CYS A 183 57.02 41.40 -12.69
CA CYS A 183 56.47 40.38 -11.83
C CYS A 183 55.67 41.03 -10.70
N VAL A 184 56.22 42.09 -10.09
CA VAL A 184 55.70 42.54 -8.80
C VAL A 184 54.71 43.67 -8.93
N GLU A 185 54.45 44.20 -10.15
CA GLU A 185 53.44 45.26 -10.19
C GLU A 185 52.03 44.69 -9.98
N ARG A 186 51.90 43.35 -9.94
CA ARG A 186 50.63 42.76 -9.48
C ARG A 186 50.85 41.76 -8.33
N SER A 187 51.94 41.91 -7.57
CA SER A 187 52.25 40.90 -6.54
C SER A 187 51.91 41.47 -5.17
N TYR A 188 51.03 40.79 -4.42
CA TYR A 188 50.70 41.21 -3.05
C TYR A 188 50.98 40.09 -2.05
N ASP A 189 51.15 40.44 -0.77
CA ASP A 189 51.13 39.42 0.26
C ASP A 189 49.67 39.13 0.62
N LEU A 190 49.41 37.93 1.15
CA LEU A 190 48.10 37.54 1.63
C LEU A 190 47.81 38.15 3.01
N GLU A 191 48.85 38.34 3.78
CA GLU A 191 48.79 38.69 5.20
C GLU A 191 47.82 39.83 5.44
N ALA A 192 46.88 39.64 6.38
CA ALA A 192 45.95 40.66 6.84
C ALA A 192 44.86 41.02 5.81
N MET A 193 44.83 40.36 4.65
CA MET A 193 43.69 40.46 3.76
C MET A 193 42.48 39.81 4.43
N HIS A 194 41.29 40.17 3.96
CA HIS A 194 40.04 39.59 4.44
C HIS A 194 39.66 38.48 3.47
N VAL A 195 39.50 37.27 4.02
CA VAL A 195 39.21 36.11 3.19
C VAL A 195 37.89 35.52 3.67
N GLY A 196 36.97 35.26 2.74
CA GLY A 196 35.71 34.66 3.12
C GLY A 196 35.40 33.39 2.31
N THR A 197 34.66 32.46 2.94
CA THR A 197 34.23 31.23 2.29
C THR A 197 32.71 31.21 2.18
N VAL A 198 32.21 30.75 1.03
CA VAL A 198 30.79 30.43 0.88
C VAL A 198 30.64 28.97 1.27
N ALA A 199 29.95 28.73 2.40
CA ALA A 199 29.74 27.44 3.05
C ALA A 199 30.94 27.07 3.91
N ALA A 200 30.69 26.54 5.11
CA ALA A 200 31.78 26.05 5.94
C ALA A 200 31.53 24.61 6.34
N GLY A 201 31.42 23.73 5.34
CA GLY A 201 31.43 22.28 5.53
C GLY A 201 32.84 21.72 5.75
N ARG A 202 33.03 20.43 5.35
CA ARG A 202 34.32 19.79 5.52
C ARG A 202 35.43 20.56 4.79
N ILE A 203 35.20 20.93 3.53
CA ILE A 203 36.22 21.65 2.77
C ILE A 203 36.36 23.10 3.28
N GLY A 204 35.24 23.83 3.40
CA GLY A 204 35.31 25.19 3.89
C GLY A 204 36.05 25.34 5.23
N LEU A 205 35.79 24.45 6.19
N LEU A 205 35.76 24.46 6.20
CA LEU A 205 36.46 24.50 7.48
CA LEU A 205 36.45 24.45 7.49
C LEU A 205 37.95 24.11 7.40
C LEU A 205 37.95 24.18 7.33
N ALA A 206 38.30 23.19 6.51
CA ALA A 206 39.70 22.85 6.29
C ALA A 206 40.47 24.01 5.65
N VAL A 207 39.79 24.75 4.76
CA VAL A 207 40.36 25.96 4.15
C VAL A 207 40.59 27.02 5.22
N LEU A 208 39.57 27.30 6.05
CA LEU A 208 39.71 28.34 7.06
C LEU A 208 40.83 27.99 8.03
N LYS A 209 40.96 26.71 8.44
CA LYS A 209 42.06 26.31 9.33
C LYS A 209 43.44 26.57 8.72
N ARG A 210 43.60 26.30 7.41
CA ARG A 210 44.86 26.48 6.70
C ARG A 210 45.16 27.97 6.50
N LEU A 211 44.10 28.80 6.38
CA LEU A 211 44.33 30.21 6.15
C LEU A 211 44.68 30.92 7.46
N LYS A 212 44.19 30.41 8.59
CA LYS A 212 44.34 31.15 9.84
C LYS A 212 45.78 31.61 10.13
N PRO A 213 46.85 30.79 10.09
CA PRO A 213 48.19 31.29 10.44
C PRO A 213 48.81 32.22 9.38
N PHE A 214 48.12 32.49 8.25
CA PHE A 214 48.64 33.55 7.40
C PHE A 214 48.17 34.91 7.92
N ASP A 215 47.42 34.92 9.04
CA ASP A 215 47.00 36.15 9.73
C ASP A 215 46.04 36.96 8.86
N VAL A 216 45.19 36.27 8.10
CA VAL A 216 44.14 36.98 7.38
C VAL A 216 42.97 37.13 8.35
N LYS A 217 42.00 37.98 8.00
CA LYS A 217 40.80 38.05 8.82
C LYS A 217 39.75 37.19 8.12
N LEU A 218 39.14 36.25 8.85
CA LEU A 218 38.30 35.22 8.23
C LEU A 218 36.82 35.54 8.32
N HIS A 219 36.09 35.25 7.23
CA HIS A 219 34.66 35.51 7.16
C HIS A 219 34.01 34.25 6.59
N TYR A 220 32.73 34.03 6.87
CA TYR A 220 32.02 32.98 6.15
C TYR A 220 30.52 33.28 6.06
N PHE A 221 29.88 32.56 5.14
CA PHE A 221 28.44 32.47 5.09
C PHE A 221 28.11 30.98 5.07
N ASP A 222 27.08 30.55 5.79
CA ASP A 222 26.59 29.18 5.71
C ASP A 222 25.10 29.21 6.04
N GLN A 223 24.30 28.39 5.36
CA GLN A 223 22.88 28.27 5.70
C GLN A 223 22.72 27.87 7.15
N HIS A 224 23.69 27.17 7.72
CA HIS A 224 23.63 26.81 9.12
C HIS A 224 24.83 27.40 9.87
N ARG A 225 24.59 28.41 10.71
CA ARG A 225 25.67 29.12 11.41
C ARG A 225 26.44 28.11 12.26
N LEU A 226 27.78 28.18 12.25
CA LEU A 226 28.58 27.24 13.00
C LEU A 226 28.42 27.50 14.50
N PRO A 227 28.80 26.56 15.38
CA PRO A 227 28.83 26.81 16.82
C PRO A 227 29.75 27.96 17.21
N GLU A 228 29.35 28.64 18.29
CA GLU A 228 30.12 29.75 18.83
C GLU A 228 31.55 29.29 19.15
N SER A 229 31.74 28.06 19.65
CA SER A 229 33.09 27.66 20.00
C SER A 229 34.01 27.61 18.76
N VAL A 230 33.42 27.25 17.61
CA VAL A 230 34.18 27.17 16.36
C VAL A 230 34.47 28.56 15.81
N GLU A 231 33.47 29.45 15.82
CA GLU A 231 33.71 30.84 15.43
C GLU A 231 34.84 31.42 16.27
N ASN A 232 34.84 31.15 17.59
CA ASN A 232 35.80 31.80 18.43
C ASN A 232 37.19 31.23 18.15
N GLU A 233 37.26 29.91 17.96
CA GLU A 233 38.51 29.23 17.77
C GLU A 233 39.25 29.78 16.54
N LEU A 234 38.53 30.02 15.45
CA LEU A 234 39.12 30.40 14.18
C LEU A 234 38.94 31.88 13.94
N GLY A 235 38.14 32.57 14.79
CA GLY A 235 38.04 34.03 14.67
C GLY A 235 37.21 34.43 13.43
N LEU A 236 36.10 33.73 13.20
CA LEU A 236 35.26 33.85 12.01
C LEU A 236 34.21 34.94 12.25
N THR A 237 34.01 35.79 11.26
CA THR A 237 32.87 36.68 11.22
C THR A 237 31.81 36.03 10.32
N TYR A 238 30.64 35.71 10.89
CA TYR A 238 29.51 35.18 10.17
C TYR A 238 28.77 36.32 9.47
N HIS A 239 28.31 36.09 8.23
CA HIS A 239 27.48 37.06 7.53
C HIS A 239 26.14 36.41 7.23
N PRO A 240 25.00 37.13 7.28
CA PRO A 240 23.70 36.49 7.03
C PRO A 240 23.46 36.17 5.55
N SER A 241 24.30 36.70 4.67
CA SER A 241 24.15 36.37 3.24
C SER A 241 25.50 36.42 2.54
N VAL A 242 25.56 35.74 1.40
CA VAL A 242 26.69 35.93 0.50
C VAL A 242 26.96 37.40 0.13
N GLU A 243 25.93 38.16 -0.26
CA GLU A 243 26.19 39.54 -0.66
C GLU A 243 26.85 40.38 0.44
N ASP A 244 26.34 40.23 1.68
N ASP A 244 26.38 40.22 1.69
CA ASP A 244 26.87 40.94 2.83
CA ASP A 244 26.90 40.99 2.80
C ASP A 244 28.36 40.62 2.98
C ASP A 244 28.36 40.61 3.04
N MET A 245 28.68 39.32 2.89
CA MET A 245 30.06 38.86 2.99
C MET A 245 30.98 39.46 1.93
N VAL A 246 30.59 39.42 0.64
CA VAL A 246 31.59 39.66 -0.40
C VAL A 246 31.95 41.14 -0.48
N LYS A 247 31.12 41.99 0.12
CA LYS A 247 31.37 43.42 0.08
C LYS A 247 32.65 43.77 0.85
N VAL A 248 33.05 42.91 1.78
CA VAL A 248 34.21 43.25 2.59
C VAL A 248 35.38 42.28 2.33
N CYS A 249 35.26 41.30 1.42
CA CYS A 249 36.37 40.37 1.27
C CYS A 249 37.36 40.79 0.16
N ASP A 250 38.66 40.61 0.40
CA ASP A 250 39.68 40.73 -0.64
C ASP A 250 39.70 39.46 -1.48
N VAL A 251 39.39 38.32 -0.85
CA VAL A 251 39.46 37.01 -1.51
C VAL A 251 38.16 36.31 -1.16
N VAL A 252 37.56 35.62 -2.12
CA VAL A 252 36.36 34.80 -1.83
C VAL A 252 36.59 33.39 -2.39
N THR A 253 36.30 32.38 -1.59
CA THR A 253 36.43 30.98 -2.02
C THR A 253 35.03 30.32 -1.97
N ILE A 254 34.66 29.59 -3.00
CA ILE A 254 33.34 28.92 -3.03
C ILE A 254 33.48 27.44 -2.67
N ASN A 255 32.89 27.04 -1.55
CA ASN A 255 32.94 25.64 -1.08
C ASN A 255 31.50 25.16 -0.77
N ALA A 256 30.57 25.41 -1.68
CA ALA A 256 29.16 25.14 -1.45
C ALA A 256 28.62 24.17 -2.50
N PRO A 257 27.53 23.40 -2.25
CA PRO A 257 26.89 22.63 -3.34
C PRO A 257 26.13 23.54 -4.31
N LEU A 258 25.86 23.00 -5.51
CA LEU A 258 25.05 23.66 -6.51
C LEU A 258 23.59 23.29 -6.25
N HIS A 259 22.77 24.27 -5.92
CA HIS A 259 21.33 24.06 -5.78
C HIS A 259 20.70 25.35 -6.27
N PRO A 260 19.36 25.43 -6.49
CA PRO A 260 18.72 26.69 -6.89
C PRO A 260 19.25 27.98 -6.24
N GLY A 261 19.57 27.93 -4.93
CA GLY A 261 20.14 29.08 -4.25
C GLY A 261 21.53 29.48 -4.74
N THR A 262 22.28 28.57 -5.39
CA THR A 262 23.68 28.85 -5.71
C THR A 262 23.91 28.89 -7.22
N LEU A 263 22.93 28.47 -8.02
CA LEU A 263 23.07 28.53 -9.47
C LEU A 263 23.14 29.99 -9.91
N ASP A 264 24.20 30.35 -10.67
CA ASP A 264 24.48 31.70 -11.11
C ASP A 264 24.52 32.68 -9.94
N LEU A 265 24.94 32.21 -8.77
CA LEU A 265 25.12 33.10 -7.64
C LEU A 265 26.13 34.20 -8.03
N PHE A 266 27.29 33.80 -8.56
CA PHE A 266 28.25 34.84 -8.94
C PHE A 266 27.96 35.34 -10.36
N ASN A 267 27.00 36.27 -10.47
CA ASN A 267 26.59 36.81 -11.77
C ASN A 267 27.17 38.22 -11.89
N ASP A 268 26.83 38.97 -12.97
CA ASP A 268 27.34 40.34 -13.12
C ASP A 268 27.03 41.17 -11.87
N GLU A 269 25.83 41.01 -11.33
CA GLU A 269 25.45 41.92 -10.25
C GLU A 269 26.23 41.60 -8.97
N LEU A 270 26.31 40.31 -8.59
CA LEU A 270 27.00 40.00 -7.33
C LEU A 270 28.49 40.35 -7.44
N ILE A 271 29.09 40.01 -8.58
CA ILE A 271 30.49 40.35 -8.80
C ILE A 271 30.70 41.87 -8.71
N SER A 272 29.73 42.68 -9.21
CA SER A 272 29.84 44.13 -9.14
C SER A 272 29.82 44.62 -7.69
N LYS A 273 29.34 43.82 -6.73
CA LYS A 273 29.30 44.27 -5.36
C LYS A 273 30.58 43.88 -4.61
N MET A 274 31.40 43.02 -5.20
CA MET A 274 32.69 42.67 -4.62
C MET A 274 33.60 43.92 -4.65
N LYS A 275 34.69 43.89 -3.89
CA LYS A 275 35.64 45.00 -3.91
C LYS A 275 36.36 44.98 -5.27
N ARG A 276 36.71 46.15 -5.80
CA ARG A 276 37.45 46.16 -7.06
C ARG A 276 38.77 45.43 -6.85
N GLY A 277 39.12 44.49 -7.74
CA GLY A 277 40.36 43.73 -7.59
C GLY A 277 40.24 42.55 -6.61
N ALA A 278 39.01 42.07 -6.36
CA ALA A 278 38.82 40.85 -5.57
C ALA A 278 39.38 39.61 -6.28
N TYR A 279 39.80 38.60 -5.47
CA TYR A 279 40.22 37.33 -6.03
C TYR A 279 39.09 36.34 -5.75
N LEU A 280 38.76 35.50 -6.73
CA LEU A 280 37.63 34.58 -6.61
C LEU A 280 38.15 33.19 -6.93
N VAL A 281 37.98 32.25 -5.98
CA VAL A 281 38.42 30.87 -6.21
C VAL A 281 37.22 29.92 -6.10
N ASN A 282 37.15 28.92 -6.99
CA ASN A 282 35.94 28.11 -7.02
C ASN A 282 36.34 26.67 -7.34
N THR A 283 36.33 25.81 -6.31
CA THR A 283 36.60 24.40 -6.52
C THR A 283 35.29 23.64 -6.25
N ALA A 284 34.15 24.34 -6.32
CA ALA A 284 32.90 23.74 -5.91
C ALA A 284 32.18 23.17 -7.13
N ARG A 285 31.48 24.05 -7.85
CA ARG A 285 30.73 23.67 -9.09
C ARG A 285 30.84 24.83 -10.10
N GLY A 286 31.12 24.49 -11.37
CA GLY A 286 31.25 25.48 -12.44
C GLY A 286 30.11 26.51 -12.49
N LYS A 287 28.85 26.05 -12.41
CA LYS A 287 27.72 26.95 -12.68
C LYS A 287 27.38 27.87 -11.51
N ILE A 288 28.04 27.72 -10.36
CA ILE A 288 27.86 28.68 -9.28
C ILE A 288 28.39 30.05 -9.70
N CYS A 289 29.39 30.07 -10.59
CA CYS A 289 29.88 31.33 -11.17
C CYS A 289 29.41 31.40 -12.63
N ASN A 290 28.59 32.39 -12.97
CA ASN A 290 28.18 32.60 -14.35
C ASN A 290 29.41 32.76 -15.25
N ARG A 291 29.54 31.85 -16.22
CA ARG A 291 30.72 31.82 -17.08
C ARG A 291 31.12 33.20 -17.61
N ASP A 292 30.19 33.86 -18.31
CA ASP A 292 30.56 35.10 -18.97
C ASP A 292 30.75 36.23 -17.97
N ALA A 293 30.13 36.17 -16.80
CA ALA A 293 30.24 37.32 -15.89
C ALA A 293 31.65 37.31 -15.31
N VAL A 294 32.22 36.11 -15.12
CA VAL A 294 33.59 35.97 -14.67
C VAL A 294 34.54 36.56 -15.71
N VAL A 295 34.39 36.20 -17.00
CA VAL A 295 35.23 36.70 -18.09
C VAL A 295 35.18 38.23 -18.11
N ARG A 296 33.96 38.76 -18.03
CA ARG A 296 33.73 40.20 -18.16
C ARG A 296 34.39 40.94 -16.99
N ALA A 297 34.26 40.41 -15.77
CA ALA A 297 34.86 41.09 -14.62
C ALA A 297 36.38 41.03 -14.62
N LEU A 298 36.96 39.96 -15.17
CA LEU A 298 38.41 39.90 -15.27
C LEU A 298 38.89 40.89 -16.34
N GLU A 299 38.14 41.00 -17.45
CA GLU A 299 38.51 41.90 -18.52
C GLU A 299 38.46 43.36 -18.05
N SER A 300 37.48 43.69 -17.20
CA SER A 300 37.34 45.05 -16.68
C SER A 300 38.29 45.30 -15.50
N GLY A 301 38.80 44.24 -14.85
CA GLY A 301 39.57 44.49 -13.63
C GLY A 301 38.74 44.51 -12.35
N GLN A 302 37.41 44.38 -12.41
CA GLN A 302 36.61 44.17 -11.20
C GLN A 302 37.12 42.99 -10.37
N LEU A 303 37.44 41.85 -11.03
CA LEU A 303 38.18 40.78 -10.37
C LEU A 303 39.65 40.95 -10.77
N ALA A 304 40.57 40.80 -9.81
CA ALA A 304 41.99 40.85 -10.14
C ALA A 304 42.44 39.47 -10.60
N GLY A 305 41.73 38.43 -10.17
CA GLY A 305 42.07 37.09 -10.64
C GLY A 305 40.97 36.10 -10.30
N TYR A 306 40.93 34.99 -11.04
CA TYR A 306 40.01 33.89 -10.78
C TYR A 306 40.78 32.58 -10.90
N ALA A 307 40.52 31.62 -10.02
CA ALA A 307 41.08 30.29 -10.21
C ALA A 307 40.13 29.24 -9.66
N GLY A 308 40.36 28.00 -10.06
CA GLY A 308 39.54 26.90 -9.62
C GLY A 308 39.74 25.75 -10.59
N ASP A 309 39.02 24.66 -10.34
CA ASP A 309 39.28 23.45 -11.12
C ASP A 309 37.95 22.92 -11.65
N VAL A 310 36.87 23.71 -11.51
CA VAL A 310 35.56 23.22 -11.96
C VAL A 310 35.06 24.11 -13.09
N TRP A 311 34.35 23.50 -14.05
CA TRP A 311 34.06 24.12 -15.32
C TRP A 311 32.65 23.72 -15.73
N PHE A 312 32.01 24.55 -16.56
CA PHE A 312 30.80 24.06 -17.18
C PHE A 312 30.88 24.33 -18.69
N PRO A 313 30.67 23.30 -19.57
CA PRO A 313 30.58 21.90 -19.16
C PRO A 313 31.97 21.28 -18.86
N GLN A 314 31.97 19.98 -18.50
CA GLN A 314 33.17 19.19 -18.24
C GLN A 314 33.16 17.88 -19.04
N PRO A 315 34.24 17.53 -19.79
CA PRO A 315 35.42 18.39 -19.93
C PRO A 315 35.14 19.73 -20.63
N ALA A 316 35.99 20.75 -20.37
CA ALA A 316 35.78 22.05 -21.02
C ALA A 316 36.11 21.90 -22.51
N PRO A 317 35.26 22.38 -23.44
CA PRO A 317 35.68 22.47 -24.86
C PRO A 317 36.97 23.27 -25.01
N LYS A 318 37.72 22.99 -26.09
CA LYS A 318 38.92 23.74 -26.45
C LYS A 318 38.66 25.24 -26.50
N ASP A 319 37.45 25.65 -26.88
CA ASP A 319 37.18 27.07 -27.02
C ASP A 319 36.51 27.66 -25.77
N HIS A 320 36.49 26.94 -24.64
CA HIS A 320 35.87 27.44 -23.43
C HIS A 320 36.56 28.76 -23.05
N PRO A 321 35.85 29.89 -22.82
CA PRO A 321 36.52 31.17 -22.62
C PRO A 321 37.30 31.30 -21.32
N TRP A 322 37.06 30.40 -20.35
CA TRP A 322 37.88 30.45 -19.15
C TRP A 322 39.33 30.05 -19.43
N ARG A 323 39.60 29.42 -20.57
CA ARG A 323 40.96 29.02 -20.92
C ARG A 323 41.83 30.23 -21.27
N THR A 324 41.20 31.28 -21.84
CA THR A 324 41.94 32.37 -22.47
C THR A 324 41.68 33.70 -21.77
N MET A 325 40.84 33.74 -20.73
CA MET A 325 40.52 35.02 -20.11
C MET A 325 41.73 35.49 -19.29
N PRO A 326 41.90 36.80 -19.05
CA PRO A 326 43.12 37.29 -18.39
C PRO A 326 43.13 36.94 -16.91
N HIS A 327 44.34 36.69 -16.37
CA HIS A 327 44.53 36.65 -14.91
C HIS A 327 43.81 35.47 -14.27
N HIS A 328 43.83 34.29 -14.92
CA HIS A 328 43.27 33.11 -14.27
C HIS A 328 44.41 32.22 -13.80
N GLY A 329 44.16 31.37 -12.79
CA GLY A 329 45.06 30.27 -12.42
C GLY A 329 44.37 28.90 -12.47
N MET A 330 43.56 28.62 -13.52
CA MET A 330 42.73 27.41 -13.60
C MET A 330 43.59 26.14 -13.67
N THR A 331 43.06 25.03 -13.13
CA THR A 331 43.45 23.69 -13.53
C THR A 331 42.26 22.98 -14.15
N PRO A 332 42.43 21.81 -14.84
CA PRO A 332 41.31 20.92 -15.12
C PRO A 332 40.76 20.37 -13.80
N HIS A 333 39.67 19.59 -13.85
CA HIS A 333 39.03 19.10 -12.62
C HIS A 333 39.84 17.98 -11.96
N ILE A 334 40.76 18.31 -11.06
CA ILE A 334 41.75 17.33 -10.62
C ILE A 334 41.96 17.40 -9.10
N SER A 335 41.42 18.41 -8.40
CA SER A 335 41.84 18.65 -7.02
C SER A 335 41.58 17.44 -6.12
N GLY A 336 40.41 16.80 -6.29
CA GLY A 336 40.08 15.65 -5.46
C GLY A 336 40.64 14.32 -5.98
N THR A 337 41.52 14.34 -7.00
CA THR A 337 42.07 13.07 -7.50
C THR A 337 43.59 13.11 -7.52
N SER A 338 44.21 13.77 -6.51
CA SER A 338 45.64 13.59 -6.29
C SER A 338 45.90 12.10 -6.01
N LEU A 339 47.14 11.64 -6.15
CA LEU A 339 47.39 10.22 -5.87
C LEU A 339 47.04 9.86 -4.42
N SER A 340 47.24 10.81 -3.49
CA SER A 340 46.96 10.54 -2.08
C SER A 340 45.46 10.28 -1.88
N ALA A 341 44.62 11.12 -2.48
CA ALA A 341 43.16 10.95 -2.39
C ALA A 341 42.70 9.65 -3.04
N GLN A 342 43.24 9.34 -4.23
CA GLN A 342 42.92 8.08 -4.92
C GLN A 342 43.12 6.85 -4.02
N ALA A 343 44.23 6.83 -3.25
CA ALA A 343 44.48 5.71 -2.35
C ALA A 343 43.30 5.53 -1.40
N ARG A 344 42.82 6.64 -0.84
CA ARG A 344 41.67 6.58 0.07
C ARG A 344 40.38 6.18 -0.62
N TYR A 345 40.03 6.84 -1.73
CA TYR A 345 38.73 6.46 -2.26
C TYR A 345 38.72 5.08 -2.93
N ALA A 346 39.85 4.65 -3.52
CA ALA A 346 39.92 3.25 -3.99
C ALA A 346 39.72 2.26 -2.84
N ALA A 347 40.38 2.53 -1.70
CA ALA A 347 40.23 1.63 -0.54
C ALA A 347 38.79 1.68 -0.03
N GLY A 348 38.16 2.86 -0.02
CA GLY A 348 36.77 2.94 0.42
C GLY A 348 35.82 2.26 -0.58
N THR A 349 36.18 2.28 -1.87
CA THR A 349 35.32 1.65 -2.86
C THR A 349 35.29 0.15 -2.59
N ARG A 350 36.48 -0.43 -2.35
CA ARG A 350 36.58 -1.84 -2.06
C ARG A 350 35.88 -2.16 -0.74
N GLU A 351 36.06 -1.29 0.27
CA GLU A 351 35.33 -1.52 1.52
C GLU A 351 33.82 -1.64 1.30
N ILE A 352 33.26 -0.74 0.49
CA ILE A 352 31.84 -0.74 0.23
C ILE A 352 31.42 -2.03 -0.48
N LEU A 353 32.21 -2.42 -1.50
CA LEU A 353 31.91 -3.60 -2.30
C LEU A 353 31.95 -4.85 -1.42
N GLU A 354 32.99 -5.00 -0.59
CA GLU A 354 33.05 -6.10 0.36
C GLU A 354 31.80 -6.19 1.26
N CYS A 355 31.35 -5.05 1.80
CA CYS A 355 30.11 -5.06 2.58
C CYS A 355 28.92 -5.50 1.72
N TRP A 356 28.86 -5.02 0.47
CA TRP A 356 27.73 -5.31 -0.40
C TRP A 356 27.66 -6.81 -0.66
N PHE A 357 28.78 -7.38 -1.09
CA PHE A 357 28.79 -8.79 -1.44
C PHE A 357 28.63 -9.71 -0.23
N GLU A 358 29.04 -9.27 0.96
CA GLU A 358 28.90 -10.09 2.15
C GLU A 358 27.59 -9.80 2.87
N GLU A 359 26.72 -8.96 2.30
CA GLU A 359 25.47 -8.58 2.94
C GLU A 359 25.68 -8.07 4.36
N ARG A 360 26.74 -7.27 4.58
CA ARG A 360 27.01 -6.60 5.84
C ARG A 360 26.66 -5.13 5.62
N PRO A 361 26.23 -4.35 6.65
CA PRO A 361 25.81 -2.96 6.36
C PRO A 361 27.00 -2.13 5.86
N ILE A 362 26.79 -1.29 4.85
CA ILE A 362 27.75 -0.27 4.43
C ILE A 362 27.78 0.80 5.53
N ARG A 363 28.96 1.38 5.81
CA ARG A 363 29.08 2.38 6.86
C ARG A 363 28.02 3.45 6.70
N GLU A 364 27.36 3.84 7.80
CA GLU A 364 26.31 4.82 7.70
C GLU A 364 26.78 6.12 7.02
N GLU A 365 28.00 6.58 7.34
CA GLU A 365 28.45 7.85 6.79
C GLU A 365 28.70 7.78 5.27
N TYR A 366 28.76 6.56 4.68
CA TYR A 366 28.98 6.43 3.23
C TYR A 366 27.66 6.46 2.45
N LEU A 367 26.56 6.23 3.15
CA LEU A 367 25.31 5.99 2.50
C LEU A 367 24.61 7.31 2.23
N ILE A 368 24.24 7.52 0.96
CA ILE A 368 23.48 8.68 0.51
C ILE A 368 22.01 8.27 0.42
N VAL A 369 21.73 7.14 -0.27
CA VAL A 369 20.40 6.53 -0.18
C VAL A 369 20.56 5.06 0.11
N ASP A 370 19.86 4.57 1.15
CA ASP A 370 19.96 3.17 1.51
C ASP A 370 18.76 2.40 0.93
N GLY A 371 18.99 1.67 -0.17
CA GLY A 371 17.98 0.80 -0.76
C GLY A 371 17.39 -0.22 0.21
N GLY A 372 18.17 -0.66 1.21
CA GLY A 372 17.68 -1.59 2.22
C GLY A 372 16.56 -1.01 3.07
N LYS A 373 16.52 0.31 3.25
CA LYS A 373 15.41 0.93 3.94
C LYS A 373 14.19 1.08 3.04
N LEU A 374 14.34 0.90 1.71
CA LEU A 374 13.21 1.21 0.84
C LEU A 374 12.42 -0.05 0.48
N ALA A 375 11.10 0.12 0.31
CA ALA A 375 10.18 -0.92 -0.13
C ALA A 375 10.51 -1.32 -1.57
N ALA B 2 10.86 27.12 16.38
CA ALA B 2 10.42 26.26 15.24
C ALA B 2 8.99 25.84 15.54
N LYS B 3 8.30 25.53 14.43
CA LYS B 3 6.94 25.07 14.51
C LYS B 3 6.87 23.59 14.14
N ILE B 4 6.14 22.82 14.96
CA ILE B 4 5.97 21.39 14.77
C ILE B 4 4.49 21.16 14.50
N LEU B 5 4.20 20.46 13.42
CA LEU B 5 2.86 20.23 12.92
C LEU B 5 2.58 18.74 13.07
N CYS B 6 1.63 18.39 13.96
CA CYS B 6 1.40 17.02 14.32
C CYS B 6 -0.06 16.68 14.01
N VAL B 7 -0.29 15.69 13.12
CA VAL B 7 -1.60 15.20 12.76
C VAL B 7 -1.88 13.91 13.54
N LEU B 8 -3.00 13.87 14.30
CA LEU B 8 -3.40 12.71 15.08
C LEU B 8 -4.86 12.39 14.78
N TYR B 9 -5.32 11.20 15.17
CA TYR B 9 -6.73 10.87 14.98
C TYR B 9 -7.63 11.49 16.06
N ASP B 10 -8.94 11.56 15.78
CA ASP B 10 -9.89 12.16 16.71
C ASP B 10 -9.90 11.40 18.03
N ASP B 11 -10.23 12.12 19.11
CA ASP B 11 -10.52 11.50 20.40
C ASP B 11 -11.69 10.53 20.25
N PRO B 12 -11.92 9.61 21.21
CA PRO B 12 -13.13 8.75 21.16
C PRO B 12 -14.37 9.64 21.18
N ILE B 13 -15.47 9.14 20.61
CA ILE B 13 -16.69 9.93 20.54
C ILE B 13 -17.26 10.16 21.95
N THR B 14 -16.79 9.43 22.98
CA THR B 14 -17.19 9.61 24.37
C THR B 14 -16.30 10.59 25.14
N GLY B 15 -15.35 11.22 24.44
CA GLY B 15 -14.36 12.08 25.06
C GLY B 15 -13.02 11.37 25.27
N TYR B 16 -11.98 12.17 25.47
CA TYR B 16 -10.70 11.59 25.85
C TYR B 16 -10.86 10.82 27.15
N PRO B 17 -10.31 9.60 27.30
CA PRO B 17 -10.55 8.82 28.52
C PRO B 17 -10.15 9.55 29.81
N LYS B 18 -11.00 9.44 30.84
CA LYS B 18 -10.66 9.88 32.19
C LYS B 18 -9.94 8.78 32.96
N SER B 19 -10.09 7.52 32.51
CA SER B 19 -9.40 6.40 33.14
C SER B 19 -9.34 5.26 32.13
N TYR B 20 -8.62 4.19 32.49
CA TYR B 20 -8.31 3.10 31.56
C TYR B 20 -8.69 1.75 32.17
N ALA B 21 -8.72 0.68 31.38
CA ALA B 21 -9.15 -0.61 31.88
C ALA B 21 -8.11 -1.17 32.86
N ARG B 22 -6.85 -0.77 32.68
CA ARG B 22 -5.72 -1.37 33.38
C ARG B 22 -4.85 -0.22 33.88
N ALA B 23 -4.10 -0.44 34.97
CA ALA B 23 -3.32 0.61 35.62
C ALA B 23 -1.98 0.87 34.93
N ASP B 24 -1.41 -0.11 34.20
CA ASP B 24 -0.12 0.05 33.53
C ASP B 24 -0.04 -0.93 32.36
N VAL B 25 1.08 -0.91 31.63
CA VAL B 25 1.32 -1.91 30.59
C VAL B 25 2.69 -2.50 30.85
N PRO B 26 3.03 -3.70 30.35
CA PRO B 26 4.38 -4.23 30.56
C PRO B 26 5.50 -3.35 29.97
N LYS B 27 6.67 -3.43 30.61
CA LYS B 27 7.81 -2.66 30.15
C LYS B 27 8.51 -3.46 29.05
N ILE B 28 8.67 -2.90 27.86
CA ILE B 28 9.34 -3.64 26.80
C ILE B 28 10.71 -3.01 26.63
N ASP B 29 11.80 -3.76 26.80
CA ASP B 29 13.04 -3.02 26.73
C ASP B 29 13.85 -3.33 25.46
N HIS B 30 13.49 -4.39 24.72
CA HIS B 30 14.21 -4.67 23.48
C HIS B 30 13.31 -5.49 22.56
N TYR B 31 13.62 -5.58 21.27
CA TYR B 31 12.82 -6.32 20.31
C TYR B 31 13.58 -7.58 19.89
N PRO B 32 12.93 -8.60 19.27
CA PRO B 32 13.65 -9.78 18.77
C PRO B 32 14.81 -9.34 17.88
N GLY B 33 16.00 -9.86 18.19
CA GLY B 33 17.21 -9.52 17.48
C GLY B 33 18.04 -8.46 18.19
N GLY B 34 17.52 -7.84 19.28
CA GLY B 34 18.32 -7.01 20.19
C GLY B 34 18.17 -5.49 20.09
N GLN B 35 17.52 -4.95 19.03
CA GLN B 35 17.32 -3.51 18.96
C GLN B 35 16.64 -3.04 20.25
N THR B 36 17.18 -2.00 20.90
CA THR B 36 16.65 -1.51 22.16
C THR B 36 15.34 -0.75 21.89
N ALA B 37 14.43 -0.78 22.87
CA ALA B 37 13.24 0.04 22.83
C ALA B 37 13.69 1.51 22.83
N PRO B 38 12.82 2.47 22.46
CA PRO B 38 13.19 3.89 22.46
C PRO B 38 13.82 4.37 23.76
N THR B 39 14.76 5.32 23.63
CA THR B 39 15.53 5.81 24.76
C THR B 39 15.46 7.34 24.77
N PRO B 40 14.27 7.98 24.88
CA PRO B 40 14.24 9.44 25.00
C PRO B 40 14.81 9.77 26.37
N LYS B 41 15.36 10.97 26.58
CA LYS B 41 15.91 11.28 27.90
C LYS B 41 14.82 11.36 28.97
N GLN B 42 13.63 11.84 28.60
CA GLN B 42 12.48 11.86 29.49
C GLN B 42 11.23 11.63 28.66
N ILE B 43 10.12 11.28 29.33
CA ILE B 43 8.81 11.25 28.70
C ILE B 43 7.83 12.00 29.59
N ASP B 44 6.80 12.56 28.97
CA ASP B 44 5.85 13.29 29.76
C ASP B 44 4.50 12.59 29.66
N PHE B 45 4.50 11.24 29.65
CA PHE B 45 3.25 10.50 29.74
C PHE B 45 3.49 9.23 30.55
N THR B 46 2.41 8.52 30.92
CA THR B 46 2.51 7.21 31.53
C THR B 46 2.17 6.18 30.45
N PRO B 47 3.04 5.19 30.16
CA PRO B 47 2.75 4.16 29.15
C PRO B 47 1.37 3.59 29.50
N GLY B 48 0.53 3.44 28.47
CA GLY B 48 -0.82 2.99 28.72
C GLY B 48 -1.85 4.08 28.46
N GLU B 49 -1.42 5.34 28.39
CA GLU B 49 -2.34 6.44 28.10
C GLU B 49 -2.60 6.49 26.60
N LEU B 50 -3.73 7.13 26.20
CA LEU B 50 -3.98 7.29 24.77
C LEU B 50 -3.20 8.50 24.28
N LEU B 51 -2.24 8.24 23.37
CA LEU B 51 -1.26 9.25 22.96
C LEU B 51 -1.52 9.66 21.52
N GLY B 52 -2.15 8.77 20.72
CA GLY B 52 -2.18 8.97 19.29
C GLY B 52 -3.42 9.74 18.80
N SER B 53 -4.28 10.18 19.74
CA SER B 53 -5.43 11.01 19.42
C SER B 53 -5.10 12.47 19.73
N VAL B 54 -5.94 13.37 19.22
CA VAL B 54 -5.71 14.80 19.25
C VAL B 54 -5.43 15.29 20.68
N SER B 55 -6.19 14.83 21.70
CA SER B 55 -5.96 15.35 23.05
C SER B 55 -4.75 14.68 23.69
N GLY B 56 -4.32 13.53 23.17
CA GLY B 56 -3.09 12.93 23.69
C GLY B 56 -1.80 13.63 23.26
N GLU B 57 -1.73 14.11 21.99
CA GLU B 57 -0.63 14.95 21.52
C GLU B 57 0.73 14.25 21.50
N LEU B 58 0.73 12.91 21.45
CA LEU B 58 1.92 12.08 21.59
C LEU B 58 2.75 12.48 22.82
N GLY B 59 2.14 13.07 23.85
CA GLY B 59 2.89 13.53 25.03
C GLY B 59 3.99 14.57 24.73
N LEU B 60 3.80 15.41 23.69
CA LEU B 60 4.86 16.30 23.21
C LEU B 60 4.73 17.78 23.60
N ARG B 61 3.55 18.29 24.01
CA ARG B 61 3.33 19.73 24.03
C ARG B 61 4.22 20.43 25.07
N LYS B 62 4.21 19.94 26.31
CA LYS B 62 4.99 20.55 27.38
C LYS B 62 6.49 20.55 27.05
N TYR B 63 6.98 19.47 26.45
CA TYR B 63 8.36 19.44 26.00
C TYR B 63 8.65 20.52 24.95
N LEU B 64 7.84 20.58 23.88
CA LEU B 64 8.21 21.42 22.75
C LEU B 64 8.06 22.88 23.15
N GLU B 65 7.01 23.18 23.94
CA GLU B 65 6.75 24.55 24.34
C GLU B 65 7.81 25.01 25.33
N GLY B 66 8.24 24.14 26.25
CA GLY B 66 9.33 24.44 27.17
C GLY B 66 10.63 24.83 26.46
N LEU B 67 10.84 24.37 25.20
CA LEU B 67 12.01 24.81 24.43
C LEU B 67 11.67 26.08 23.63
N GLY B 68 10.45 26.60 23.77
CA GLY B 68 10.05 27.78 23.05
C GLY B 68 9.60 27.51 21.63
N HIS B 69 9.36 26.23 21.28
CA HIS B 69 8.79 25.90 19.98
C HIS B 69 7.27 26.03 20.02
N THR B 70 6.61 26.05 18.85
CA THR B 70 5.16 25.93 18.80
C THR B 70 4.71 24.56 18.26
N LEU B 71 3.61 24.06 18.82
CA LEU B 71 3.06 22.80 18.38
C LEU B 71 1.63 22.97 17.96
N VAL B 72 1.33 22.59 16.72
CA VAL B 72 -0.03 22.52 16.26
C VAL B 72 -0.41 21.05 16.12
N VAL B 73 -1.50 20.65 16.77
CA VAL B 73 -2.07 19.31 16.68
C VAL B 73 -3.45 19.41 16.05
N THR B 74 -3.78 18.51 15.12
CA THR B 74 -5.06 18.52 14.44
C THR B 74 -5.32 17.13 13.85
N SER B 75 -6.61 16.76 13.70
CA SER B 75 -7.02 15.61 12.90
C SER B 75 -7.40 16.05 11.49
N ASP B 76 -7.42 17.37 11.22
CA ASP B 76 -8.02 17.92 10.00
C ASP B 76 -6.93 18.02 8.91
N LYS B 77 -6.89 17.07 7.96
CA LYS B 77 -5.67 16.84 7.20
C LYS B 77 -5.93 16.76 5.69
N GLU B 78 -7.20 16.69 5.27
CA GLU B 78 -7.49 16.42 3.86
C GLU B 78 -7.83 17.73 3.16
N GLY B 79 -7.13 17.99 2.06
CA GLY B 79 -7.49 19.10 1.18
C GLY B 79 -6.80 20.40 1.55
N GLU B 80 -6.96 21.39 0.68
CA GLU B 80 -6.20 22.63 0.75
C GLU B 80 -6.77 23.56 1.82
N ASP B 81 -7.98 23.29 2.32
CA ASP B 81 -8.50 24.15 3.39
C ASP B 81 -8.33 23.55 4.79
N SER B 82 -7.67 22.40 4.89
CA SER B 82 -7.45 21.74 6.16
C SER B 82 -6.47 22.53 7.03
N VAL B 83 -6.62 22.45 8.34
CA VAL B 83 -5.60 22.97 9.22
C VAL B 83 -4.20 22.47 8.80
N PHE B 84 -4.05 21.16 8.50
CA PHE B 84 -2.75 20.61 8.10
C PHE B 84 -2.14 21.43 6.96
N GLU B 85 -2.88 21.60 5.85
CA GLU B 85 -2.29 22.27 4.71
C GLU B 85 -2.04 23.77 4.96
N ARG B 86 -2.91 24.40 5.74
CA ARG B 86 -2.75 25.82 6.03
C ARG B 86 -1.55 26.07 6.93
N GLU B 87 -1.20 25.12 7.81
CA GLU B 87 -0.12 25.36 8.77
C GLU B 87 1.20 24.85 8.19
N LEU B 88 1.14 24.09 7.09
CA LEU B 88 2.32 23.44 6.54
C LEU B 88 3.38 24.44 6.03
N PRO B 89 3.06 25.62 5.40
CA PRO B 89 4.09 26.45 4.78
C PRO B 89 5.19 26.90 5.75
N ASP B 90 4.89 26.80 7.04
CA ASP B 90 5.64 27.41 8.13
C ASP B 90 6.30 26.35 9.03
N ALA B 91 5.94 25.08 8.87
CA ALA B 91 6.34 24.05 9.82
C ALA B 91 7.76 23.57 9.52
N GLU B 92 8.59 23.45 10.57
CA GLU B 92 9.89 22.83 10.39
C GLU B 92 9.80 21.31 10.44
N ILE B 93 8.89 20.78 11.28
CA ILE B 93 8.75 19.35 11.47
C ILE B 93 7.29 18.95 11.26
N VAL B 94 7.09 17.80 10.59
CA VAL B 94 5.77 17.24 10.47
C VAL B 94 5.78 15.86 11.12
N ILE B 95 4.78 15.57 11.95
CA ILE B 95 4.65 14.25 12.55
C ILE B 95 3.26 13.71 12.22
N SER B 96 3.17 12.46 11.74
CA SER B 96 1.89 11.76 11.76
C SER B 96 2.08 10.26 11.85
N GLN B 97 0.97 9.55 12.15
CA GLN B 97 0.84 8.11 12.25
C GLN B 97 0.29 7.51 10.95
N PRO B 98 0.69 6.29 10.58
CA PRO B 98 0.11 5.60 9.42
C PRO B 98 -1.39 5.36 9.55
N PHE B 99 -1.90 5.33 10.79
CA PHE B 99 -3.33 5.10 11.05
C PHE B 99 -4.13 6.35 10.73
N TRP B 100 -3.49 7.52 10.62
CA TRP B 100 -4.22 8.72 10.27
C TRP B 100 -3.21 9.66 9.65
N PRO B 101 -2.76 9.33 8.42
CA PRO B 101 -1.56 9.95 7.87
C PRO B 101 -1.78 11.32 7.22
N ALA B 102 -0.84 12.24 7.49
CA ALA B 102 -0.78 13.49 6.79
C ALA B 102 0.13 13.30 5.56
N TYR B 103 -0.49 13.17 4.40
CA TYR B 103 0.24 12.79 3.19
C TYR B 103 1.17 13.92 2.80
N LEU B 104 2.46 13.60 2.62
CA LEU B 104 3.36 14.61 2.08
C LEU B 104 3.55 14.32 0.59
N THR B 105 2.67 14.90 -0.23
CA THR B 105 2.72 14.74 -1.68
C THR B 105 3.83 15.66 -2.20
N PRO B 106 4.29 15.49 -3.46
CA PRO B 106 5.21 16.46 -4.07
C PRO B 106 4.69 17.91 -4.01
N GLU B 107 3.38 18.14 -4.19
CA GLU B 107 2.90 19.52 -4.17
C GLU B 107 2.88 20.08 -2.76
N ARG B 108 2.56 19.23 -1.77
CA ARG B 108 2.61 19.71 -0.38
C ARG B 108 4.04 20.05 -0.01
N ILE B 109 4.99 19.17 -0.39
CA ILE B 109 6.39 19.34 0.00
C ILE B 109 6.90 20.63 -0.62
N ALA B 110 6.46 20.95 -1.86
CA ALA B 110 6.89 22.16 -2.53
C ALA B 110 6.39 23.40 -1.79
N LYS B 111 5.17 23.39 -1.21
CA LYS B 111 4.65 24.49 -0.42
C LYS B 111 5.25 24.56 0.99
N ALA B 112 5.84 23.44 1.45
CA ALA B 112 6.38 23.38 2.81
C ALA B 112 7.79 23.97 2.83
N LYS B 113 7.87 25.30 2.84
CA LYS B 113 9.11 26.03 2.60
C LYS B 113 10.10 25.86 3.75
N LYS B 114 9.64 25.50 4.97
CA LYS B 114 10.55 25.40 6.12
C LYS B 114 10.81 23.96 6.56
N LEU B 115 10.24 22.99 5.85
CA LEU B 115 10.17 21.64 6.36
C LEU B 115 11.53 20.97 6.27
N LYS B 116 11.99 20.37 7.37
CA LYS B 116 13.30 19.73 7.36
C LYS B 116 13.20 18.28 7.83
N LEU B 117 12.12 17.93 8.54
CA LEU B 117 12.04 16.64 9.21
C LEU B 117 10.61 16.16 9.17
N ALA B 118 10.40 14.97 8.64
CA ALA B 118 9.11 14.28 8.66
C ALA B 118 9.28 13.00 9.47
N VAL B 119 8.55 12.91 10.59
CA VAL B 119 8.59 11.76 11.47
C VAL B 119 7.30 10.95 11.31
N THR B 120 7.45 9.63 11.13
CA THR B 120 6.35 8.68 11.24
C THR B 120 6.28 8.16 12.66
N ALA B 121 5.19 8.50 13.36
CA ALA B 121 4.91 7.97 14.70
C ALA B 121 4.33 6.56 14.54
N GLY B 122 5.25 5.58 14.41
CA GLY B 122 4.90 4.23 13.96
C GLY B 122 5.92 3.81 12.93
N ILE B 123 5.67 2.65 12.31
N ILE B 123 5.63 2.73 12.20
CA ILE B 123 6.59 2.10 11.26
CA ILE B 123 6.55 2.21 11.15
C ILE B 123 5.92 2.25 9.89
C ILE B 123 5.82 2.23 9.80
N GLY B 124 6.68 2.73 8.90
N GLY B 124 6.51 2.68 8.75
CA GLY B 124 6.16 2.89 7.52
CA GLY B 124 5.91 2.76 7.40
C GLY B 124 5.97 4.35 7.17
C GLY B 124 5.74 4.20 6.94
N SER B 125 6.54 4.78 6.04
N SER B 125 6.62 4.65 6.04
CA SER B 125 6.42 6.19 5.58
CA SER B 125 6.57 6.04 5.51
C SER B 125 5.78 6.22 4.18
C SER B 125 5.95 6.04 4.10
N ASP B 126 4.88 5.26 3.94
CA ASP B 126 4.18 5.16 2.62
C ASP B 126 3.45 6.46 2.28
N HIS B 127 3.15 7.29 3.27
CA HIS B 127 2.41 8.53 3.09
C HIS B 127 3.34 9.71 2.74
N VAL B 128 4.66 9.46 2.67
CA VAL B 128 5.63 10.50 2.29
C VAL B 128 6.20 10.13 0.91
N ASP B 129 6.19 11.10 -0.01
CA ASP B 129 6.84 10.96 -1.30
C ASP B 129 8.35 11.14 -1.12
N LEU B 130 9.08 10.01 -1.12
CA LEU B 130 10.49 9.98 -0.78
C LEU B 130 11.33 10.69 -1.85
N GLU B 131 10.88 10.63 -3.11
CA GLU B 131 11.55 11.38 -4.16
C GLU B 131 11.53 12.88 -3.92
N ALA B 132 10.36 13.44 -3.64
CA ALA B 132 10.28 14.87 -3.30
C ALA B 132 11.04 15.19 -2.00
N ALA B 133 11.01 14.25 -1.04
CA ALA B 133 11.73 14.45 0.22
C ALA B 133 13.22 14.62 -0.05
N ILE B 134 13.83 13.68 -0.80
CA ILE B 134 15.25 13.74 -1.16
C ILE B 134 15.56 14.99 -1.98
N LYS B 135 14.70 15.34 -2.94
CA LYS B 135 14.92 16.54 -3.74
C LYS B 135 15.07 17.77 -2.84
N ASN B 136 14.33 17.83 -1.73
CA ASN B 136 14.29 19.04 -0.94
C ASN B 136 15.13 18.91 0.33
N GLY B 137 15.93 17.85 0.44
CA GLY B 137 16.80 17.70 1.60
C GLY B 137 16.04 17.52 2.92
N ILE B 138 14.88 16.84 2.88
CA ILE B 138 14.11 16.55 4.08
C ILE B 138 14.56 15.20 4.67
N THR B 139 14.83 15.17 5.99
CA THR B 139 15.07 13.92 6.71
C THR B 139 13.74 13.21 6.95
N VAL B 140 13.65 11.91 6.63
CA VAL B 140 12.47 11.12 6.95
C VAL B 140 12.88 10.03 7.94
N ALA B 141 12.18 9.98 9.08
CA ALA B 141 12.48 9.04 10.16
C ALA B 141 11.20 8.31 10.59
N GLU B 142 11.34 7.06 11.06
CA GLU B 142 10.22 6.29 11.62
C GLU B 142 10.71 5.57 12.89
N VAL B 143 9.78 5.16 13.79
CA VAL B 143 10.17 4.46 14.99
C VAL B 143 10.17 2.95 14.71
N THR B 144 11.23 2.50 14.04
CA THR B 144 11.49 1.13 13.63
C THR B 144 11.19 0.13 14.74
N TYR B 145 10.39 -0.90 14.38
CA TYR B 145 10.06 -2.05 15.22
C TYR B 145 9.00 -1.73 16.27
N SER B 146 8.54 -0.47 16.37
CA SER B 146 7.73 -0.03 17.51
C SER B 146 6.40 -0.78 17.57
N ASN B 147 5.87 -1.20 16.42
CA ASN B 147 4.57 -1.88 16.47
C ASN B 147 4.57 -3.18 15.66
N SER B 148 5.74 -3.68 15.27
CA SER B 148 5.80 -4.94 14.55
C SER B 148 5.10 -6.09 15.29
N ILE B 149 5.36 -6.21 16.59
CA ILE B 149 4.86 -7.33 17.37
C ILE B 149 3.34 -7.22 17.51
N SER B 150 2.85 -5.98 17.74
CA SER B 150 1.43 -5.67 17.78
C SER B 150 0.73 -6.22 16.54
N VAL B 151 1.26 -5.92 15.35
CA VAL B 151 0.62 -6.41 14.14
C VAL B 151 0.64 -7.96 14.13
N SER B 152 1.77 -8.58 14.49
CA SER B 152 1.87 -10.03 14.43
C SER B 152 0.77 -10.67 15.31
N GLU B 153 0.43 -10.04 16.44
CA GLU B 153 -0.60 -10.59 17.30
C GLU B 153 -1.97 -10.49 16.63
N HIS B 154 -2.26 -9.30 16.08
CA HIS B 154 -3.49 -9.05 15.33
C HIS B 154 -3.70 -10.13 14.24
N VAL B 155 -2.61 -10.44 13.53
CA VAL B 155 -2.67 -11.43 12.46
C VAL B 155 -3.13 -12.76 13.05
N VAL B 156 -2.44 -13.26 14.09
CA VAL B 156 -2.77 -14.60 14.55
C VAL B 156 -4.20 -14.64 15.11
N MET B 157 -4.57 -13.57 15.84
CA MET B 157 -5.93 -13.43 16.32
C MET B 157 -6.91 -13.59 15.15
N MET B 158 -6.63 -12.90 14.04
CA MET B 158 -7.57 -12.94 12.93
C MET B 158 -7.58 -14.32 12.27
N ILE B 159 -6.41 -14.94 12.10
CA ILE B 159 -6.39 -16.30 11.53
C ILE B 159 -7.30 -17.21 12.35
N LEU B 160 -7.14 -17.20 13.68
CA LEU B 160 -7.89 -18.13 14.51
C LEU B 160 -9.37 -17.82 14.44
N SER B 161 -9.74 -16.52 14.51
CA SER B 161 -11.15 -16.11 14.41
C SER B 161 -11.83 -16.57 13.11
N LEU B 162 -11.16 -16.36 11.97
CA LEU B 162 -11.70 -16.82 10.71
C LEU B 162 -11.89 -18.35 10.69
N VAL B 163 -10.83 -19.11 10.98
CA VAL B 163 -10.86 -20.56 10.85
C VAL B 163 -11.90 -21.17 11.81
N ARG B 164 -11.98 -20.66 13.05
CA ARG B 164 -12.86 -21.26 14.02
C ARG B 164 -14.27 -20.67 13.95
N ASN B 165 -14.52 -19.67 13.09
CA ASN B 165 -15.86 -19.09 12.97
C ASN B 165 -16.30 -18.35 14.26
N TYR B 166 -15.39 -17.60 14.86
CA TYR B 166 -15.65 -16.96 16.15
C TYR B 166 -16.77 -15.92 16.07
N ILE B 167 -16.68 -15.00 15.10
CA ILE B 167 -17.58 -13.84 15.17
C ILE B 167 -19.05 -14.24 15.00
N PRO B 168 -19.44 -15.07 14.01
CA PRO B 168 -20.83 -15.52 13.90
C PRO B 168 -21.30 -16.25 15.15
N SER B 169 -20.39 -17.01 15.81
CA SER B 169 -20.71 -17.71 17.04
C SER B 169 -21.08 -16.74 18.16
N TYR B 170 -20.27 -15.70 18.32
CA TYR B 170 -20.54 -14.65 19.30
C TYR B 170 -21.89 -14.00 18.96
N GLN B 171 -22.18 -13.80 17.67
CA GLN B 171 -23.41 -13.13 17.27
C GLN B 171 -24.65 -13.92 17.69
N TRP B 172 -24.55 -15.27 17.65
CA TRP B 172 -25.64 -16.10 18.13
C TRP B 172 -25.88 -15.86 19.62
N VAL B 173 -24.81 -15.63 20.37
CA VAL B 173 -24.94 -15.37 21.80
C VAL B 173 -25.77 -14.10 22.03
N ILE B 174 -25.39 -13.00 21.34
CA ILE B 174 -26.04 -11.69 21.48
C ILE B 174 -27.47 -11.77 21.00
N LYS B 175 -27.71 -12.48 19.89
CA LYS B 175 -29.04 -12.59 19.31
C LYS B 175 -29.98 -13.42 20.19
N GLY B 176 -29.45 -14.04 21.26
CA GLY B 176 -30.28 -14.83 22.17
C GLY B 176 -30.36 -16.31 21.79
N GLY B 177 -29.58 -16.74 20.80
CA GLY B 177 -29.59 -18.11 20.29
C GLY B 177 -28.50 -18.99 20.92
N TRP B 178 -28.43 -20.23 20.43
CA TRP B 178 -27.46 -21.19 20.89
C TRP B 178 -26.90 -21.91 19.67
N ASN B 179 -27.74 -22.66 18.94
CA ASN B 179 -27.54 -22.89 17.52
C ASN B 179 -26.17 -23.53 17.26
N ILE B 180 -25.82 -24.60 18.00
CA ILE B 180 -24.51 -25.24 17.88
C ILE B 180 -24.17 -25.53 16.41
N ALA B 181 -25.08 -26.19 15.67
CA ALA B 181 -24.72 -26.62 14.32
C ALA B 181 -24.53 -25.42 13.39
N ASP B 182 -25.22 -24.32 13.65
CA ASP B 182 -25.07 -23.12 12.84
C ASP B 182 -23.67 -22.53 13.03
N CYS B 183 -23.17 -22.59 14.27
CA CYS B 183 -21.82 -22.13 14.56
C CYS B 183 -20.74 -23.01 13.90
N VAL B 184 -20.92 -24.34 13.95
CA VAL B 184 -19.77 -25.21 13.68
C VAL B 184 -19.80 -25.75 12.25
N GLU B 185 -20.84 -25.40 11.48
CA GLU B 185 -20.85 -25.83 10.09
C GLU B 185 -19.76 -25.15 9.26
N ARG B 186 -19.13 -24.08 9.78
CA ARG B 186 -17.96 -23.45 9.19
C ARG B 186 -16.78 -23.34 10.16
N SER B 187 -16.77 -24.11 11.27
CA SER B 187 -15.74 -24.00 12.31
C SER B 187 -14.72 -25.13 12.13
N TYR B 188 -13.44 -24.79 11.97
CA TYR B 188 -12.35 -25.75 11.80
C TYR B 188 -11.32 -25.54 12.91
N ASP B 189 -10.48 -26.55 13.16
CA ASP B 189 -9.27 -26.32 13.95
C ASP B 189 -8.18 -25.77 13.01
N LEU B 190 -7.25 -25.02 13.56
CA LEU B 190 -6.10 -24.51 12.78
C LEU B 190 -5.02 -25.60 12.65
N GLU B 191 -4.92 -26.44 13.67
CA GLU B 191 -3.91 -27.51 13.78
C GLU B 191 -3.70 -28.25 12.46
N ALA B 192 -2.44 -28.38 12.06
CA ALA B 192 -2.00 -29.12 10.87
C ALA B 192 -2.45 -28.51 9.54
N MET B 193 -3.01 -27.29 9.55
CA MET B 193 -3.22 -26.59 8.29
C MET B 193 -1.85 -26.07 7.76
N HIS B 194 -1.75 -25.84 6.45
CA HIS B 194 -0.62 -25.17 5.83
C HIS B 194 -0.85 -23.65 5.88
N VAL B 195 0.10 -22.92 6.47
CA VAL B 195 -0.05 -21.47 6.61
C VAL B 195 1.21 -20.83 6.04
N GLY B 196 1.04 -19.86 5.12
CA GLY B 196 2.16 -19.16 4.52
C GLY B 196 2.06 -17.65 4.72
N THR B 197 3.22 -17.00 4.85
CA THR B 197 3.33 -15.55 4.90
C THR B 197 4.02 -15.03 3.63
N VAL B 198 3.48 -13.96 3.06
CA VAL B 198 4.17 -13.18 2.05
C VAL B 198 5.06 -12.19 2.79
N ALA B 199 6.37 -12.50 2.82
CA ALA B 199 7.47 -11.74 3.42
C ALA B 199 7.69 -12.21 4.84
N ALA B 200 8.96 -12.30 5.23
CA ALA B 200 9.36 -12.82 6.52
C ALA B 200 10.34 -11.83 7.15
N GLY B 201 9.99 -10.54 7.09
CA GLY B 201 10.74 -9.53 7.82
C GLY B 201 10.27 -9.52 9.28
N ARG B 202 10.30 -8.34 9.90
CA ARG B 202 9.98 -8.23 11.32
C ARG B 202 8.60 -8.79 11.67
N ILE B 203 7.55 -8.41 10.93
CA ILE B 203 6.19 -8.88 11.23
C ILE B 203 6.06 -10.35 10.84
N GLY B 204 6.43 -10.66 9.60
CA GLY B 204 6.33 -12.02 9.06
C GLY B 204 6.99 -13.06 9.96
N LEU B 205 8.19 -12.76 10.43
CA LEU B 205 8.87 -13.74 11.27
C LEU B 205 8.18 -13.86 12.63
N ALA B 206 7.65 -12.73 13.14
CA ALA B 206 6.99 -12.77 14.43
C ALA B 206 5.71 -13.62 14.32
N VAL B 207 5.05 -13.55 13.16
CA VAL B 207 3.85 -14.32 12.90
C VAL B 207 4.20 -15.82 12.89
N LEU B 208 5.22 -16.18 12.10
CA LEU B 208 5.66 -17.56 12.00
C LEU B 208 5.98 -18.15 13.38
N LYS B 209 6.69 -17.40 14.22
CA LYS B 209 7.04 -17.94 15.53
C LYS B 209 5.79 -18.23 16.36
N ARG B 210 4.82 -17.32 16.33
CA ARG B 210 3.60 -17.45 17.11
C ARG B 210 2.73 -18.57 16.53
N LEU B 211 2.86 -18.87 15.22
CA LEU B 211 2.06 -19.94 14.64
C LEU B 211 2.63 -21.32 14.96
N LYS B 212 3.95 -21.39 15.11
CA LYS B 212 4.64 -22.67 15.18
C LYS B 212 3.97 -23.66 16.14
N PRO B 213 3.71 -23.31 17.43
CA PRO B 213 3.16 -24.27 18.39
C PRO B 213 1.71 -24.68 18.23
N PHE B 214 1.00 -24.05 17.28
CA PHE B 214 -0.30 -24.51 16.81
C PHE B 214 -0.16 -25.76 15.95
N ASP B 215 1.10 -26.15 15.64
CA ASP B 215 1.42 -27.33 14.84
C ASP B 215 0.85 -27.19 13.42
N VAL B 216 0.91 -25.97 12.88
CA VAL B 216 0.63 -25.81 11.46
C VAL B 216 1.90 -26.15 10.67
N LYS B 217 1.74 -26.40 9.36
CA LYS B 217 2.88 -26.50 8.46
C LYS B 217 3.17 -25.13 7.90
N LEU B 218 4.41 -24.66 8.08
CA LEU B 218 4.74 -23.27 7.80
C LEU B 218 5.42 -23.09 6.45
N HIS B 219 5.00 -22.04 5.71
CA HIS B 219 5.53 -21.72 4.39
C HIS B 219 5.83 -20.21 4.30
N TYR B 220 6.74 -19.81 3.40
CA TYR B 220 6.97 -18.38 3.27
C TYR B 220 7.55 -18.12 1.88
N PHE B 221 7.28 -16.91 1.37
CA PHE B 221 8.03 -16.31 0.27
C PHE B 221 8.71 -15.06 0.79
N ASP B 222 9.96 -14.80 0.39
CA ASP B 222 10.60 -13.51 0.67
C ASP B 222 11.62 -13.30 -0.44
N GLN B 223 11.70 -12.06 -0.96
CA GLN B 223 12.72 -11.76 -1.96
C GLN B 223 14.11 -12.07 -1.43
N HIS B 224 14.29 -12.00 -0.11
CA HIS B 224 15.56 -12.43 0.44
C HIS B 224 15.33 -13.65 1.33
N ARG B 225 15.89 -14.79 0.92
CA ARG B 225 15.68 -16.06 1.60
C ARG B 225 16.28 -16.02 3.00
N LEU B 226 15.57 -16.57 4.00
CA LEU B 226 16.10 -16.62 5.37
C LEU B 226 17.28 -17.57 5.44
N PRO B 227 18.15 -17.45 6.48
CA PRO B 227 19.19 -18.44 6.72
C PRO B 227 18.58 -19.82 6.98
N GLU B 228 19.24 -20.84 6.41
CA GLU B 228 18.93 -22.24 6.66
C GLU B 228 18.77 -22.56 8.16
N SER B 229 19.58 -21.98 9.02
CA SER B 229 19.37 -22.25 10.43
C SER B 229 18.01 -21.73 10.91
N VAL B 230 17.57 -20.57 10.39
CA VAL B 230 16.27 -20.06 10.81
C VAL B 230 15.19 -20.97 10.21
N GLU B 231 15.38 -21.40 8.96
CA GLU B 231 14.38 -22.21 8.29
C GLU B 231 14.16 -23.53 9.04
N ASN B 232 15.27 -24.15 9.49
CA ASN B 232 15.29 -25.42 10.21
C ASN B 232 14.71 -25.28 11.62
N GLU B 233 15.09 -24.22 12.33
CA GLU B 233 14.52 -23.92 13.62
C GLU B 233 12.98 -23.80 13.58
N LEU B 234 12.42 -23.12 12.57
CA LEU B 234 10.98 -22.92 12.61
C LEU B 234 10.24 -23.98 11.80
N GLY B 235 10.99 -24.77 11.01
CA GLY B 235 10.39 -25.76 10.12
C GLY B 235 9.69 -25.12 8.91
N LEU B 236 10.30 -24.09 8.30
CA LEU B 236 9.72 -23.36 7.18
C LEU B 236 10.05 -24.03 5.86
N THR B 237 9.10 -24.00 4.92
CA THR B 237 9.34 -24.34 3.54
C THR B 237 9.36 -23.01 2.78
N TYR B 238 10.49 -22.76 2.13
CA TYR B 238 10.66 -21.58 1.30
C TYR B 238 10.02 -21.85 -0.04
N HIS B 239 9.34 -20.85 -0.60
CA HIS B 239 8.88 -20.92 -1.97
C HIS B 239 9.52 -19.81 -2.78
N PRO B 240 9.88 -20.03 -4.07
CA PRO B 240 10.51 -18.98 -4.89
C PRO B 240 9.56 -17.94 -5.47
N SER B 241 8.23 -18.14 -5.37
CA SER B 241 7.33 -17.06 -5.74
C SER B 241 6.09 -17.11 -4.85
N VAL B 242 5.36 -15.98 -4.78
CA VAL B 242 4.06 -15.93 -4.11
C VAL B 242 3.10 -16.94 -4.73
N GLU B 243 3.05 -17.01 -6.07
CA GLU B 243 2.13 -17.91 -6.71
C GLU B 243 2.41 -19.36 -6.28
N ASP B 244 3.69 -19.75 -6.24
CA ASP B 244 4.06 -21.09 -5.81
C ASP B 244 3.55 -21.40 -4.38
N MET B 245 3.73 -20.46 -3.44
CA MET B 245 3.31 -20.68 -2.05
C MET B 245 1.78 -20.74 -1.90
N VAL B 246 1.01 -19.85 -2.57
CA VAL B 246 -0.41 -19.78 -2.26
C VAL B 246 -1.15 -21.02 -2.76
N LYS B 247 -0.54 -21.75 -3.74
CA LYS B 247 -1.20 -22.93 -4.26
C LYS B 247 -1.30 -24.04 -3.21
N VAL B 248 -0.47 -24.00 -2.17
CA VAL B 248 -0.46 -25.11 -1.21
C VAL B 248 -0.97 -24.68 0.17
N CYS B 249 -1.27 -23.38 0.35
CA CYS B 249 -1.63 -22.90 1.68
C CYS B 249 -3.13 -22.96 1.94
N ASP B 250 -3.49 -23.39 3.16
CA ASP B 250 -4.85 -23.24 3.66
C ASP B 250 -5.12 -21.80 4.13
N VAL B 251 -4.07 -21.13 4.63
CA VAL B 251 -4.16 -19.76 5.13
C VAL B 251 -2.94 -19.01 4.58
N VAL B 252 -3.21 -17.80 4.13
CA VAL B 252 -2.19 -16.86 3.61
C VAL B 252 -2.29 -15.53 4.37
N THR B 253 -1.15 -15.07 4.85
CA THR B 253 -1.03 -13.78 5.55
C THR B 253 -0.05 -12.89 4.78
N ILE B 254 -0.47 -11.69 4.47
CA ILE B 254 0.37 -10.73 3.72
C ILE B 254 1.09 -9.81 4.72
N ASN B 255 2.41 -9.86 4.75
CA ASN B 255 3.16 -9.01 5.67
C ASN B 255 4.27 -8.29 4.90
N ALA B 256 3.98 -7.92 3.65
CA ALA B 256 5.00 -7.30 2.81
C ALA B 256 4.69 -5.82 2.60
N PRO B 257 5.71 -4.99 2.27
CA PRO B 257 5.46 -3.58 1.95
C PRO B 257 4.84 -3.44 0.55
N LEU B 258 4.14 -2.33 0.32
CA LEU B 258 3.59 -2.00 -0.99
C LEU B 258 4.68 -1.33 -1.82
N HIS B 259 4.83 -1.82 -3.06
CA HIS B 259 5.76 -1.39 -4.08
C HIS B 259 5.26 -2.05 -5.38
N PRO B 260 5.84 -1.77 -6.58
CA PRO B 260 5.25 -2.19 -7.85
C PRO B 260 4.95 -3.68 -7.92
N GLY B 261 5.82 -4.47 -7.27
CA GLY B 261 5.71 -5.92 -7.27
C GLY B 261 4.60 -6.45 -6.35
N THR B 262 4.11 -5.65 -5.41
CA THR B 262 3.02 -6.12 -4.58
C THR B 262 1.70 -5.40 -4.86
N LEU B 263 1.73 -4.31 -5.63
CA LEU B 263 0.53 -3.55 -5.95
C LEU B 263 -0.40 -4.44 -6.76
N ASP B 264 -1.61 -4.70 -6.25
CA ASP B 264 -2.58 -5.51 -6.99
C ASP B 264 -2.07 -6.94 -7.16
N LEU B 265 -1.26 -7.45 -6.21
CA LEU B 265 -0.72 -8.79 -6.32
C LEU B 265 -1.84 -9.82 -6.23
N PHE B 266 -2.73 -9.66 -5.24
CA PHE B 266 -3.86 -10.58 -5.05
C PHE B 266 -5.03 -10.11 -5.89
N ASN B 267 -4.91 -10.41 -7.19
CA ASN B 267 -5.95 -10.07 -8.16
C ASN B 267 -6.77 -11.32 -8.43
N ASP B 268 -7.73 -11.22 -9.37
CA ASP B 268 -8.59 -12.34 -9.71
C ASP B 268 -7.77 -13.56 -10.11
N GLU B 269 -6.67 -13.33 -10.85
CA GLU B 269 -5.87 -14.42 -11.37
C GLU B 269 -5.12 -15.13 -10.25
N LEU B 270 -4.41 -14.39 -9.39
CA LEU B 270 -3.70 -15.03 -8.28
C LEU B 270 -4.66 -15.77 -7.32
N ILE B 271 -5.69 -15.04 -6.84
CA ILE B 271 -6.70 -15.63 -5.95
C ILE B 271 -7.22 -16.93 -6.57
N SER B 272 -7.41 -16.98 -7.90
CA SER B 272 -7.96 -18.19 -8.51
C SER B 272 -6.98 -19.37 -8.42
N LYS B 273 -5.70 -19.13 -8.12
CA LYS B 273 -4.76 -20.25 -7.98
C LYS B 273 -4.73 -20.77 -6.53
N MET B 274 -5.41 -20.07 -5.60
CA MET B 274 -5.39 -20.43 -4.20
C MET B 274 -6.28 -21.66 -4.01
N LYS B 275 -6.16 -22.30 -2.86
CA LYS B 275 -7.00 -23.46 -2.63
C LYS B 275 -8.43 -22.97 -2.47
N ARG B 276 -9.40 -23.77 -2.94
CA ARG B 276 -10.80 -23.44 -2.68
C ARG B 276 -11.07 -23.37 -1.17
N GLY B 277 -11.66 -22.27 -0.67
CA GLY B 277 -11.87 -22.17 0.77
C GLY B 277 -10.59 -21.74 1.53
N ALA B 278 -9.60 -21.18 0.81
CA ALA B 278 -8.48 -20.56 1.49
C ALA B 278 -8.96 -19.41 2.38
N TYR B 279 -8.18 -19.13 3.44
CA TYR B 279 -8.35 -17.91 4.20
C TYR B 279 -7.23 -16.93 3.86
N LEU B 280 -7.54 -15.62 3.77
CA LEU B 280 -6.56 -14.59 3.41
C LEU B 280 -6.59 -13.48 4.47
N VAL B 281 -5.43 -13.17 5.09
CA VAL B 281 -5.31 -12.13 6.11
C VAL B 281 -4.31 -11.08 5.60
N ASN B 282 -4.68 -9.80 5.67
CA ASN B 282 -3.86 -8.74 5.09
C ASN B 282 -3.84 -7.56 6.07
N THR B 283 -2.74 -7.48 6.81
CA THR B 283 -2.57 -6.32 7.68
C THR B 283 -1.44 -5.45 7.16
N ALA B 284 -1.12 -5.59 5.88
CA ALA B 284 -0.02 -4.87 5.22
C ALA B 284 -0.53 -3.55 4.65
N ARG B 285 -1.00 -3.62 3.41
CA ARG B 285 -1.57 -2.47 2.69
C ARG B 285 -2.79 -2.95 1.88
N GLY B 286 -3.82 -2.15 1.86
CA GLY B 286 -5.06 -2.56 1.20
C GLY B 286 -4.89 -2.80 -0.28
N LYS B 287 -4.03 -2.03 -0.92
CA LYS B 287 -3.96 -2.16 -2.37
C LYS B 287 -3.16 -3.39 -2.79
N ILE B 288 -2.50 -4.06 -1.84
CA ILE B 288 -1.88 -5.32 -2.21
C ILE B 288 -2.95 -6.32 -2.69
N CYS B 289 -4.18 -6.20 -2.17
CA CYS B 289 -5.30 -7.02 -2.61
C CYS B 289 -6.25 -6.23 -3.49
N ASN B 290 -6.59 -6.79 -4.67
CA ASN B 290 -7.56 -6.11 -5.51
C ASN B 290 -8.92 -6.13 -4.80
N ARG B 291 -9.48 -4.93 -4.59
CA ARG B 291 -10.69 -4.77 -3.78
C ARG B 291 -11.84 -5.66 -4.27
N ASP B 292 -12.20 -5.55 -5.55
CA ASP B 292 -13.35 -6.30 -6.05
C ASP B 292 -13.00 -7.77 -6.28
N ALA B 293 -11.72 -8.13 -6.48
CA ALA B 293 -11.40 -9.56 -6.62
C ALA B 293 -11.64 -10.33 -5.32
N VAL B 294 -11.29 -9.69 -4.19
CA VAL B 294 -11.49 -10.32 -2.90
C VAL B 294 -13.00 -10.50 -2.68
N VAL B 295 -13.81 -9.45 -2.97
CA VAL B 295 -15.25 -9.59 -2.80
C VAL B 295 -15.77 -10.77 -3.64
N ARG B 296 -15.40 -10.80 -4.93
CA ARG B 296 -15.85 -11.84 -5.85
C ARG B 296 -15.46 -13.24 -5.34
N ALA B 297 -14.24 -13.37 -4.78
CA ALA B 297 -13.79 -14.67 -4.31
C ALA B 297 -14.57 -15.16 -3.07
N LEU B 298 -14.98 -14.23 -2.21
CA LEU B 298 -15.74 -14.57 -1.03
C LEU B 298 -17.18 -14.91 -1.43
N GLU B 299 -17.71 -14.20 -2.43
CA GLU B 299 -19.04 -14.53 -2.92
C GLU B 299 -19.09 -15.91 -3.59
N SER B 300 -18.02 -16.33 -4.25
CA SER B 300 -18.04 -17.63 -4.94
C SER B 300 -17.66 -18.75 -3.97
N GLY B 301 -17.00 -18.42 -2.85
CA GLY B 301 -16.44 -19.43 -1.95
C GLY B 301 -15.01 -19.83 -2.28
N GLN B 302 -14.38 -19.21 -3.26
CA GLN B 302 -12.98 -19.47 -3.53
C GLN B 302 -12.15 -19.09 -2.29
N LEU B 303 -12.46 -17.95 -1.64
CA LEU B 303 -11.98 -17.68 -0.30
C LEU B 303 -13.08 -18.03 0.69
N ALA B 304 -12.72 -18.76 1.76
CA ALA B 304 -13.67 -19.07 2.84
C ALA B 304 -13.78 -17.88 3.80
N GLY B 305 -12.76 -17.02 3.81
CA GLY B 305 -12.80 -15.86 4.70
C GLY B 305 -11.63 -14.90 4.43
N TYR B 306 -11.82 -13.63 4.80
CA TYR B 306 -10.78 -12.64 4.66
C TYR B 306 -10.84 -11.74 5.89
N ALA B 307 -9.67 -11.33 6.39
CA ALA B 307 -9.66 -10.40 7.52
C ALA B 307 -8.41 -9.54 7.39
N GLY B 308 -8.47 -8.33 7.98
CA GLY B 308 -7.35 -7.41 7.88
C GLY B 308 -7.77 -6.09 8.50
N ASP B 309 -6.80 -5.21 8.63
CA ASP B 309 -7.13 -3.91 9.21
C ASP B 309 -6.75 -2.78 8.24
N VAL B 310 -6.42 -3.09 6.96
CA VAL B 310 -5.98 -2.04 6.04
C VAL B 310 -6.92 -2.00 4.83
N TRP B 311 -7.25 -0.80 4.39
CA TRP B 311 -8.29 -0.56 3.40
C TRP B 311 -7.75 0.43 2.38
N PHE B 312 -8.28 0.41 1.15
CA PHE B 312 -8.03 1.53 0.25
C PHE B 312 -9.37 2.11 -0.21
N PRO B 313 -9.63 3.43 -0.10
CA PRO B 313 -8.79 4.37 0.65
C PRO B 313 -9.13 4.27 2.13
N GLN B 314 -8.44 5.07 2.96
CA GLN B 314 -8.78 5.15 4.37
C GLN B 314 -9.10 6.59 4.73
N PRO B 315 -10.07 6.88 5.62
CA PRO B 315 -10.95 5.86 6.20
C PRO B 315 -11.84 5.22 5.14
N ALA B 316 -12.26 3.96 5.35
CA ALA B 316 -13.07 3.29 4.36
C ALA B 316 -14.33 4.11 4.09
N PRO B 317 -14.69 4.40 2.81
CA PRO B 317 -15.94 5.08 2.52
C PRO B 317 -17.17 4.34 3.04
N LYS B 318 -18.27 5.08 3.18
CA LYS B 318 -19.58 4.57 3.59
C LYS B 318 -19.94 3.28 2.83
N ASP B 319 -19.61 3.18 1.53
CA ASP B 319 -20.06 2.04 0.74
C ASP B 319 -18.89 1.14 0.34
N HIS B 320 -17.78 1.18 1.09
CA HIS B 320 -16.66 0.31 0.75
C HIS B 320 -17.16 -1.13 0.83
N PRO B 321 -17.00 -1.97 -0.22
CA PRO B 321 -17.60 -3.31 -0.22
C PRO B 321 -16.97 -4.24 0.80
N TRP B 322 -15.78 -3.91 1.33
CA TRP B 322 -15.23 -4.76 2.38
C TRP B 322 -16.02 -4.69 3.69
N ARG B 323 -16.86 -3.68 3.89
CA ARG B 323 -17.59 -3.56 5.15
C ARG B 323 -18.66 -4.64 5.24
N THR B 324 -19.17 -5.09 4.08
CA THR B 324 -20.34 -5.95 4.09
C THR B 324 -20.17 -7.24 3.29
N MET B 325 -19.01 -7.47 2.67
CA MET B 325 -18.86 -8.73 1.94
C MET B 325 -18.97 -9.94 2.88
N PRO B 326 -19.37 -11.13 2.38
CA PRO B 326 -19.59 -12.28 3.26
C PRO B 326 -18.27 -12.76 3.88
N HIS B 327 -18.34 -13.21 5.14
CA HIS B 327 -17.33 -14.00 5.82
C HIS B 327 -16.04 -13.19 6.04
N HIS B 328 -16.15 -11.92 6.42
CA HIS B 328 -14.95 -11.15 6.74
C HIS B 328 -14.77 -11.04 8.25
N GLY B 329 -13.52 -10.74 8.66
CA GLY B 329 -13.26 -10.37 10.05
C GLY B 329 -12.51 -9.04 10.17
N MET B 330 -12.90 -8.02 9.40
CA MET B 330 -12.17 -6.76 9.28
C MET B 330 -12.17 -5.99 10.60
N THR B 331 -11.15 -5.16 10.82
CA THR B 331 -11.23 -4.06 11.79
C THR B 331 -10.87 -2.79 11.01
N PRO B 332 -11.07 -1.57 11.57
CA PRO B 332 -10.41 -0.39 11.02
C PRO B 332 -8.91 -0.52 11.27
N HIS B 333 -8.13 0.45 10.73
CA HIS B 333 -6.68 0.37 10.79
C HIS B 333 -6.16 0.69 12.20
N ILE B 334 -5.92 -0.35 13.02
CA ILE B 334 -5.73 -0.14 14.45
C ILE B 334 -4.63 -1.07 14.98
N SER B 335 -4.22 -2.09 14.21
CA SER B 335 -3.33 -3.09 14.81
C SER B 335 -2.10 -2.41 15.41
N GLY B 336 -1.50 -1.45 14.68
CA GLY B 336 -0.24 -0.89 15.17
C GLY B 336 -0.41 0.27 16.16
N THR B 337 -1.65 0.53 16.63
CA THR B 337 -1.91 1.63 17.56
C THR B 337 -2.67 1.12 18.79
N SER B 338 -2.37 -0.13 19.20
CA SER B 338 -2.72 -0.50 20.57
C SER B 338 -2.07 0.50 21.54
N LEU B 339 -2.59 0.56 22.77
CA LEU B 339 -2.01 1.47 23.75
C LEU B 339 -0.56 1.10 24.03
N SER B 340 -0.23 -0.18 23.94
CA SER B 340 1.13 -0.67 24.20
C SER B 340 2.08 -0.15 23.13
N ALA B 341 1.67 -0.29 21.86
CA ALA B 341 2.47 0.21 20.74
C ALA B 341 2.61 1.73 20.83
N GLN B 342 1.51 2.42 21.18
CA GLN B 342 1.56 3.89 21.25
C GLN B 342 2.64 4.37 22.23
N ALA B 343 2.77 3.70 23.38
CA ALA B 343 3.78 4.14 24.34
C ALA B 343 5.16 4.07 23.70
N ARG B 344 5.36 3.07 22.82
CA ARG B 344 6.68 2.94 22.23
C ARG B 344 6.91 4.00 21.15
N TYR B 345 5.95 4.18 20.24
CA TYR B 345 6.28 5.10 19.17
C TYR B 345 6.24 6.56 19.61
N ALA B 346 5.51 6.85 20.71
CA ALA B 346 5.50 8.18 21.32
C ALA B 346 6.86 8.42 21.97
N ALA B 347 7.41 7.38 22.62
CA ALA B 347 8.74 7.50 23.23
C ALA B 347 9.78 7.70 22.13
N GLY B 348 9.62 6.94 21.04
CA GLY B 348 10.56 7.07 19.93
C GLY B 348 10.44 8.43 19.23
N THR B 349 9.22 8.96 19.11
CA THR B 349 9.05 10.26 18.48
C THR B 349 9.78 11.31 19.31
N ARG B 350 9.59 11.25 20.63
CA ARG B 350 10.33 12.13 21.53
C ARG B 350 11.85 11.99 21.36
N GLU B 351 12.36 10.76 21.26
CA GLU B 351 13.80 10.52 21.12
C GLU B 351 14.36 11.19 19.86
N ILE B 352 13.64 11.04 18.74
CA ILE B 352 14.05 11.61 17.45
C ILE B 352 14.11 13.15 17.54
N LEU B 353 13.09 13.74 18.19
CA LEU B 353 12.99 15.19 18.31
C LEU B 353 14.09 15.75 19.20
N GLU B 354 14.37 15.05 20.32
CA GLU B 354 15.47 15.44 21.17
C GLU B 354 16.76 15.43 20.35
N CYS B 355 17.00 14.34 19.60
CA CYS B 355 18.20 14.30 18.78
C CYS B 355 18.25 15.50 17.81
N TRP B 356 17.08 15.78 17.20
CA TRP B 356 17.01 16.79 16.15
C TRP B 356 17.37 18.16 16.72
N PHE B 357 16.72 18.55 17.82
CA PHE B 357 16.94 19.85 18.43
C PHE B 357 18.31 19.95 19.08
N GLU B 358 18.87 18.85 19.57
CA GLU B 358 20.17 18.97 20.22
C GLU B 358 21.28 18.73 19.21
N GLU B 359 20.94 18.53 17.93
CA GLU B 359 21.93 18.28 16.88
C GLU B 359 22.79 17.05 17.20
N ARG B 360 22.17 15.99 17.69
CA ARG B 360 22.80 14.69 17.86
C ARG B 360 22.26 13.79 16.75
N PRO B 361 23.03 12.80 16.25
CA PRO B 361 22.54 11.92 15.18
C PRO B 361 21.27 11.18 15.63
N ILE B 362 20.24 11.15 14.77
CA ILE B 362 19.12 10.24 14.95
C ILE B 362 19.63 8.82 14.77
N ARG B 363 19.07 7.84 15.50
CA ARG B 363 19.54 6.47 15.34
C ARG B 363 19.49 6.04 13.88
N GLU B 364 20.53 5.34 13.46
CA GLU B 364 20.61 4.86 12.07
C GLU B 364 19.39 4.03 11.69
N GLU B 365 18.88 3.20 12.59
CA GLU B 365 17.75 2.30 12.28
C GLU B 365 16.45 3.08 12.04
N TYR B 366 16.31 4.27 12.58
CA TYR B 366 15.10 5.12 12.36
C TYR B 366 15.18 5.91 11.03
N LEU B 367 16.34 6.09 10.43
CA LEU B 367 16.40 6.99 9.30
C LEU B 367 15.96 6.27 8.04
N ILE B 368 15.10 6.92 7.28
CA ILE B 368 14.71 6.31 6.03
C ILE B 368 15.41 7.08 4.92
N VAL B 369 15.33 8.41 4.96
CA VAL B 369 16.20 9.24 4.13
C VAL B 369 16.84 10.30 5.02
N ASP B 370 18.14 10.49 4.82
CA ASP B 370 18.85 11.42 5.69
C ASP B 370 19.15 12.72 4.95
N GLY B 371 18.38 13.76 5.31
CA GLY B 371 18.36 15.04 4.59
C GLY B 371 19.67 15.81 4.69
N GLY B 372 20.39 15.62 5.81
CA GLY B 372 21.68 16.24 6.06
C GLY B 372 22.86 15.49 5.40
N LYS B 373 22.64 14.34 4.77
CA LYS B 373 23.64 13.90 3.80
C LYS B 373 23.56 14.80 2.57
N LEU B 374 22.75 15.88 2.66
CA LEU B 374 22.51 16.79 1.55
C LEU B 374 22.29 18.22 2.06
N ALA C 2 -29.23 -55.45 18.60
CA ALA C 2 -29.12 -54.48 19.66
C ALA C 2 -29.73 -53.19 19.14
N LYS C 3 -30.14 -52.34 20.08
CA LYS C 3 -30.60 -51.01 19.77
C LYS C 3 -29.56 -50.01 20.27
N ILE C 4 -29.17 -49.08 19.38
CA ILE C 4 -28.27 -48.01 19.74
C ILE C 4 -29.10 -46.73 19.72
N LEU C 5 -29.07 -46.01 20.85
CA LEU C 5 -29.81 -44.77 21.00
C LEU C 5 -28.79 -43.60 21.04
N CYS C 6 -28.86 -42.72 20.04
CA CYS C 6 -27.80 -41.74 19.82
C CYS C 6 -28.42 -40.36 19.85
N VAL C 7 -28.02 -39.51 20.82
CA VAL C 7 -28.60 -38.19 20.90
C VAL C 7 -27.61 -37.17 20.33
N LEU C 8 -28.07 -36.32 19.38
CA LEU C 8 -27.22 -35.34 18.72
C LEU C 8 -27.93 -33.99 18.67
N TYR C 9 -27.19 -32.87 18.41
CA TYR C 9 -27.85 -31.57 18.38
C TYR C 9 -28.57 -31.38 17.06
N ASP C 10 -29.45 -30.37 17.00
CA ASP C 10 -30.24 -30.14 15.81
C ASP C 10 -29.36 -29.74 14.63
N ASP C 11 -29.85 -30.03 13.42
CA ASP C 11 -29.25 -29.48 12.21
C ASP C 11 -29.24 -27.96 12.24
N PRO C 12 -28.43 -27.27 11.39
CA PRO C 12 -28.53 -25.82 11.23
C PRO C 12 -29.93 -25.43 10.79
N ILE C 13 -30.37 -24.22 11.15
CA ILE C 13 -31.76 -23.81 10.87
C ILE C 13 -31.91 -23.57 9.38
N THR C 14 -30.80 -23.39 8.66
CA THR C 14 -30.81 -23.32 7.21
C THR C 14 -30.83 -24.71 6.59
N GLY C 15 -30.89 -25.77 7.42
CA GLY C 15 -30.88 -27.11 6.87
C GLY C 15 -29.52 -27.77 7.00
N TYR C 16 -29.51 -29.10 6.91
CA TYR C 16 -28.27 -29.85 6.85
C TYR C 16 -27.40 -29.42 5.65
N PRO C 17 -26.09 -29.10 5.81
CA PRO C 17 -25.33 -28.45 4.73
C PRO C 17 -25.24 -29.32 3.47
N LYS C 18 -25.45 -28.72 2.31
CA LYS C 18 -25.27 -29.42 1.03
C LYS C 18 -23.82 -29.35 0.56
N SER C 19 -23.08 -28.29 0.95
CA SER C 19 -21.64 -28.19 0.70
C SER C 19 -20.97 -27.49 1.89
N TYR C 20 -19.64 -27.45 1.88
CA TYR C 20 -18.85 -26.91 2.99
C TYR C 20 -17.84 -25.91 2.43
N ALA C 21 -17.25 -25.08 3.32
CA ALA C 21 -16.30 -24.05 2.92
C ALA C 21 -15.05 -24.64 2.25
N ARG C 22 -14.65 -25.85 2.68
CA ARG C 22 -13.38 -26.50 2.40
C ARG C 22 -13.66 -27.95 1.97
N ALA C 23 -12.87 -28.49 1.02
CA ALA C 23 -13.04 -29.87 0.54
C ALA C 23 -12.60 -30.93 1.56
N ASP C 24 -11.65 -30.63 2.46
CA ASP C 24 -11.13 -31.66 3.37
C ASP C 24 -10.57 -31.01 4.64
N VAL C 25 -10.14 -31.83 5.60
CA VAL C 25 -9.49 -31.32 6.81
C VAL C 25 -8.17 -32.06 6.96
N PRO C 26 -7.18 -31.46 7.64
CA PRO C 26 -5.90 -32.13 7.79
C PRO C 26 -6.11 -33.47 8.50
N LYS C 27 -5.24 -34.43 8.18
CA LYS C 27 -5.29 -35.74 8.84
C LYS C 27 -4.44 -35.68 10.09
N ILE C 28 -5.04 -35.92 11.25
CA ILE C 28 -4.32 -35.93 12.56
C ILE C 28 -4.01 -37.38 12.91
N ASP C 29 -2.73 -37.70 12.98
CA ASP C 29 -2.23 -39.07 13.19
C ASP C 29 -2.10 -39.39 14.69
N HIS C 30 -1.66 -38.42 15.47
CA HIS C 30 -1.48 -38.66 16.92
C HIS C 30 -1.57 -37.35 17.69
N TYR C 31 -1.62 -37.47 18.99
CA TYR C 31 -1.72 -36.33 19.87
C TYR C 31 -0.38 -36.12 20.59
N PRO C 32 -0.15 -34.92 21.17
CA PRO C 32 1.09 -34.65 21.92
C PRO C 32 1.26 -35.71 23.02
N GLY C 33 2.46 -36.29 23.10
CA GLY C 33 2.70 -37.36 24.06
C GLY C 33 2.58 -38.74 23.43
N GLY C 34 1.97 -38.80 22.23
CA GLY C 34 2.06 -39.98 21.37
C GLY C 34 0.79 -40.85 21.28
N GLN C 35 -0.24 -40.63 22.10
CA GLN C 35 -1.49 -41.36 21.85
C GLN C 35 -1.88 -41.28 20.36
N THR C 36 -2.21 -42.41 19.72
CA THR C 36 -2.68 -42.44 18.34
C THR C 36 -4.10 -41.89 18.25
N ALA C 37 -4.37 -41.22 17.13
CA ALA C 37 -5.72 -40.80 16.77
C ALA C 37 -6.55 -42.06 16.57
N PRO C 38 -7.91 -41.95 16.58
CA PRO C 38 -8.76 -43.16 16.49
C PRO C 38 -8.42 -44.06 15.30
N THR C 39 -8.59 -45.37 15.48
CA THR C 39 -8.26 -46.36 14.45
C THR C 39 -9.48 -47.27 14.22
N PRO C 40 -10.65 -46.75 13.76
CA PRO C 40 -11.76 -47.65 13.40
C PRO C 40 -11.26 -48.43 12.17
N LYS C 41 -11.79 -49.64 11.94
CA LYS C 41 -11.45 -50.43 10.76
C LYS C 41 -11.92 -49.76 9.46
N GLN C 42 -13.02 -49.01 9.53
CA GLN C 42 -13.59 -48.33 8.36
C GLN C 42 -14.33 -47.08 8.83
N ILE C 43 -14.47 -46.07 7.97
CA ILE C 43 -15.40 -44.98 8.21
C ILE C 43 -16.30 -44.81 6.99
N ASP C 44 -17.50 -44.29 7.26
CA ASP C 44 -18.51 -44.09 6.23
C ASP C 44 -18.88 -42.61 6.14
N PHE C 45 -17.90 -41.73 6.39
CA PHE C 45 -18.10 -40.30 6.22
C PHE C 45 -16.79 -39.74 5.67
N THR C 46 -16.83 -38.49 5.22
CA THR C 46 -15.62 -37.80 4.81
C THR C 46 -15.25 -36.80 5.92
N PRO C 47 -14.05 -36.88 6.53
CA PRO C 47 -13.67 -35.90 7.55
C PRO C 47 -13.87 -34.48 7.02
N GLY C 48 -14.53 -33.66 7.84
CA GLY C 48 -14.93 -32.33 7.40
C GLY C 48 -16.44 -32.21 7.36
N GLU C 49 -17.16 -33.34 7.37
CA GLU C 49 -18.62 -33.27 7.29
C GLU C 49 -19.20 -32.99 8.69
N LEU C 50 -20.41 -32.40 8.74
CA LEU C 50 -21.10 -32.17 10.00
C LEU C 50 -21.67 -33.51 10.48
N LEU C 51 -21.04 -34.10 11.53
CA LEU C 51 -21.41 -35.44 11.97
C LEU C 51 -22.19 -35.41 13.29
N GLY C 52 -22.07 -34.30 14.03
CA GLY C 52 -22.61 -34.19 15.38
C GLY C 52 -24.06 -33.74 15.45
N SER C 53 -24.67 -33.41 14.29
CA SER C 53 -26.07 -33.03 14.25
C SER C 53 -26.90 -34.25 13.86
N VAL C 54 -28.21 -34.12 14.07
CA VAL C 54 -29.17 -35.21 13.82
C VAL C 54 -28.99 -35.86 12.43
N SER C 55 -28.90 -35.06 11.36
CA SER C 55 -28.75 -35.67 10.04
C SER C 55 -27.37 -36.28 9.82
N GLY C 56 -26.36 -35.90 10.61
CA GLY C 56 -25.01 -36.46 10.45
C GLY C 56 -24.86 -37.88 11.02
N GLU C 57 -25.50 -38.14 12.16
CA GLU C 57 -25.61 -39.45 12.78
C GLU C 57 -24.27 -40.03 13.20
N LEU C 58 -23.25 -39.16 13.36
CA LEU C 58 -21.86 -39.53 13.64
C LEU C 58 -21.35 -40.53 12.61
N GLY C 59 -21.97 -40.57 11.43
CA GLY C 59 -21.56 -41.51 10.39
C GLY C 59 -21.82 -42.99 10.70
N LEU C 60 -22.81 -43.30 11.57
CA LEU C 60 -22.93 -44.67 12.09
C LEU C 60 -24.04 -45.53 11.44
N ARG C 61 -24.93 -45.00 10.59
CA ARG C 61 -26.15 -45.78 10.32
C ARG C 61 -25.87 -47.02 9.47
N LYS C 62 -25.04 -46.84 8.44
CA LYS C 62 -24.80 -47.93 7.50
C LYS C 62 -24.03 -49.05 8.18
N TYR C 63 -23.15 -48.68 9.10
CA TYR C 63 -22.36 -49.63 9.86
C TYR C 63 -23.30 -50.45 10.74
N LEU C 64 -24.05 -49.75 11.61
CA LEU C 64 -24.92 -50.42 12.57
C LEU C 64 -26.04 -51.26 11.90
N GLU C 65 -26.75 -50.67 10.93
CA GLU C 65 -27.81 -51.40 10.23
C GLU C 65 -27.24 -52.61 9.49
N GLY C 66 -25.99 -52.49 9.05
CA GLY C 66 -25.30 -53.53 8.33
C GLY C 66 -25.08 -54.76 9.22
N LEU C 67 -24.99 -54.53 10.54
CA LEU C 67 -24.79 -55.63 11.48
C LEU C 67 -26.13 -56.20 11.92
N GLY C 68 -27.22 -55.57 11.50
CA GLY C 68 -28.54 -56.00 11.91
C GLY C 68 -29.06 -55.25 13.12
N HIS C 69 -28.36 -54.19 13.58
CA HIS C 69 -28.83 -53.45 14.74
C HIS C 69 -29.78 -52.32 14.33
N THR C 70 -30.45 -51.73 15.31
CA THR C 70 -31.29 -50.57 15.03
C THR C 70 -30.62 -49.33 15.61
N LEU C 71 -30.67 -48.22 14.86
CA LEU C 71 -30.08 -46.98 15.30
C LEU C 71 -31.17 -45.92 15.40
N VAL C 72 -31.37 -45.38 16.61
CA VAL C 72 -32.32 -44.29 16.82
C VAL C 72 -31.53 -43.02 17.11
N VAL C 73 -31.78 -41.98 16.30
CA VAL C 73 -31.08 -40.71 16.46
C VAL C 73 -32.11 -39.66 16.80
N THR C 74 -31.88 -38.82 17.81
CA THR C 74 -32.85 -37.79 18.14
C THR C 74 -32.13 -36.63 18.82
N SER C 75 -32.68 -35.41 18.74
CA SER C 75 -32.19 -34.32 19.59
C SER C 75 -33.09 -34.13 20.80
N ASP C 76 -34.15 -34.94 20.91
CA ASP C 76 -35.22 -34.70 21.89
C ASP C 76 -34.94 -35.53 23.15
N LYS C 77 -34.37 -34.88 24.19
CA LYS C 77 -33.63 -35.57 25.23
C LYS C 77 -34.12 -35.14 26.62
N GLU C 78 -34.93 -34.08 26.72
CA GLU C 78 -35.24 -33.52 28.04
C GLU C 78 -36.65 -33.94 28.47
N GLY C 79 -36.78 -34.46 29.70
CA GLY C 79 -38.11 -34.70 30.25
C GLY C 79 -38.58 -36.13 29.99
N GLU C 80 -39.62 -36.51 30.70
CA GLU C 80 -40.02 -37.89 30.85
C GLU C 80 -40.66 -38.43 29.58
N ASP C 81 -41.26 -37.56 28.76
CA ASP C 81 -41.93 -37.97 27.53
C ASP C 81 -41.10 -37.67 26.27
N SER C 82 -39.82 -37.32 26.44
CA SER C 82 -38.90 -37.16 25.32
C SER C 82 -38.74 -38.46 24.55
N VAL C 83 -38.33 -38.35 23.26
CA VAL C 83 -37.95 -39.54 22.49
C VAL C 83 -36.85 -40.32 23.24
N PHE C 84 -35.88 -39.60 23.78
CA PHE C 84 -34.79 -40.25 24.50
C PHE C 84 -35.35 -41.14 25.62
N GLU C 85 -36.16 -40.57 26.51
CA GLU C 85 -36.70 -41.34 27.64
C GLU C 85 -37.51 -42.54 27.17
N ARG C 86 -38.35 -42.37 26.13
CA ARG C 86 -39.24 -43.46 25.72
C ARG C 86 -38.43 -44.59 25.11
N GLU C 87 -37.28 -44.26 24.49
CA GLU C 87 -36.51 -45.27 23.78
C GLU C 87 -35.50 -45.95 24.72
N LEU C 88 -35.14 -45.30 25.83
CA LEU C 88 -34.05 -45.76 26.70
C LEU C 88 -34.21 -47.20 27.18
N PRO C 89 -35.39 -47.65 27.71
CA PRO C 89 -35.56 -48.97 28.33
C PRO C 89 -35.11 -50.14 27.48
N ASP C 90 -35.03 -49.89 26.16
CA ASP C 90 -34.72 -50.89 25.15
C ASP C 90 -33.26 -50.84 24.66
N ALA C 91 -32.53 -49.74 24.94
CA ALA C 91 -31.24 -49.47 24.32
C ALA C 91 -30.13 -50.24 25.01
N GLU C 92 -29.32 -50.97 24.23
CA GLU C 92 -28.08 -51.56 24.75
C GLU C 92 -26.94 -50.55 24.87
N ILE C 93 -26.92 -49.54 24.01
CA ILE C 93 -25.81 -48.58 23.94
C ILE C 93 -26.45 -47.21 23.82
N VAL C 94 -25.95 -46.25 24.61
CA VAL C 94 -26.37 -44.88 24.47
C VAL C 94 -25.13 -44.07 24.07
N ILE C 95 -25.31 -43.18 23.07
CA ILE C 95 -24.23 -42.29 22.68
C ILE C 95 -24.73 -40.83 22.77
N SER C 96 -23.90 -39.93 23.33
CA SER C 96 -24.20 -38.50 23.16
C SER C 96 -22.92 -37.69 23.27
N GLN C 97 -23.00 -36.38 22.90
CA GLN C 97 -21.85 -35.49 22.97
C GLN C 97 -21.99 -34.61 24.20
N PRO C 98 -20.87 -34.09 24.75
CA PRO C 98 -20.97 -33.05 25.78
C PRO C 98 -21.69 -31.77 25.34
N PHE C 99 -21.82 -31.54 24.02
CA PHE C 99 -22.40 -30.31 23.48
C PHE C 99 -23.93 -30.39 23.44
N TRP C 100 -24.51 -31.59 23.62
CA TRP C 100 -25.95 -31.78 23.67
C TRP C 100 -26.20 -33.11 24.37
N PRO C 101 -25.96 -33.20 25.71
CA PRO C 101 -25.71 -34.48 26.35
C PRO C 101 -27.04 -35.13 26.79
N ALA C 102 -27.15 -36.45 26.58
CA ALA C 102 -28.31 -37.15 27.10
C ALA C 102 -27.96 -37.60 28.52
N TYR C 103 -28.49 -36.91 29.54
CA TYR C 103 -28.12 -37.19 30.93
C TYR C 103 -28.50 -38.61 31.34
N LEU C 104 -27.52 -39.34 31.87
CA LEU C 104 -27.83 -40.65 32.41
C LEU C 104 -27.86 -40.54 33.93
N THR C 105 -29.03 -40.13 34.46
CA THR C 105 -29.26 -39.97 35.89
C THR C 105 -29.43 -41.34 36.54
N PRO C 106 -29.35 -41.45 37.89
CA PRO C 106 -29.68 -42.71 38.56
C PRO C 106 -31.04 -43.25 38.13
N GLU C 107 -32.04 -42.38 38.04
CA GLU C 107 -33.39 -42.80 37.68
C GLU C 107 -33.41 -43.40 36.26
N ARG C 108 -32.78 -42.72 35.31
CA ARG C 108 -32.79 -43.19 33.93
C ARG C 108 -32.03 -44.51 33.80
N ILE C 109 -30.93 -44.64 34.54
CA ILE C 109 -30.11 -45.85 34.43
C ILE C 109 -30.90 -47.05 34.96
N ALA C 110 -31.67 -46.86 36.05
CA ALA C 110 -32.52 -47.91 36.58
C ALA C 110 -33.55 -48.33 35.53
N LYS C 111 -34.10 -47.37 34.79
CA LYS C 111 -35.12 -47.68 33.79
C LYS C 111 -34.51 -48.32 32.56
N ALA C 112 -33.18 -48.21 32.40
CA ALA C 112 -32.48 -48.69 31.22
C ALA C 112 -32.08 -50.16 31.36
N LYS C 113 -33.06 -51.07 31.25
CA LYS C 113 -32.89 -52.48 31.56
C LYS C 113 -31.86 -53.13 30.66
N LYS C 114 -31.74 -52.71 29.39
CA LYS C 114 -30.82 -53.40 28.51
C LYS C 114 -29.47 -52.69 28.37
N LEU C 115 -29.29 -51.52 28.99
CA LEU C 115 -28.12 -50.66 28.74
C LEU C 115 -26.84 -51.29 29.28
N LYS C 116 -25.80 -51.40 28.45
CA LYS C 116 -24.54 -52.00 28.85
C LYS C 116 -23.37 -51.07 28.53
N LEU C 117 -23.55 -50.11 27.62
CA LEU C 117 -22.43 -49.26 27.19
C LEU C 117 -22.92 -47.84 26.94
N ALA C 118 -22.25 -46.88 27.58
CA ALA C 118 -22.53 -45.46 27.38
C ALA C 118 -21.27 -44.84 26.80
N VAL C 119 -21.37 -44.31 25.57
CA VAL C 119 -20.22 -43.67 24.92
C VAL C 119 -20.39 -42.15 24.92
N THR C 120 -19.31 -41.43 25.34
CA THR C 120 -19.24 -39.99 25.14
C THR C 120 -18.53 -39.71 23.81
N ALA C 121 -19.26 -39.14 22.84
CA ALA C 121 -18.70 -38.73 21.56
C ALA C 121 -18.03 -37.38 21.76
N GLY C 122 -16.77 -37.43 22.20
CA GLY C 122 -16.09 -36.27 22.74
C GLY C 122 -15.34 -36.67 24.00
N ILE C 123 -15.13 -35.71 24.91
CA ILE C 123 -14.34 -36.01 26.08
C ILE C 123 -15.18 -35.79 27.32
N GLY C 124 -14.97 -36.64 28.32
CA GLY C 124 -15.66 -36.51 29.60
C GLY C 124 -16.83 -37.45 29.78
N SER C 125 -17.46 -37.33 30.93
CA SER C 125 -18.62 -38.18 31.30
C SER C 125 -19.42 -37.44 32.36
N ASP C 126 -19.34 -36.11 32.36
CA ASP C 126 -20.07 -35.21 33.30
C ASP C 126 -21.60 -35.46 33.29
N HIS C 127 -22.19 -35.84 32.16
CA HIS C 127 -23.64 -36.09 32.05
C HIS C 127 -24.02 -37.50 32.53
N VAL C 128 -23.06 -38.33 32.93
CA VAL C 128 -23.32 -39.72 33.38
C VAL C 128 -23.07 -39.88 34.89
N ASP C 129 -24.05 -40.38 35.62
CA ASP C 129 -23.82 -40.66 37.04
C ASP C 129 -22.93 -41.92 37.16
N LEU C 130 -21.65 -41.76 37.37
CA LEU C 130 -20.70 -42.90 37.38
C LEU C 130 -21.04 -43.94 38.46
N GLU C 131 -21.49 -43.50 39.62
CA GLU C 131 -21.81 -44.43 40.72
C GLU C 131 -22.95 -45.34 40.27
N ALA C 132 -23.99 -44.78 39.68
CA ALA C 132 -25.13 -45.58 39.20
C ALA C 132 -24.69 -46.48 38.03
N ALA C 133 -23.81 -45.98 37.19
CA ALA C 133 -23.33 -46.78 36.06
C ALA C 133 -22.53 -47.99 36.56
N ILE C 134 -21.62 -47.78 37.51
CA ILE C 134 -20.90 -48.89 38.14
C ILE C 134 -21.88 -49.92 38.73
N LYS C 135 -22.85 -49.44 39.50
CA LYS C 135 -23.75 -50.34 40.21
C LYS C 135 -24.58 -51.19 39.23
N ASN C 136 -24.81 -50.64 38.02
CA ASN C 136 -25.64 -51.33 37.04
C ASN C 136 -24.81 -52.06 35.99
N GLY C 137 -23.49 -52.17 36.15
CA GLY C 137 -22.66 -52.97 35.26
C GLY C 137 -22.50 -52.33 33.87
N ILE C 138 -22.53 -50.99 33.81
CA ILE C 138 -22.45 -50.28 32.54
C ILE C 138 -21.00 -49.84 32.33
N THR C 139 -20.44 -50.18 31.16
CA THR C 139 -19.19 -49.62 30.69
C THR C 139 -19.38 -48.18 30.22
N VAL C 140 -18.45 -47.30 30.57
CA VAL C 140 -18.54 -45.89 30.20
C VAL C 140 -17.21 -45.55 29.52
N ALA C 141 -17.27 -45.07 28.26
CA ALA C 141 -16.09 -44.83 27.42
C ALA C 141 -16.21 -43.44 26.82
N GLU C 142 -15.07 -42.82 26.53
CA GLU C 142 -15.05 -41.54 25.84
C GLU C 142 -13.89 -41.53 24.85
N VAL C 143 -13.94 -40.64 23.85
CA VAL C 143 -12.87 -40.53 22.86
C VAL C 143 -11.76 -39.59 23.38
N THR C 144 -10.95 -40.10 24.32
CA THR C 144 -9.89 -39.34 24.98
C THR C 144 -9.03 -38.57 23.98
N TYR C 145 -8.71 -37.31 24.34
CA TYR C 145 -7.86 -36.40 23.58
C TYR C 145 -8.53 -35.84 22.32
N SER C 146 -9.72 -36.33 21.91
CA SER C 146 -10.24 -36.02 20.58
C SER C 146 -10.44 -34.52 20.35
N ASN C 147 -10.71 -33.74 21.39
CA ASN C 147 -10.91 -32.32 21.10
C ASN C 147 -10.11 -31.39 22.04
N SER C 148 -9.15 -31.94 22.78
CA SER C 148 -8.35 -31.12 23.71
C SER C 148 -7.63 -29.97 22.99
N ILE C 149 -7.07 -30.25 21.81
CA ILE C 149 -6.33 -29.24 21.06
C ILE C 149 -7.30 -28.18 20.54
N SER C 150 -8.49 -28.61 20.06
CA SER C 150 -9.53 -27.68 19.61
C SER C 150 -9.83 -26.64 20.68
N VAL C 151 -10.04 -27.09 21.91
CA VAL C 151 -10.31 -26.18 23.02
C VAL C 151 -9.15 -25.20 23.24
N SER C 152 -7.90 -25.72 23.21
CA SER C 152 -6.74 -24.87 23.48
C SER C 152 -6.67 -23.73 22.46
N GLU C 153 -7.04 -24.00 21.18
CA GLU C 153 -7.02 -22.96 20.16
C GLU C 153 -8.08 -21.90 20.48
N HIS C 154 -9.28 -22.36 20.87
CA HIS C 154 -10.36 -21.47 21.23
C HIS C 154 -9.92 -20.54 22.38
N VAL C 155 -9.15 -21.10 23.31
CA VAL C 155 -8.68 -20.31 24.46
C VAL C 155 -7.77 -19.18 23.98
N VAL C 156 -6.81 -19.49 23.14
CA VAL C 156 -5.84 -18.46 22.77
C VAL C 156 -6.52 -17.38 21.91
N MET C 157 -7.43 -17.81 21.04
CA MET C 157 -8.22 -16.92 20.20
C MET C 157 -8.95 -15.93 21.10
N MET C 158 -9.59 -16.41 22.16
CA MET C 158 -10.40 -15.51 22.99
C MET C 158 -9.51 -14.56 23.77
N ILE C 159 -8.38 -15.07 24.28
CA ILE C 159 -7.46 -14.21 25.01
C ILE C 159 -7.06 -13.03 24.11
N LEU C 160 -6.59 -13.32 22.88
CA LEU C 160 -6.16 -12.26 21.98
C LEU C 160 -7.30 -11.29 21.72
N SER C 161 -8.51 -11.82 21.47
CA SER C 161 -9.65 -10.99 21.11
C SER C 161 -10.04 -10.04 22.24
N LEU C 162 -10.05 -10.55 23.47
CA LEU C 162 -10.29 -9.73 24.66
C LEU C 162 -9.22 -8.65 24.78
N VAL C 163 -7.96 -9.06 24.81
CA VAL C 163 -6.88 -8.12 25.08
C VAL C 163 -6.78 -7.03 23.99
N ARG C 164 -6.95 -7.41 22.73
CA ARG C 164 -6.77 -6.44 21.65
C ARG C 164 -8.06 -5.69 21.34
N ASN C 165 -9.20 -6.07 21.92
CA ASN C 165 -10.49 -5.40 21.71
C ASN C 165 -11.03 -5.65 20.30
N TYR C 166 -10.90 -6.89 19.82
CA TYR C 166 -11.32 -7.24 18.47
C TYR C 166 -12.80 -6.98 18.18
N ILE C 167 -13.70 -7.51 19.02
CA ILE C 167 -15.08 -7.57 18.58
C ILE C 167 -15.69 -6.17 18.47
N PRO C 168 -15.50 -5.26 19.44
CA PRO C 168 -16.00 -3.88 19.26
C PRO C 168 -15.38 -3.19 18.03
N SER C 169 -14.13 -3.54 17.69
CA SER C 169 -13.46 -2.93 16.55
C SER C 169 -14.17 -3.40 15.27
N TYR C 170 -14.43 -4.71 15.18
CA TYR C 170 -15.20 -5.25 14.07
C TYR C 170 -16.59 -4.60 13.98
N GLN C 171 -17.26 -4.43 15.12
CA GLN C 171 -18.57 -3.83 15.10
C GLN C 171 -18.56 -2.41 14.53
N TRP C 172 -17.50 -1.63 14.77
CA TRP C 172 -17.40 -0.30 14.17
C TRP C 172 -17.41 -0.38 12.63
N VAL C 173 -16.79 -1.41 12.05
CA VAL C 173 -16.79 -1.60 10.60
C VAL C 173 -18.22 -1.83 10.12
N ILE C 174 -18.98 -2.66 10.85
CA ILE C 174 -20.30 -3.10 10.41
C ILE C 174 -21.23 -1.89 10.52
N LYS C 175 -21.00 -1.03 11.51
CA LYS C 175 -21.87 0.10 11.77
C LYS C 175 -21.59 1.27 10.83
N GLY C 176 -20.65 1.13 9.91
CA GLY C 176 -20.34 2.22 9.00
C GLY C 176 -19.32 3.20 9.58
N GLY C 177 -18.69 2.86 10.68
CA GLY C 177 -17.73 3.74 11.34
C GLY C 177 -16.28 3.51 10.96
N TRP C 178 -15.38 4.04 11.78
CA TRP C 178 -13.91 3.98 11.67
C TRP C 178 -13.42 4.06 13.11
N ASN C 179 -13.48 5.24 13.70
CA ASN C 179 -13.41 5.37 15.16
C ASN C 179 -12.18 4.70 15.78
N ILE C 180 -11.01 4.98 15.23
CA ILE C 180 -9.73 4.41 15.72
C ILE C 180 -9.63 4.57 17.24
N ALA C 181 -9.96 5.74 17.77
CA ALA C 181 -9.64 5.91 19.19
C ALA C 181 -10.65 5.16 20.06
N ASP C 182 -11.87 5.01 19.56
CA ASP C 182 -12.87 4.17 20.22
C ASP C 182 -12.38 2.72 20.28
N CYS C 183 -11.81 2.21 19.17
CA CYS C 183 -11.28 0.85 19.17
C CYS C 183 -10.11 0.73 20.14
N VAL C 184 -9.13 1.66 20.13
CA VAL C 184 -7.87 1.37 20.81
C VAL C 184 -7.79 1.91 22.25
N GLU C 185 -8.80 2.65 22.72
CA GLU C 185 -8.72 3.10 24.09
C GLU C 185 -8.87 1.94 25.09
N ARG C 186 -9.22 0.74 24.60
CA ARG C 186 -9.21 -0.49 25.37
C ARG C 186 -8.39 -1.60 24.67
N SER C 187 -7.45 -1.26 23.77
CA SER C 187 -6.72 -2.27 23.03
C SER C 187 -5.29 -2.37 23.53
N TYR C 188 -4.85 -3.58 23.94
CA TYR C 188 -3.50 -3.80 24.44
C TYR C 188 -2.81 -4.92 23.66
N ASP C 189 -1.47 -4.94 23.64
CA ASP C 189 -0.73 -6.11 23.20
C ASP C 189 -0.74 -7.14 24.33
N LEU C 190 -0.71 -8.43 23.94
CA LEU C 190 -0.49 -9.55 24.86
C LEU C 190 0.96 -9.61 25.32
N GLU C 191 1.91 -9.20 24.47
CA GLU C 191 3.34 -9.39 24.68
C GLU C 191 3.72 -8.96 26.09
N ALA C 192 4.37 -9.88 26.83
CA ALA C 192 4.98 -9.62 28.12
C ALA C 192 3.95 -9.44 29.24
N MET C 193 2.66 -9.69 28.98
CA MET C 193 1.71 -9.82 30.06
C MET C 193 1.98 -11.12 30.82
N HIS C 194 1.44 -11.20 32.05
CA HIS C 194 1.50 -12.39 32.87
C HIS C 194 0.23 -13.20 32.65
N VAL C 195 0.42 -14.46 32.22
CA VAL C 195 -0.73 -15.32 31.89
C VAL C 195 -0.63 -16.60 32.74
N GLY C 196 -1.74 -16.98 33.40
CA GLY C 196 -1.73 -18.18 34.21
C GLY C 196 -2.89 -19.12 33.85
N THR C 197 -2.61 -20.43 33.88
CA THR C 197 -3.66 -21.42 33.72
C THR C 197 -3.93 -22.11 35.06
N VAL C 198 -5.23 -22.34 35.35
CA VAL C 198 -5.64 -23.21 36.45
C VAL C 198 -5.73 -24.63 35.87
N ALA C 199 -4.79 -25.48 36.32
CA ALA C 199 -4.54 -26.84 35.84
C ALA C 199 -3.72 -26.83 34.55
N ALA C 200 -2.74 -27.72 34.50
CA ALA C 200 -1.96 -27.94 33.30
C ALA C 200 -2.08 -29.40 32.87
N GLY C 201 -3.32 -29.84 32.64
CA GLY C 201 -3.59 -31.11 31.98
C GLY C 201 -3.37 -31.00 30.47
N ARG C 202 -4.10 -31.82 29.70
CA ARG C 202 -3.93 -31.86 28.26
C ARG C 202 -4.26 -30.49 27.66
N ILE C 203 -5.36 -29.87 28.10
CA ILE C 203 -5.77 -28.58 27.54
C ILE C 203 -4.82 -27.48 28.01
N GLY C 204 -4.58 -27.42 29.33
CA GLY C 204 -3.80 -26.32 29.87
C GLY C 204 -2.39 -26.32 29.32
N LEU C 205 -1.78 -27.51 29.13
CA LEU C 205 -0.44 -27.57 28.57
C LEU C 205 -0.43 -27.12 27.10
N ALA C 206 -1.44 -27.53 26.35
CA ALA C 206 -1.59 -27.11 24.96
C ALA C 206 -1.69 -25.58 24.86
N VAL C 207 -2.40 -24.97 25.82
CA VAL C 207 -2.55 -23.51 25.85
C VAL C 207 -1.19 -22.86 26.15
N LEU C 208 -0.52 -23.32 27.21
CA LEU C 208 0.78 -22.76 27.59
C LEU C 208 1.77 -22.85 26.42
N LYS C 209 1.80 -24.01 25.74
CA LYS C 209 2.65 -24.14 24.56
C LYS C 209 2.31 -23.08 23.51
N ARG C 210 1.01 -22.84 23.26
CA ARG C 210 0.65 -21.88 22.22
C ARG C 210 0.94 -20.44 22.68
N LEU C 211 0.98 -20.19 23.99
CA LEU C 211 1.20 -18.82 24.46
C LEU C 211 2.67 -18.44 24.46
N LYS C 212 3.56 -19.43 24.58
CA LYS C 212 4.96 -19.16 24.82
C LYS C 212 5.58 -18.18 23.81
N PRO C 213 5.42 -18.35 22.48
CA PRO C 213 6.13 -17.44 21.56
C PRO C 213 5.45 -16.06 21.50
N PHE C 214 4.35 -15.83 22.24
CA PHE C 214 3.82 -14.48 22.37
C PHE C 214 4.64 -13.68 23.39
N ASP C 215 5.60 -14.35 24.04
CA ASP C 215 6.57 -13.72 24.94
C ASP C 215 5.85 -13.23 26.21
N VAL C 216 4.84 -13.97 26.65
CA VAL C 216 4.16 -13.67 27.89
C VAL C 216 4.93 -14.39 29.01
N LYS C 217 4.70 -13.98 30.25
CA LYS C 217 5.29 -14.67 31.39
C LYS C 217 4.25 -15.67 31.88
N LEU C 218 4.62 -16.95 31.88
CA LEU C 218 3.68 -18.05 32.11
C LEU C 218 3.71 -18.50 33.56
N HIS C 219 2.50 -18.75 34.08
CA HIS C 219 2.24 -19.11 35.46
C HIS C 219 1.25 -20.28 35.44
N TYR C 220 1.30 -21.17 36.44
CA TYR C 220 0.19 -22.11 36.59
C TYR C 220 0.02 -22.52 38.04
N PHE C 221 -1.14 -23.10 38.34
CA PHE C 221 -1.33 -23.90 39.53
C PHE C 221 -1.91 -25.25 39.09
N ASP C 222 -1.38 -26.33 39.69
CA ASP C 222 -1.97 -27.64 39.54
C ASP C 222 -1.81 -28.39 40.87
N GLN C 223 -2.71 -29.33 41.16
CA GLN C 223 -2.59 -30.10 42.41
C GLN C 223 -1.45 -31.09 42.27
N HIS C 224 -1.09 -31.47 41.03
CA HIS C 224 0.13 -32.22 40.77
C HIS C 224 1.09 -31.34 40.00
N ARG C 225 2.11 -30.83 40.71
CA ARG C 225 3.11 -29.97 40.10
C ARG C 225 3.80 -30.72 38.96
N LEU C 226 3.98 -30.08 37.79
CA LEU C 226 4.66 -30.70 36.66
C LEU C 226 6.11 -30.95 37.01
N PRO C 227 6.83 -31.84 36.28
CA PRO C 227 8.27 -32.03 36.47
C PRO C 227 9.07 -30.79 36.08
N GLU C 228 10.22 -30.61 36.74
CA GLU C 228 11.05 -29.41 36.63
C GLU C 228 11.48 -29.15 35.21
N SER C 229 11.74 -30.20 34.43
CA SER C 229 12.25 -30.05 33.08
C SER C 229 11.14 -29.53 32.16
N VAL C 230 9.88 -29.83 32.49
CA VAL C 230 8.76 -29.31 31.72
C VAL C 230 8.61 -27.83 32.05
N GLU C 231 8.69 -27.48 33.35
CA GLU C 231 8.61 -26.11 33.80
C GLU C 231 9.71 -25.26 33.16
N ASN C 232 10.92 -25.83 33.06
CA ASN C 232 12.06 -25.08 32.51
C ASN C 232 11.91 -24.88 31.00
N GLU C 233 11.52 -25.91 30.24
CA GLU C 233 11.28 -25.78 28.80
C GLU C 233 10.29 -24.66 28.49
N LEU C 234 9.17 -24.58 29.21
CA LEU C 234 8.13 -23.60 28.92
C LEU C 234 8.35 -22.28 29.69
N GLY C 235 9.22 -22.30 30.70
CA GLY C 235 9.46 -21.14 31.53
C GLY C 235 8.24 -20.80 32.39
N LEU C 236 7.64 -21.83 33.05
CA LEU C 236 6.47 -21.66 33.90
C LEU C 236 6.88 -21.33 35.33
N THR C 237 6.10 -20.46 36.00
CA THR C 237 6.23 -20.34 37.44
C THR C 237 5.06 -21.10 38.06
N TYR C 238 5.38 -22.03 38.96
CA TYR C 238 4.39 -22.77 39.72
C TYR C 238 3.96 -21.93 40.91
N HIS C 239 2.67 -21.98 41.25
CA HIS C 239 2.12 -21.36 42.43
C HIS C 239 1.41 -22.43 43.26
N PRO C 240 1.54 -22.46 44.61
CA PRO C 240 0.92 -23.49 45.45
C PRO C 240 -0.59 -23.31 45.71
N SER C 241 -1.16 -22.16 45.35
CA SER C 241 -2.61 -22.01 45.37
C SER C 241 -3.06 -21.21 44.15
N VAL C 242 -4.35 -21.35 43.81
CA VAL C 242 -4.96 -20.53 42.77
C VAL C 242 -4.89 -19.04 43.15
N GLU C 243 -5.16 -18.73 44.44
CA GLU C 243 -5.08 -17.37 44.96
C GLU C 243 -3.70 -16.74 44.68
N ASP C 244 -2.62 -17.45 45.03
CA ASP C 244 -1.26 -17.00 44.77
C ASP C 244 -1.02 -16.70 43.28
N MET C 245 -1.54 -17.56 42.40
CA MET C 245 -1.36 -17.35 40.97
C MET C 245 -2.12 -16.13 40.44
N VAL C 246 -3.42 -16.02 40.74
CA VAL C 246 -4.28 -14.99 40.14
C VAL C 246 -3.88 -13.58 40.59
N LYS C 247 -3.13 -13.49 41.70
CA LYS C 247 -2.68 -12.21 42.24
C LYS C 247 -1.72 -11.51 41.29
N VAL C 248 -0.92 -12.27 40.54
CA VAL C 248 0.09 -11.64 39.72
C VAL C 248 -0.24 -11.74 38.22
N CYS C 249 -1.40 -12.25 37.81
CA CYS C 249 -1.67 -12.48 36.38
C CYS C 249 -2.53 -11.37 35.77
N ASP C 250 -2.16 -10.95 34.55
CA ASP C 250 -2.96 -10.08 33.71
C ASP C 250 -4.08 -10.90 33.03
N VAL C 251 -3.80 -12.17 32.75
CA VAL C 251 -4.78 -13.03 32.10
C VAL C 251 -4.82 -14.36 32.84
N VAL C 252 -6.02 -14.86 33.03
CA VAL C 252 -6.23 -16.17 33.71
C VAL C 252 -7.11 -17.05 32.82
N THR C 253 -6.66 -18.27 32.58
CA THR C 253 -7.45 -19.23 31.80
C THR C 253 -7.74 -20.43 32.69
N ILE C 254 -8.99 -20.85 32.72
CA ILE C 254 -9.35 -21.98 33.56
C ILE C 254 -9.44 -23.22 32.71
N ASN C 255 -8.67 -24.26 33.07
CA ASN C 255 -8.62 -25.50 32.31
C ASN C 255 -8.67 -26.71 33.24
N ALA C 256 -9.59 -26.67 34.22
CA ALA C 256 -9.66 -27.61 35.33
C ALA C 256 -10.99 -28.36 35.29
N PRO C 257 -11.04 -29.62 35.79
CA PRO C 257 -12.32 -30.32 35.97
C PRO C 257 -13.18 -29.67 37.05
N LEU C 258 -14.52 -29.87 36.98
CA LEU C 258 -15.38 -29.46 38.07
C LEU C 258 -15.43 -30.55 39.14
N HIS C 259 -15.02 -30.21 40.36
CA HIS C 259 -15.22 -31.06 41.52
C HIS C 259 -15.38 -30.17 42.75
N PRO C 260 -15.51 -30.72 43.98
CA PRO C 260 -15.63 -29.90 45.19
C PRO C 260 -14.63 -28.74 45.24
N GLY C 261 -13.35 -29.02 44.89
CA GLY C 261 -12.28 -28.02 44.92
C GLY C 261 -12.51 -26.81 44.00
N THR C 262 -13.29 -26.98 42.93
CA THR C 262 -13.36 -25.98 41.88
C THR C 262 -14.77 -25.42 41.72
N LEU C 263 -15.75 -25.99 42.40
CA LEU C 263 -17.11 -25.48 42.26
C LEU C 263 -17.13 -24.07 42.87
N ASP C 264 -17.59 -23.07 42.11
CA ASP C 264 -17.71 -21.71 42.60
C ASP C 264 -16.35 -21.17 43.05
N LEU C 265 -15.26 -21.70 42.46
CA LEU C 265 -13.91 -21.26 42.79
C LEU C 265 -13.75 -19.77 42.49
N PHE C 266 -14.22 -19.34 41.30
CA PHE C 266 -14.07 -17.95 40.93
C PHE C 266 -15.31 -17.21 41.42
N ASN C 267 -15.37 -17.01 42.74
CA ASN C 267 -16.45 -16.25 43.35
C ASN C 267 -16.03 -14.78 43.55
N ASP C 268 -16.89 -14.01 44.22
CA ASP C 268 -16.70 -12.58 44.42
C ASP C 268 -15.34 -12.34 45.10
N GLU C 269 -15.05 -13.19 46.09
CA GLU C 269 -13.88 -12.99 46.89
C GLU C 269 -12.61 -13.33 46.11
N LEU C 270 -12.59 -14.48 45.39
CA LEU C 270 -11.38 -14.76 44.65
C LEU C 270 -11.16 -13.73 43.53
N ILE C 271 -12.23 -13.39 42.80
CA ILE C 271 -12.10 -12.45 41.69
C ILE C 271 -11.55 -11.13 42.21
N SER C 272 -11.90 -10.78 43.46
CA SER C 272 -11.46 -9.51 44.02
C SER C 272 -9.96 -9.52 44.38
N LYS C 273 -9.30 -10.69 44.40
CA LYS C 273 -7.87 -10.73 44.63
C LYS C 273 -7.10 -10.64 43.31
N MET C 274 -7.83 -10.66 42.20
CA MET C 274 -7.21 -10.58 40.87
C MET C 274 -6.69 -9.16 40.65
N LYS C 275 -5.78 -8.97 39.69
CA LYS C 275 -5.41 -7.61 39.33
C LYS C 275 -6.61 -6.85 38.76
N ARG C 276 -6.71 -5.54 39.07
CA ARG C 276 -7.73 -4.72 38.45
C ARG C 276 -7.52 -4.73 36.93
N GLY C 277 -8.59 -4.99 36.17
CA GLY C 277 -8.47 -5.04 34.72
C GLY C 277 -8.02 -6.42 34.20
N ALA C 278 -8.07 -7.46 35.05
CA ALA C 278 -7.69 -8.80 34.59
C ALA C 278 -8.65 -9.29 33.50
N TYR C 279 -8.14 -10.19 32.64
CA TYR C 279 -8.97 -10.92 31.69
C TYR C 279 -9.11 -12.36 32.21
N LEU C 280 -10.32 -12.93 32.07
CA LEU C 280 -10.60 -14.29 32.54
C LEU C 280 -11.30 -15.06 31.42
N VAL C 281 -10.71 -16.21 31.06
CA VAL C 281 -11.25 -17.07 30.03
C VAL C 281 -11.56 -18.44 30.66
N ASN C 282 -12.75 -18.97 30.37
CA ASN C 282 -13.19 -20.22 30.95
C ASN C 282 -13.84 -21.11 29.88
N THR C 283 -13.10 -22.13 29.44
CA THR C 283 -13.59 -23.09 28.40
C THR C 283 -13.66 -24.49 29.02
N ALA C 284 -13.66 -24.57 30.35
CA ALA C 284 -13.73 -25.86 31.07
C ALA C 284 -15.17 -26.15 31.50
N ARG C 285 -15.67 -25.40 32.48
CA ARG C 285 -17.07 -25.60 32.98
C ARG C 285 -17.67 -24.25 33.41
N GLY C 286 -18.99 -24.15 33.39
CA GLY C 286 -19.71 -22.93 33.77
C GLY C 286 -19.57 -22.66 35.27
N LYS C 287 -19.83 -23.69 36.09
CA LYS C 287 -19.98 -23.46 37.52
C LYS C 287 -18.66 -23.20 38.24
N ILE C 288 -17.51 -23.30 37.54
CA ILE C 288 -16.25 -22.98 38.21
C ILE C 288 -16.23 -21.49 38.55
N CYS C 289 -17.00 -20.70 37.78
CA CYS C 289 -17.16 -19.26 37.91
C CYS C 289 -18.55 -18.94 38.43
N ASN C 290 -18.60 -18.20 39.55
CA ASN C 290 -19.89 -17.73 40.04
C ASN C 290 -20.48 -16.76 39.02
N ARG C 291 -21.69 -17.10 38.52
CA ARG C 291 -22.31 -16.38 37.43
C ARG C 291 -22.47 -14.90 37.75
N ASP C 292 -23.05 -14.57 38.91
CA ASP C 292 -23.30 -13.17 39.22
C ASP C 292 -22.00 -12.46 39.62
N ALA C 293 -21.03 -13.20 40.15
CA ALA C 293 -19.78 -12.58 40.53
C ALA C 293 -19.05 -12.06 39.28
N VAL C 294 -19.21 -12.77 38.15
CA VAL C 294 -18.52 -12.40 36.92
C VAL C 294 -19.14 -11.12 36.41
N VAL C 295 -20.47 -11.09 36.44
CA VAL C 295 -21.22 -9.94 35.98
C VAL C 295 -20.80 -8.73 36.82
N ARG C 296 -20.81 -8.88 38.15
CA ARG C 296 -20.45 -7.79 39.08
C ARG C 296 -19.02 -7.25 38.81
N ALA C 297 -18.07 -8.12 38.47
CA ALA C 297 -16.69 -7.69 38.25
C ALA C 297 -16.51 -7.02 36.89
N LEU C 298 -17.27 -7.45 35.89
CA LEU C 298 -17.23 -6.75 34.62
C LEU C 298 -17.87 -5.36 34.71
N GLU C 299 -18.97 -5.23 35.46
CA GLU C 299 -19.66 -3.95 35.62
C GLU C 299 -18.79 -2.95 36.38
N SER C 300 -17.99 -3.41 37.37
CA SER C 300 -17.14 -2.54 38.16
C SER C 300 -15.78 -2.33 37.48
N GLY C 301 -15.36 -3.26 36.60
CA GLY C 301 -14.07 -3.07 35.95
C GLY C 301 -12.96 -3.87 36.63
N GLN C 302 -13.32 -4.57 37.72
CA GLN C 302 -12.41 -5.53 38.32
C GLN C 302 -11.93 -6.51 37.25
N LEU C 303 -12.82 -6.98 36.35
CA LEU C 303 -12.36 -7.66 35.14
C LEU C 303 -12.52 -6.71 33.97
N ALA C 304 -11.48 -6.61 33.14
CA ALA C 304 -11.56 -5.88 31.88
C ALA C 304 -12.35 -6.67 30.83
N GLY C 305 -12.37 -8.01 30.97
CA GLY C 305 -13.03 -8.82 29.98
C GLY C 305 -13.15 -10.28 30.42
N TYR C 306 -14.15 -10.96 29.85
CA TYR C 306 -14.41 -12.37 30.19
C TYR C 306 -14.86 -13.05 28.89
N ALA C 307 -14.33 -14.24 28.62
CA ALA C 307 -14.79 -15.01 27.48
C ALA C 307 -14.73 -16.50 27.82
N GLY C 308 -15.56 -17.26 27.12
CA GLY C 308 -15.53 -18.70 27.28
C GLY C 308 -16.68 -19.31 26.47
N ASP C 309 -16.75 -20.64 26.47
CA ASP C 309 -17.82 -21.28 25.72
C ASP C 309 -18.66 -22.15 26.65
N VAL C 310 -18.50 -22.01 27.98
CA VAL C 310 -19.25 -22.83 28.94
C VAL C 310 -20.13 -21.96 29.83
N TRP C 311 -21.37 -22.43 30.06
CA TRP C 311 -22.45 -21.70 30.67
C TRP C 311 -23.12 -22.60 31.71
N PHE C 312 -23.77 -21.99 32.70
CA PHE C 312 -24.72 -22.71 33.55
C PHE C 312 -26.07 -22.00 33.60
N PRO C 313 -27.20 -22.69 33.29
CA PRO C 313 -27.17 -24.06 32.78
C PRO C 313 -26.89 -23.95 31.29
N GLN C 314 -26.87 -25.11 30.62
CA GLN C 314 -26.61 -25.22 29.20
C GLN C 314 -27.74 -26.03 28.60
N PRO C 315 -28.43 -25.61 27.51
CA PRO C 315 -28.18 -24.34 26.82
C PRO C 315 -28.50 -23.14 27.73
N ALA C 316 -27.79 -22.01 27.54
CA ALA C 316 -28.09 -20.82 28.32
C ALA C 316 -29.48 -20.30 27.96
N PRO C 317 -30.36 -20.01 28.96
CA PRO C 317 -31.64 -19.35 28.67
C PRO C 317 -31.44 -18.01 27.95
N LYS C 318 -32.47 -17.54 27.22
CA LYS C 318 -32.38 -16.32 26.46
C LYS C 318 -32.01 -15.13 27.36
N ASP C 319 -32.36 -15.25 28.63
CA ASP C 319 -32.24 -14.12 29.53
C ASP C 319 -31.02 -14.30 30.43
N HIS C 320 -30.17 -15.31 30.19
CA HIS C 320 -28.96 -15.56 30.99
C HIS C 320 -28.08 -14.30 30.95
N PRO C 321 -27.63 -13.76 32.10
CA PRO C 321 -27.00 -12.43 32.09
C PRO C 321 -25.62 -12.39 31.44
N TRP C 322 -25.03 -13.57 31.16
CA TRP C 322 -23.73 -13.59 30.49
C TRP C 322 -23.89 -13.14 29.04
N ARG C 323 -25.12 -13.18 28.51
CA ARG C 323 -25.35 -12.72 27.16
C ARG C 323 -25.16 -11.20 27.09
N THR C 324 -25.54 -10.47 28.15
CA THR C 324 -25.68 -9.03 28.02
C THR C 324 -24.68 -8.26 28.91
N MET C 325 -23.87 -8.95 29.73
CA MET C 325 -22.88 -8.25 30.54
C MET C 325 -21.86 -7.52 29.65
N PRO C 326 -21.24 -6.42 30.14
CA PRO C 326 -20.21 -5.71 29.38
C PRO C 326 -18.95 -6.54 29.13
N HIS C 327 -18.31 -6.30 27.98
CA HIS C 327 -16.93 -6.67 27.72
C HIS C 327 -16.73 -8.19 27.74
N HIS C 328 -17.68 -8.93 27.17
CA HIS C 328 -17.51 -10.38 27.06
C HIS C 328 -17.18 -10.75 25.61
N GLY C 329 -16.62 -11.95 25.41
CA GLY C 329 -16.42 -12.54 24.09
C GLY C 329 -16.93 -13.98 24.02
N MET C 330 -18.11 -14.24 24.62
CA MET C 330 -18.69 -15.58 24.78
C MET C 330 -18.95 -16.21 23.42
N THR C 331 -18.84 -17.54 23.31
CA THR C 331 -19.54 -18.27 22.27
C THR C 331 -20.49 -19.26 22.95
N PRO C 332 -21.42 -19.91 22.22
CA PRO C 332 -22.11 -21.08 22.76
C PRO C 332 -21.09 -22.19 22.96
N HIS C 333 -21.53 -23.33 23.48
CA HIS C 333 -20.62 -24.40 23.87
C HIS C 333 -20.23 -25.18 22.62
N ILE C 334 -19.16 -24.74 21.95
CA ILE C 334 -18.83 -25.24 20.62
C ILE C 334 -17.38 -25.65 20.42
N SER C 335 -16.47 -25.36 21.36
CA SER C 335 -15.06 -25.35 20.98
C SER C 335 -14.61 -26.77 20.62
N GLY C 336 -15.19 -27.76 21.32
CA GLY C 336 -14.81 -29.13 21.09
C GLY C 336 -15.62 -29.82 20.00
N THR C 337 -16.44 -29.08 19.23
CA THR C 337 -17.24 -29.68 18.17
C THR C 337 -16.97 -28.96 16.84
N SER C 338 -15.76 -28.43 16.68
CA SER C 338 -15.39 -27.99 15.35
C SER C 338 -15.54 -29.20 14.42
N LEU C 339 -15.65 -28.98 13.12
CA LEU C 339 -15.72 -30.09 12.16
C LEU C 339 -14.49 -30.99 12.28
N SER C 340 -13.31 -30.39 12.56
CA SER C 340 -12.06 -31.10 12.70
C SER C 340 -12.16 -32.10 13.86
N ALA C 341 -12.63 -31.63 15.02
CA ALA C 341 -12.79 -32.49 16.20
C ALA C 341 -13.87 -33.56 15.95
N GLN C 342 -14.96 -33.20 15.29
CA GLN C 342 -16.03 -34.15 15.02
C GLN C 342 -15.50 -35.35 14.23
N ALA C 343 -14.57 -35.12 13.30
CA ALA C 343 -14.04 -36.21 12.49
C ALA C 343 -13.34 -37.23 13.41
N ARG C 344 -12.57 -36.72 14.38
CA ARG C 344 -11.87 -37.59 15.31
C ARG C 344 -12.85 -38.33 16.24
N TYR C 345 -13.79 -37.62 16.91
CA TYR C 345 -14.61 -38.34 17.87
C TYR C 345 -15.63 -39.27 17.20
N ALA C 346 -16.04 -38.95 15.97
CA ALA C 346 -16.94 -39.85 15.24
C ALA C 346 -16.16 -41.12 14.87
N ALA C 347 -14.88 -40.95 14.52
CA ALA C 347 -14.03 -42.11 14.21
C ALA C 347 -13.80 -42.94 15.46
N GLY C 348 -13.60 -42.26 16.61
CA GLY C 348 -13.38 -42.93 17.89
C GLY C 348 -14.61 -43.68 18.35
N THR C 349 -15.80 -43.07 18.12
CA THR C 349 -17.06 -43.68 18.48
C THR C 349 -17.24 -45.02 17.76
N ARG C 350 -16.96 -45.01 16.46
CA ARG C 350 -16.98 -46.22 15.65
C ARG C 350 -15.94 -47.25 16.12
N GLU C 351 -14.70 -46.83 16.39
CA GLU C 351 -13.68 -47.72 16.90
C GLU C 351 -14.19 -48.46 18.17
N ILE C 352 -14.80 -47.72 19.09
CA ILE C 352 -15.29 -48.26 20.35
C ILE C 352 -16.41 -49.28 20.03
N LEU C 353 -17.35 -48.92 19.15
CA LEU C 353 -18.49 -49.77 18.82
C LEU C 353 -17.97 -51.05 18.18
N GLU C 354 -16.96 -50.94 17.29
CA GLU C 354 -16.38 -52.10 16.62
C GLU C 354 -15.82 -53.07 17.66
N CYS C 355 -15.05 -52.56 18.64
CA CYS C 355 -14.48 -53.42 19.68
C CYS C 355 -15.58 -54.09 20.48
N TRP C 356 -16.59 -53.29 20.88
CA TRP C 356 -17.74 -53.77 21.64
C TRP C 356 -18.45 -54.92 20.93
N PHE C 357 -18.87 -54.73 19.65
CA PHE C 357 -19.61 -55.77 18.96
C PHE C 357 -18.74 -56.98 18.62
N GLU C 358 -17.43 -56.78 18.39
CA GLU C 358 -16.58 -57.91 18.02
C GLU C 358 -15.93 -58.54 19.25
N GLU C 359 -16.32 -58.10 20.45
CA GLU C 359 -15.75 -58.63 21.69
C GLU C 359 -14.23 -58.54 21.74
N ARG C 360 -13.68 -57.39 21.36
CA ARG C 360 -12.26 -57.03 21.51
C ARG C 360 -12.15 -55.96 22.59
N PRO C 361 -11.04 -55.82 23.36
CA PRO C 361 -11.01 -54.80 24.41
C PRO C 361 -11.03 -53.39 23.82
N ILE C 362 -11.87 -52.51 24.41
CA ILE C 362 -11.82 -51.09 24.12
C ILE C 362 -10.50 -50.53 24.66
N ARG C 363 -9.88 -49.55 23.97
CA ARG C 363 -8.59 -49.05 24.43
C ARG C 363 -8.67 -48.68 25.90
N GLU C 364 -7.62 -49.03 26.66
CA GLU C 364 -7.61 -48.67 28.08
C GLU C 364 -7.80 -47.17 28.26
N GLU C 365 -7.17 -46.36 27.40
CA GLU C 365 -7.24 -44.91 27.57
C GLU C 365 -8.63 -44.31 27.32
N TYR C 366 -9.55 -45.03 26.65
CA TYR C 366 -10.92 -44.56 26.40
C TYR C 366 -11.84 -44.87 27.58
N LEU C 367 -11.43 -45.77 28.50
CA LEU C 367 -12.38 -46.32 29.46
C LEU C 367 -12.50 -45.45 30.71
N ILE C 368 -13.72 -45.12 31.10
CA ILE C 368 -13.95 -44.35 32.33
C ILE C 368 -14.44 -45.28 33.44
N VAL C 369 -15.34 -46.21 33.07
CA VAL C 369 -15.85 -47.22 33.97
C VAL C 369 -15.79 -48.54 33.22
N ASP C 370 -15.24 -49.57 33.87
CA ASP C 370 -15.14 -50.91 33.29
C ASP C 370 -14.84 -51.88 34.43
N GLY C 371 -15.34 -53.13 34.34
CA GLY C 371 -14.92 -54.17 35.26
C GLY C 371 -15.34 -53.85 36.70
N GLY C 372 -16.44 -53.12 36.82
CA GLY C 372 -17.03 -52.79 38.12
C GLY C 372 -16.40 -51.61 38.83
N LYS C 373 -15.54 -50.86 38.17
CA LYS C 373 -14.93 -49.74 38.90
C LYS C 373 -14.51 -48.63 37.93
N LEU C 374 -14.15 -47.50 38.52
CA LEU C 374 -13.58 -46.35 37.80
C LEU C 374 -12.26 -46.86 37.24
N ALA C 375 -11.98 -46.63 35.97
CA ALA C 375 -10.74 -47.18 35.40
C ALA C 375 -9.53 -46.37 35.89
N ALA D 2 -45.92 -0.57 -44.36
CA ALA D 2 -45.07 -0.74 -43.11
C ALA D 2 -45.25 0.53 -42.27
N LYS D 3 -45.04 0.40 -40.95
CA LYS D 3 -45.04 1.55 -40.05
C LYS D 3 -43.61 1.78 -39.58
N ILE D 4 -43.12 3.00 -39.85
CA ILE D 4 -41.81 3.43 -39.40
C ILE D 4 -42.04 4.37 -38.21
N LEU D 5 -41.42 4.02 -37.10
CA LEU D 5 -41.55 4.76 -35.85
C LEU D 5 -40.24 5.51 -35.60
N CYS D 6 -40.28 6.83 -35.66
CA CYS D 6 -39.04 7.57 -35.65
C CYS D 6 -39.08 8.59 -34.49
N VAL D 7 -38.09 8.53 -33.59
CA VAL D 7 -38.01 9.40 -32.41
C VAL D 7 -36.90 10.41 -32.68
N LEU D 8 -37.20 11.71 -32.52
CA LEU D 8 -36.28 12.80 -32.80
C LEU D 8 -36.43 13.82 -31.70
N TYR D 9 -35.45 14.73 -31.55
CA TYR D 9 -35.56 15.69 -30.46
C TYR D 9 -36.55 16.78 -30.86
N ASP D 10 -36.93 17.61 -29.88
CA ASP D 10 -37.90 18.68 -30.10
C ASP D 10 -37.33 19.75 -31.03
N ASP D 11 -38.23 20.48 -31.67
CA ASP D 11 -37.87 21.60 -32.53
C ASP D 11 -37.33 22.70 -31.63
N PRO D 12 -36.65 23.74 -32.18
CA PRO D 12 -36.23 24.89 -31.38
C PRO D 12 -37.44 25.54 -30.68
N ILE D 13 -37.22 26.22 -29.54
CA ILE D 13 -38.35 26.79 -28.81
C ILE D 13 -38.92 27.98 -29.58
N THR D 14 -38.18 28.53 -30.53
CA THR D 14 -38.68 29.58 -31.40
C THR D 14 -39.33 28.99 -32.64
N GLY D 15 -39.57 27.65 -32.63
CA GLY D 15 -40.22 26.97 -33.72
C GLY D 15 -39.24 26.46 -34.79
N TYR D 16 -39.71 25.54 -35.61
CA TYR D 16 -38.92 25.03 -36.72
C TYR D 16 -38.40 26.18 -37.60
N PRO D 17 -37.11 26.24 -37.97
CA PRO D 17 -36.61 27.43 -38.67
C PRO D 17 -37.16 27.58 -40.09
N LYS D 18 -37.47 28.83 -40.44
CA LYS D 18 -38.01 29.19 -41.74
C LYS D 18 -36.85 29.53 -42.67
N SER D 19 -35.65 29.77 -42.10
CA SER D 19 -34.47 30.08 -42.90
C SER D 19 -33.22 29.79 -42.08
N TYR D 20 -32.05 29.82 -42.73
CA TYR D 20 -30.81 29.39 -42.07
C TYR D 20 -29.76 30.48 -42.25
N ALA D 21 -28.67 30.36 -41.50
CA ALA D 21 -27.59 31.35 -41.57
C ALA D 21 -26.84 31.28 -42.92
N ARG D 22 -26.85 30.10 -43.56
CA ARG D 22 -26.21 29.93 -44.86
C ARG D 22 -27.08 29.09 -45.80
N ALA D 23 -26.76 29.17 -47.10
CA ALA D 23 -27.60 28.62 -48.16
C ALA D 23 -27.29 27.12 -48.38
N ASP D 24 -26.11 26.66 -47.96
CA ASP D 24 -25.68 25.29 -48.28
C ASP D 24 -24.56 24.86 -47.33
N VAL D 25 -24.18 23.60 -47.38
CA VAL D 25 -23.04 23.11 -46.59
C VAL D 25 -22.08 22.41 -47.56
N PRO D 26 -20.79 22.25 -47.23
CA PRO D 26 -19.90 21.53 -48.12
C PRO D 26 -20.34 20.08 -48.44
N LYS D 27 -20.02 19.63 -49.65
CA LYS D 27 -20.35 18.24 -50.01
C LYS D 27 -19.18 17.32 -49.60
N ILE D 28 -19.43 16.43 -48.67
CA ILE D 28 -18.47 15.43 -48.18
C ILE D 28 -18.61 14.16 -49.04
N ASP D 29 -17.57 13.80 -49.76
CA ASP D 29 -17.63 12.69 -50.70
C ASP D 29 -17.19 11.37 -50.03
N HIS D 30 -16.22 11.46 -49.10
CA HIS D 30 -15.73 10.27 -48.42
C HIS D 30 -15.04 10.64 -47.11
N TYR D 31 -14.67 9.61 -46.37
CA TYR D 31 -14.09 9.79 -45.05
C TYR D 31 -12.64 9.35 -45.10
N PRO D 32 -11.82 9.77 -44.11
CA PRO D 32 -10.45 9.30 -44.01
C PRO D 32 -10.36 7.77 -44.05
N GLY D 33 -9.45 7.28 -44.89
CA GLY D 33 -9.30 5.84 -45.09
C GLY D 33 -10.15 5.35 -46.27
N GLY D 34 -11.10 6.16 -46.75
CA GLY D 34 -11.68 5.84 -48.07
C GLY D 34 -13.17 5.46 -48.10
N GLN D 35 -13.81 5.19 -46.96
CA GLN D 35 -15.26 4.91 -46.94
C GLN D 35 -16.03 6.04 -47.60
N THR D 36 -16.86 5.72 -48.61
CA THR D 36 -17.67 6.75 -49.25
C THR D 36 -18.75 7.25 -48.27
N ALA D 37 -19.08 8.54 -48.43
CA ALA D 37 -20.25 9.15 -47.80
C ALA D 37 -21.52 8.42 -48.25
N PRO D 38 -22.63 8.55 -47.51
CA PRO D 38 -23.87 7.84 -47.86
C PRO D 38 -24.23 8.05 -49.32
N THR D 39 -24.84 7.02 -49.93
CA THR D 39 -25.23 7.06 -51.33
C THR D 39 -26.70 6.64 -51.49
N PRO D 40 -27.70 7.39 -50.95
CA PRO D 40 -29.12 7.12 -51.23
C PRO D 40 -29.37 7.49 -52.69
N LYS D 41 -30.36 6.84 -53.31
CA LYS D 41 -30.68 7.10 -54.72
C LYS D 41 -31.10 8.55 -54.87
N GLN D 42 -31.78 9.10 -53.86
CA GLN D 42 -32.18 10.49 -53.88
C GLN D 42 -32.35 10.95 -52.43
N ILE D 43 -32.35 12.27 -52.24
CA ILE D 43 -32.71 12.82 -50.94
C ILE D 43 -33.77 13.88 -51.17
N ASP D 44 -34.62 14.12 -50.18
CA ASP D 44 -35.68 15.08 -50.34
C ASP D 44 -35.43 16.32 -49.48
N PHE D 45 -34.17 16.59 -49.11
CA PHE D 45 -33.89 17.79 -48.34
C PHE D 45 -32.73 18.51 -49.02
N THR D 46 -32.51 19.77 -48.66
CA THR D 46 -31.24 20.42 -49.00
C THR D 46 -30.25 20.23 -47.85
N PRO D 47 -29.05 19.65 -48.07
CA PRO D 47 -28.08 19.58 -46.99
C PRO D 47 -27.93 20.96 -46.34
N GLY D 48 -28.05 20.97 -45.01
CA GLY D 48 -27.98 22.20 -44.25
C GLY D 48 -29.31 22.42 -43.51
N GLU D 49 -30.38 21.70 -43.89
CA GLU D 49 -31.65 21.89 -43.19
C GLU D 49 -31.59 21.19 -41.82
N LEU D 50 -32.48 21.59 -40.89
CA LEU D 50 -32.53 20.91 -39.59
C LEU D 50 -33.35 19.63 -39.76
N LEU D 51 -32.70 18.47 -39.69
CA LEU D 51 -33.37 17.22 -40.05
C LEU D 51 -33.64 16.37 -38.81
N GLY D 52 -32.87 16.60 -37.74
CA GLY D 52 -32.92 15.72 -36.57
C GLY D 52 -33.96 16.14 -35.52
N SER D 53 -34.70 17.24 -35.76
CA SER D 53 -35.84 17.59 -34.90
C SER D 53 -37.14 17.01 -35.45
N VAL D 54 -38.21 17.10 -34.64
CA VAL D 54 -39.50 16.50 -34.94
C VAL D 54 -40.05 16.98 -36.28
N SER D 55 -39.97 18.27 -36.62
CA SER D 55 -40.51 18.76 -37.90
C SER D 55 -39.56 18.49 -39.06
N GLY D 56 -38.32 18.09 -38.79
CA GLY D 56 -37.35 17.80 -39.85
C GLY D 56 -37.53 16.38 -40.43
N GLU D 57 -37.88 15.43 -39.56
CA GLU D 57 -38.31 14.07 -39.93
C GLU D 57 -37.18 13.27 -40.64
N LEU D 58 -35.92 13.70 -40.45
CA LEU D 58 -34.78 13.17 -41.18
C LEU D 58 -35.02 13.18 -42.69
N GLY D 59 -35.93 14.04 -43.18
CA GLY D 59 -36.13 14.11 -44.62
C GLY D 59 -36.85 12.90 -45.22
N LEU D 60 -37.60 12.15 -44.40
CA LEU D 60 -38.08 10.83 -44.83
C LEU D 60 -39.57 10.80 -45.22
N ARG D 61 -40.39 11.80 -44.84
CA ARG D 61 -41.85 11.57 -44.89
C ARG D 61 -42.34 11.27 -46.30
N LYS D 62 -41.94 12.11 -47.25
CA LYS D 62 -42.51 12.05 -48.59
C LYS D 62 -42.08 10.76 -49.28
N TYR D 63 -40.84 10.34 -48.99
CA TYR D 63 -40.30 9.12 -49.54
C TYR D 63 -41.10 7.94 -48.99
N LEU D 64 -41.24 7.89 -47.67
CA LEU D 64 -41.94 6.77 -47.07
C LEU D 64 -43.43 6.74 -47.44
N GLU D 65 -44.12 7.89 -47.39
CA GLU D 65 -45.54 7.90 -47.71
C GLU D 65 -45.73 7.60 -49.19
N GLY D 66 -44.76 7.99 -50.01
CA GLY D 66 -44.80 7.71 -51.43
C GLY D 66 -44.80 6.22 -51.72
N LEU D 67 -44.29 5.39 -50.80
CA LEU D 67 -44.30 3.96 -51.00
C LEU D 67 -45.48 3.30 -50.29
N GLY D 68 -46.33 4.11 -49.65
CA GLY D 68 -47.52 3.57 -49.03
C GLY D 68 -47.32 3.38 -47.53
N HIS D 69 -46.12 3.67 -47.02
CA HIS D 69 -45.84 3.37 -45.61
C HIS D 69 -46.36 4.49 -44.72
N THR D 70 -46.48 4.21 -43.42
CA THR D 70 -46.79 5.30 -42.51
C THR D 70 -45.55 5.65 -41.67
N LEU D 71 -45.35 6.97 -41.46
CA LEU D 71 -44.21 7.43 -40.66
C LEU D 71 -44.75 8.12 -39.42
N VAL D 72 -44.39 7.63 -38.21
CA VAL D 72 -44.80 8.29 -36.98
C VAL D 72 -43.57 8.91 -36.33
N VAL D 73 -43.58 10.24 -36.15
CA VAL D 73 -42.44 10.94 -35.54
C VAL D 73 -42.87 11.46 -34.18
N THR D 74 -42.05 11.23 -33.15
CA THR D 74 -42.36 11.81 -31.85
C THR D 74 -41.05 12.07 -31.09
N SER D 75 -41.11 13.01 -30.13
CA SER D 75 -40.01 13.11 -29.16
C SER D 75 -40.35 12.44 -27.83
N ASP D 76 -41.58 11.93 -27.70
CA ASP D 76 -42.09 11.45 -26.41
C ASP D 76 -41.70 9.99 -26.26
N LYS D 77 -40.58 9.74 -25.58
CA LYS D 77 -39.99 8.43 -25.77
C LYS D 77 -39.85 7.69 -24.43
N GLU D 78 -40.16 8.37 -23.33
CA GLU D 78 -39.76 7.88 -22.02
C GLU D 78 -40.95 7.22 -21.34
N GLY D 79 -40.70 6.03 -20.80
CA GLY D 79 -41.71 5.42 -19.95
C GLY D 79 -42.55 4.42 -20.74
N GLU D 80 -43.28 3.58 -19.99
CA GLU D 80 -44.13 2.55 -20.57
C GLU D 80 -45.34 3.20 -21.25
N ASP D 81 -45.61 4.47 -20.96
CA ASP D 81 -46.80 5.05 -21.56
C ASP D 81 -46.47 6.14 -22.58
N SER D 82 -45.22 6.19 -23.07
CA SER D 82 -44.86 7.19 -24.08
C SER D 82 -45.58 6.90 -25.41
N VAL D 83 -45.82 7.95 -26.23
CA VAL D 83 -46.21 7.74 -27.63
C VAL D 83 -45.32 6.65 -28.26
N PHE D 84 -44.02 6.70 -27.97
CA PHE D 84 -43.09 5.75 -28.55
C PHE D 84 -43.54 4.35 -28.15
N GLU D 85 -43.77 4.15 -26.84
CA GLU D 85 -44.05 2.82 -26.34
C GLU D 85 -45.43 2.33 -26.80
N ARG D 86 -46.38 3.25 -26.96
CA ARG D 86 -47.69 2.88 -27.46
C ARG D 86 -47.65 2.43 -28.93
N GLU D 87 -46.76 3.02 -29.74
CA GLU D 87 -46.76 2.76 -31.17
C GLU D 87 -45.86 1.57 -31.47
N LEU D 88 -45.01 1.20 -30.52
CA LEU D 88 -43.96 0.24 -30.78
C LEU D 88 -44.49 -1.15 -31.17
N PRO D 89 -45.57 -1.70 -30.54
CA PRO D 89 -46.00 -3.07 -30.85
C PRO D 89 -46.29 -3.26 -32.35
N ASP D 90 -46.61 -2.14 -33.02
CA ASP D 90 -47.09 -2.09 -34.39
C ASP D 90 -45.99 -1.76 -35.41
N ALA D 91 -44.75 -1.46 -34.98
CA ALA D 91 -43.76 -0.84 -35.86
C ALA D 91 -42.86 -1.88 -36.56
N GLU D 92 -42.63 -1.74 -37.87
CA GLU D 92 -41.72 -2.64 -38.58
C GLU D 92 -40.27 -2.20 -38.43
N ILE D 93 -40.12 -0.88 -38.21
CA ILE D 93 -38.83 -0.19 -38.22
C ILE D 93 -38.84 0.90 -37.15
N VAL D 94 -37.72 0.95 -36.40
CA VAL D 94 -37.50 2.02 -35.42
C VAL D 94 -36.22 2.73 -35.80
N ILE D 95 -36.26 4.08 -35.73
CA ILE D 95 -35.14 4.95 -36.02
C ILE D 95 -35.04 5.93 -34.86
N SER D 96 -33.81 6.13 -34.33
CA SER D 96 -33.56 7.24 -33.44
C SER D 96 -32.10 7.65 -33.49
N GLN D 97 -31.79 8.82 -32.91
CA GLN D 97 -30.42 9.30 -32.92
C GLN D 97 -29.86 9.13 -31.52
N PRO D 98 -28.53 8.93 -31.35
CA PRO D 98 -27.94 8.91 -30.00
C PRO D 98 -28.19 10.21 -29.22
N PHE D 99 -28.61 11.28 -29.89
CA PHE D 99 -28.80 12.56 -29.20
C PHE D 99 -30.19 12.63 -28.57
N TRP D 100 -31.10 11.72 -28.97
CA TRP D 100 -32.41 11.62 -28.32
C TRP D 100 -32.90 10.17 -28.49
N PRO D 101 -32.24 9.18 -27.82
CA PRO D 101 -32.35 7.77 -28.21
C PRO D 101 -33.61 7.11 -27.70
N ALA D 102 -34.27 6.37 -28.61
CA ALA D 102 -35.37 5.49 -28.27
C ALA D 102 -34.76 4.15 -27.82
N TYR D 103 -34.80 3.87 -26.51
CA TYR D 103 -34.10 2.72 -25.96
C TYR D 103 -34.81 1.43 -26.37
N LEU D 104 -34.06 0.48 -26.93
CA LEU D 104 -34.69 -0.79 -27.26
C LEU D 104 -34.19 -1.84 -26.27
N THR D 105 -34.82 -1.85 -25.10
CA THR D 105 -34.48 -2.76 -24.00
C THR D 105 -35.08 -4.14 -24.30
N PRO D 106 -34.66 -5.22 -23.59
CA PRO D 106 -35.26 -6.54 -23.79
C PRO D 106 -36.78 -6.55 -23.67
N GLU D 107 -37.36 -5.84 -22.70
CA GLU D 107 -38.82 -5.88 -22.55
C GLU D 107 -39.46 -5.12 -23.72
N ARG D 108 -38.81 -4.03 -24.18
CA ARG D 108 -39.38 -3.32 -25.33
C ARG D 108 -39.31 -4.16 -26.60
N ILE D 109 -38.18 -4.83 -26.82
CA ILE D 109 -38.04 -5.70 -27.97
C ILE D 109 -39.08 -6.83 -27.93
N ALA D 110 -39.30 -7.43 -26.73
CA ALA D 110 -40.29 -8.49 -26.57
C ALA D 110 -41.69 -8.03 -27.00
N LYS D 111 -42.05 -6.76 -26.75
CA LYS D 111 -43.37 -6.31 -27.17
C LYS D 111 -43.42 -5.79 -28.60
N ALA D 112 -42.27 -5.58 -29.24
CA ALA D 112 -42.22 -5.08 -30.63
C ALA D 112 -42.41 -6.26 -31.58
N LYS D 113 -43.66 -6.70 -31.70
CA LYS D 113 -43.97 -7.94 -32.43
C LYS D 113 -43.57 -7.89 -33.90
N LYS D 114 -43.64 -6.74 -34.56
CA LYS D 114 -43.34 -6.64 -36.00
C LYS D 114 -41.98 -5.97 -36.30
N LEU D 115 -41.20 -5.68 -35.28
CA LEU D 115 -39.97 -4.93 -35.49
C LEU D 115 -38.92 -5.84 -36.13
N LYS D 116 -38.37 -5.45 -37.29
CA LYS D 116 -37.30 -6.21 -37.90
C LYS D 116 -36.07 -5.38 -38.22
N LEU D 117 -36.16 -4.04 -38.14
CA LEU D 117 -35.00 -3.19 -38.42
C LEU D 117 -34.96 -2.03 -37.42
N ALA D 118 -33.79 -1.87 -36.79
CA ALA D 118 -33.55 -0.78 -35.85
C ALA D 118 -32.37 0.01 -36.41
N VAL D 119 -32.62 1.28 -36.76
CA VAL D 119 -31.58 2.09 -37.40
C VAL D 119 -31.12 3.13 -36.39
N THR D 120 -29.80 3.29 -36.24
CA THR D 120 -29.27 4.44 -35.54
C THR D 120 -28.97 5.58 -36.52
N ALA D 121 -29.63 6.72 -36.34
CA ALA D 121 -29.43 7.87 -37.22
C ALA D 121 -28.23 8.62 -36.65
N GLY D 122 -27.04 8.20 -37.06
CA GLY D 122 -25.82 8.59 -36.37
C GLY D 122 -24.95 7.35 -36.13
N ILE D 123 -24.18 7.36 -35.05
CA ILE D 123 -23.19 6.27 -34.87
C ILE D 123 -23.42 5.54 -33.53
N GLY D 124 -23.24 4.23 -33.58
CA GLY D 124 -23.34 3.32 -32.44
C GLY D 124 -24.74 2.76 -32.32
N SER D 125 -24.93 1.99 -31.27
CA SER D 125 -26.14 1.21 -31.01
C SER D 125 -26.20 1.02 -29.50
N ASP D 126 -25.67 2.00 -28.76
CA ASP D 126 -25.58 1.95 -27.28
C ASP D 126 -26.96 1.78 -26.62
N HIS D 127 -28.03 2.30 -27.23
CA HIS D 127 -29.43 2.27 -26.73
C HIS D 127 -30.14 0.97 -27.15
N VAL D 128 -29.47 0.04 -27.82
CA VAL D 128 -30.12 -1.20 -28.31
C VAL D 128 -29.54 -2.45 -27.64
N ASP D 129 -30.41 -3.31 -27.09
CA ASP D 129 -29.93 -4.57 -26.48
C ASP D 129 -29.62 -5.54 -27.60
N LEU D 130 -28.34 -5.73 -27.92
CA LEU D 130 -27.96 -6.54 -29.06
C LEU D 130 -28.37 -8.00 -28.88
N GLU D 131 -28.25 -8.50 -27.64
CA GLU D 131 -28.62 -9.87 -27.32
C GLU D 131 -30.09 -10.09 -27.69
N ALA D 132 -30.97 -9.18 -27.29
CA ALA D 132 -32.39 -9.30 -27.58
C ALA D 132 -32.63 -9.18 -29.08
N ALA D 133 -31.86 -8.31 -29.74
CA ALA D 133 -31.99 -8.12 -31.18
C ALA D 133 -31.63 -9.40 -31.94
N ILE D 134 -30.52 -10.04 -31.54
CA ILE D 134 -30.05 -11.29 -32.11
C ILE D 134 -31.14 -12.36 -31.94
N LYS D 135 -31.66 -12.51 -30.71
CA LYS D 135 -32.68 -13.50 -30.42
C LYS D 135 -33.93 -13.28 -31.27
N ASN D 136 -34.28 -12.01 -31.51
CA ASN D 136 -35.49 -11.76 -32.28
C ASN D 136 -35.27 -11.63 -33.79
N GLY D 137 -34.03 -11.81 -34.28
CA GLY D 137 -33.77 -11.72 -35.72
C GLY D 137 -33.97 -10.31 -36.26
N ILE D 138 -33.67 -9.30 -35.41
CA ILE D 138 -33.75 -7.89 -35.78
C ILE D 138 -32.42 -7.42 -36.36
N THR D 139 -32.45 -6.83 -37.56
CA THR D 139 -31.27 -6.15 -38.06
C THR D 139 -31.07 -4.81 -37.34
N VAL D 140 -29.81 -4.55 -36.96
CA VAL D 140 -29.40 -3.31 -36.32
C VAL D 140 -28.33 -2.68 -37.20
N ALA D 141 -28.54 -1.41 -37.60
CA ALA D 141 -27.64 -0.72 -38.51
C ALA D 141 -27.42 0.71 -38.02
N GLU D 142 -26.26 1.28 -38.37
CA GLU D 142 -25.88 2.65 -38.00
C GLU D 142 -25.17 3.30 -39.20
N VAL D 143 -25.10 4.64 -39.22
CA VAL D 143 -24.47 5.35 -40.32
C VAL D 143 -23.02 5.61 -39.93
N THR D 144 -22.21 4.54 -40.04
CA THR D 144 -20.78 4.53 -39.74
C THR D 144 -20.07 5.77 -40.31
N TYR D 145 -19.26 6.40 -39.45
CA TYR D 145 -18.38 7.52 -39.82
C TYR D 145 -19.16 8.85 -39.96
N SER D 146 -20.48 8.82 -39.85
CA SER D 146 -21.25 9.99 -40.28
C SER D 146 -20.96 11.22 -39.42
N ASN D 147 -20.58 11.07 -38.15
CA ASN D 147 -20.31 12.30 -37.39
C ASN D 147 -18.96 12.28 -36.64
N SER D 148 -18.09 11.31 -36.96
CA SER D 148 -16.80 11.18 -36.28
C SER D 148 -15.99 12.47 -36.40
N ILE D 149 -15.98 13.09 -37.60
CA ILE D 149 -15.20 14.30 -37.81
C ILE D 149 -15.80 15.46 -37.01
N SER D 150 -17.13 15.54 -36.98
CA SER D 150 -17.83 16.59 -36.25
C SER D 150 -17.37 16.62 -34.79
N VAL D 151 -17.27 15.44 -34.18
CA VAL D 151 -16.86 15.29 -32.78
C VAL D 151 -15.41 15.77 -32.62
N SER D 152 -14.53 15.39 -33.57
CA SER D 152 -13.12 15.72 -33.44
C SER D 152 -12.92 17.26 -33.47
N GLU D 153 -13.69 17.95 -34.30
CA GLU D 153 -13.62 19.41 -34.29
C GLU D 153 -14.10 19.96 -32.93
N HIS D 154 -15.21 19.43 -32.41
CA HIS D 154 -15.71 19.93 -31.15
C HIS D 154 -14.63 19.78 -30.07
N VAL D 155 -13.91 18.65 -30.06
CA VAL D 155 -12.87 18.37 -29.08
C VAL D 155 -11.79 19.45 -29.16
N VAL D 156 -11.27 19.69 -30.38
CA VAL D 156 -10.16 20.64 -30.50
C VAL D 156 -10.60 22.04 -30.13
N MET D 157 -11.80 22.44 -30.59
CA MET D 157 -12.41 23.70 -30.16
C MET D 157 -12.41 23.81 -28.63
N MET D 158 -12.83 22.75 -27.92
CA MET D 158 -12.90 22.78 -26.45
C MET D 158 -11.52 22.87 -25.77
N ILE D 159 -10.56 22.09 -26.27
CA ILE D 159 -9.20 22.20 -25.78
C ILE D 159 -8.70 23.65 -25.87
N LEU D 160 -8.87 24.29 -27.04
CA LEU D 160 -8.32 25.62 -27.24
C LEU D 160 -9.02 26.60 -26.28
N SER D 161 -10.34 26.45 -26.16
CA SER D 161 -11.13 27.39 -25.36
C SER D 161 -10.75 27.30 -23.88
N LEU D 162 -10.52 26.07 -23.40
CA LEU D 162 -10.18 25.87 -21.99
C LEU D 162 -8.78 26.47 -21.76
N VAL D 163 -7.85 26.12 -22.66
CA VAL D 163 -6.46 26.46 -22.44
C VAL D 163 -6.28 27.97 -22.51
N ARG D 164 -6.99 28.62 -23.44
CA ARG D 164 -6.79 30.06 -23.67
C ARG D 164 -7.72 30.93 -22.83
N ASN D 165 -8.61 30.30 -22.07
CA ASN D 165 -9.52 31.01 -21.17
C ASN D 165 -10.54 31.86 -21.96
N TYR D 166 -11.10 31.28 -23.02
CA TYR D 166 -11.95 32.01 -23.94
C TYR D 166 -13.24 32.53 -23.28
N ILE D 167 -14.03 31.62 -22.68
CA ILE D 167 -15.38 31.97 -22.29
C ILE D 167 -15.37 33.12 -21.26
N PRO D 168 -14.55 33.08 -20.18
CA PRO D 168 -14.49 34.22 -19.25
C PRO D 168 -14.04 35.53 -19.93
N SER D 169 -13.19 35.44 -20.97
CA SER D 169 -12.75 36.66 -21.64
C SER D 169 -13.93 37.27 -22.41
N TYR D 170 -14.66 36.40 -23.14
CA TYR D 170 -15.86 36.84 -23.83
C TYR D 170 -16.85 37.43 -22.82
N GLN D 171 -16.99 36.80 -21.66
CA GLN D 171 -17.93 37.33 -20.66
C GLN D 171 -17.53 38.74 -20.22
N TRP D 172 -16.22 39.06 -20.12
CA TRP D 172 -15.86 40.45 -19.82
C TRP D 172 -16.39 41.44 -20.86
N VAL D 173 -16.40 41.06 -22.13
CA VAL D 173 -16.89 41.94 -23.17
C VAL D 173 -18.36 42.25 -22.90
N ILE D 174 -19.15 41.18 -22.71
CA ILE D 174 -20.59 41.25 -22.48
C ILE D 174 -20.86 42.12 -21.25
N LYS D 175 -20.07 41.98 -20.19
CA LYS D 175 -20.29 42.71 -18.94
C LYS D 175 -19.95 44.20 -19.12
N GLY D 176 -19.36 44.60 -20.25
CA GLY D 176 -18.92 45.98 -20.41
C GLY D 176 -17.50 46.23 -19.88
N GLY D 177 -16.71 45.16 -19.64
CA GLY D 177 -15.38 45.29 -19.08
C GLY D 177 -14.28 45.15 -20.16
N TRP D 178 -13.03 45.20 -19.70
CA TRP D 178 -11.88 45.01 -20.55
C TRP D 178 -10.92 44.06 -19.85
N ASN D 179 -10.32 44.52 -18.73
CA ASN D 179 -9.89 43.57 -17.71
C ASN D 179 -8.88 42.57 -18.28
N ILE D 180 -7.86 43.10 -18.99
CA ILE D 180 -6.89 42.24 -19.65
C ILE D 180 -6.27 41.24 -18.66
N ALA D 181 -5.82 41.71 -17.50
CA ALA D 181 -5.09 40.81 -16.60
C ALA D 181 -6.02 39.72 -16.04
N ASP D 182 -7.28 40.07 -15.84
CA ASP D 182 -8.26 39.08 -15.36
C ASP D 182 -8.46 37.98 -16.42
N CYS D 183 -8.50 38.37 -17.69
CA CYS D 183 -8.59 37.39 -18.76
C CYS D 183 -7.34 36.52 -18.78
N VAL D 184 -6.13 37.12 -18.71
CA VAL D 184 -4.96 36.33 -19.09
C VAL D 184 -4.28 35.66 -17.91
N GLU D 185 -4.69 35.95 -16.65
CA GLU D 185 -4.05 35.27 -15.53
C GLU D 185 -4.31 33.75 -15.56
N ARG D 186 -5.18 33.27 -16.47
CA ARG D 186 -5.48 31.86 -16.69
C ARG D 186 -5.42 31.50 -18.16
N SER D 187 -4.77 32.32 -19.00
CA SER D 187 -4.70 32.07 -20.44
C SER D 187 -3.30 31.56 -20.81
N TYR D 188 -3.25 30.38 -21.45
CA TYR D 188 -1.99 29.82 -21.91
C TYR D 188 -2.06 29.55 -23.42
N ASP D 189 -0.89 29.40 -24.05
CA ASP D 189 -0.89 28.85 -25.41
C ASP D 189 -0.95 27.33 -25.33
N LEU D 190 -1.53 26.71 -26.36
CA LEU D 190 -1.50 25.25 -26.49
C LEU D 190 -0.13 24.72 -26.96
N GLU D 191 0.63 25.53 -27.71
CA GLU D 191 1.83 25.07 -28.38
C GLU D 191 2.78 24.36 -27.41
N ALA D 192 3.32 23.18 -27.79
CA ALA D 192 4.34 22.47 -27.04
C ALA D 192 3.84 21.85 -25.73
N MET D 193 2.53 21.93 -25.45
CA MET D 193 1.93 21.12 -24.38
C MET D 193 1.84 19.66 -24.79
N HIS D 194 1.81 18.79 -23.79
CA HIS D 194 1.63 17.35 -23.95
C HIS D 194 0.14 17.04 -23.98
N VAL D 195 -0.36 16.49 -25.09
CA VAL D 195 -1.77 16.17 -25.20
C VAL D 195 -1.89 14.69 -25.51
N GLY D 196 -2.78 14.01 -24.77
CA GLY D 196 -2.97 12.58 -24.98
C GLY D 196 -4.44 12.26 -25.20
N THR D 197 -4.67 11.23 -26.01
CA THR D 197 -6.01 10.72 -26.26
C THR D 197 -6.14 9.31 -25.68
N VAL D 198 -7.27 9.10 -24.98
CA VAL D 198 -7.72 7.76 -24.62
C VAL D 198 -8.47 7.20 -25.81
N ALA D 199 -7.79 6.28 -26.51
CA ALA D 199 -8.20 5.58 -27.72
C ALA D 199 -7.85 6.41 -28.96
N ALA D 200 -7.47 5.70 -30.03
CA ALA D 200 -7.17 6.32 -31.31
C ALA D 200 -7.96 5.65 -32.42
N GLY D 201 -9.29 5.63 -32.26
CA GLY D 201 -10.14 5.13 -33.33
C GLY D 201 -10.42 6.26 -34.33
N ARG D 202 -11.56 6.19 -35.01
CA ARG D 202 -11.93 7.23 -35.97
C ARG D 202 -11.85 8.63 -35.35
N ILE D 203 -12.40 8.82 -34.14
CA ILE D 203 -12.45 10.14 -33.53
C ILE D 203 -11.07 10.48 -32.99
N GLY D 204 -10.45 9.56 -32.25
CA GLY D 204 -9.20 9.94 -31.63
C GLY D 204 -8.11 10.22 -32.68
N LEU D 205 -8.10 9.49 -33.79
CA LEU D 205 -7.14 9.83 -34.84
C LEU D 205 -7.41 11.18 -35.52
N ALA D 206 -8.67 11.45 -35.81
CA ALA D 206 -9.05 12.74 -36.36
C ALA D 206 -8.60 13.84 -35.40
N VAL D 207 -8.72 13.61 -34.08
CA VAL D 207 -8.30 14.64 -33.13
C VAL D 207 -6.78 14.83 -33.21
N LEU D 208 -6.00 13.75 -33.19
CA LEU D 208 -4.53 13.85 -33.24
C LEU D 208 -4.09 14.59 -34.51
N LYS D 209 -4.72 14.29 -35.64
CA LYS D 209 -4.30 14.92 -36.88
C LYS D 209 -4.51 16.45 -36.81
N ARG D 210 -5.62 16.89 -36.20
CA ARG D 210 -5.92 18.32 -36.08
C ARG D 210 -5.04 19.01 -35.05
N LEU D 211 -4.54 18.27 -34.05
CA LEU D 211 -3.69 18.87 -33.04
C LEU D 211 -2.25 19.00 -33.53
N LYS D 212 -1.81 18.08 -34.40
CA LYS D 212 -0.42 18.02 -34.86
C LYS D 212 0.16 19.39 -35.21
N PRO D 213 -0.41 20.22 -36.13
CA PRO D 213 0.21 21.48 -36.50
C PRO D 213 0.15 22.56 -35.40
N PHE D 214 -0.55 22.28 -34.28
CA PHE D 214 -0.43 23.15 -33.10
C PHE D 214 0.93 22.97 -32.42
N ASP D 215 1.69 21.96 -32.88
CA ASP D 215 3.04 21.68 -32.40
C ASP D 215 2.98 21.18 -30.96
N VAL D 216 1.93 20.46 -30.60
CA VAL D 216 1.88 19.82 -29.29
C VAL D 216 2.67 18.50 -29.35
N LYS D 217 3.06 17.97 -28.20
CA LYS D 217 3.65 16.64 -28.11
C LYS D 217 2.52 15.63 -27.91
N LEU D 218 2.34 14.69 -28.85
CA LEU D 218 1.20 13.79 -28.86
C LEU D 218 1.46 12.43 -28.20
N HIS D 219 0.46 12.00 -27.41
CA HIS D 219 0.50 10.75 -26.68
C HIS D 219 -0.85 10.05 -26.85
N TYR D 220 -0.84 8.72 -26.75
CA TYR D 220 -2.13 8.01 -26.80
C TYR D 220 -2.03 6.68 -26.05
N PHE D 221 -3.21 6.19 -25.63
CA PHE D 221 -3.36 4.80 -25.22
C PHE D 221 -4.45 4.18 -26.06
N ASP D 222 -4.26 2.94 -26.46
CA ASP D 222 -5.34 2.24 -27.14
C ASP D 222 -5.08 0.75 -26.91
N GLN D 223 -6.16 -0.02 -26.88
CA GLN D 223 -6.01 -1.46 -26.75
C GLN D 223 -5.26 -2.03 -27.95
N HIS D 224 -5.52 -1.51 -29.15
CA HIS D 224 -4.78 -1.93 -30.31
C HIS D 224 -3.83 -0.80 -30.74
N ARG D 225 -2.53 -1.01 -30.47
CA ARG D 225 -1.49 -0.09 -30.86
C ARG D 225 -1.60 0.17 -32.35
N LEU D 226 -1.51 1.44 -32.78
CA LEU D 226 -1.54 1.82 -34.19
C LEU D 226 -0.27 1.32 -34.87
N PRO D 227 -0.22 1.20 -36.23
CA PRO D 227 1.04 0.85 -36.90
C PRO D 227 2.16 1.89 -36.73
N GLU D 228 3.40 1.41 -36.74
CA GLU D 228 4.58 2.25 -36.58
C GLU D 228 4.62 3.42 -37.57
N SER D 229 4.21 3.22 -38.83
CA SER D 229 4.21 4.30 -39.83
C SER D 229 3.28 5.44 -39.42
N VAL D 230 2.10 5.08 -38.91
CA VAL D 230 1.12 6.04 -38.42
C VAL D 230 1.70 6.81 -37.24
N GLU D 231 2.29 6.09 -36.26
CA GLU D 231 2.90 6.73 -35.10
C GLU D 231 4.03 7.67 -35.50
N ASN D 232 4.88 7.24 -36.44
CA ASN D 232 5.98 8.10 -36.92
C ASN D 232 5.43 9.36 -37.61
N GLU D 233 4.46 9.16 -38.49
CA GLU D 233 3.88 10.26 -39.24
C GLU D 233 3.31 11.32 -38.28
N LEU D 234 2.62 10.90 -37.20
CA LEU D 234 2.00 11.86 -36.28
C LEU D 234 2.93 12.27 -35.14
N GLY D 235 4.08 11.61 -35.02
CA GLY D 235 4.95 11.76 -33.85
C GLY D 235 4.25 11.39 -32.53
N LEU D 236 3.58 10.22 -32.51
CA LEU D 236 2.86 9.76 -31.33
C LEU D 236 3.80 8.98 -30.39
N THR D 237 3.69 9.22 -29.09
CA THR D 237 4.21 8.34 -28.07
C THR D 237 3.05 7.45 -27.61
N TYR D 238 3.24 6.14 -27.73
CA TYR D 238 2.29 5.18 -27.19
C TYR D 238 2.60 4.91 -25.72
N HIS D 239 1.56 4.73 -24.88
CA HIS D 239 1.69 4.36 -23.48
C HIS D 239 0.89 3.08 -23.24
N PRO D 240 1.41 2.10 -22.44
CA PRO D 240 0.72 0.82 -22.28
C PRO D 240 -0.49 0.89 -21.33
N SER D 241 -0.69 2.00 -20.61
CA SER D 241 -1.94 2.16 -19.86
C SER D 241 -2.38 3.63 -19.86
N VAL D 242 -3.65 3.86 -19.48
CA VAL D 242 -4.13 5.23 -19.32
C VAL D 242 -3.37 5.94 -18.19
N GLU D 243 -3.20 5.24 -17.06
CA GLU D 243 -2.46 5.83 -15.95
C GLU D 243 -1.08 6.31 -16.38
N ASP D 244 -0.34 5.47 -17.11
CA ASP D 244 0.98 5.86 -17.57
C ASP D 244 0.89 7.15 -18.40
N MET D 245 -0.07 7.21 -19.32
CA MET D 245 -0.19 8.40 -20.16
C MET D 245 -0.59 9.65 -19.37
N VAL D 246 -1.58 9.59 -18.45
CA VAL D 246 -2.07 10.83 -17.89
C VAL D 246 -1.02 11.52 -17.01
N LYS D 247 -0.03 10.76 -16.52
CA LYS D 247 0.97 11.34 -15.62
C LYS D 247 1.79 12.39 -16.35
N VAL D 248 1.85 12.35 -17.68
CA VAL D 248 2.71 13.27 -18.41
C VAL D 248 1.92 14.31 -19.23
N CYS D 249 0.59 14.23 -19.26
CA CYS D 249 -0.15 15.09 -20.17
C CYS D 249 -0.61 16.39 -19.54
N ASP D 250 -0.49 17.49 -20.32
CA ASP D 250 -1.08 18.76 -19.93
C ASP D 250 -2.59 18.76 -20.21
N VAL D 251 -2.97 18.01 -21.25
CA VAL D 251 -4.35 17.94 -21.69
C VAL D 251 -4.68 16.49 -21.97
N VAL D 252 -5.87 16.03 -21.58
CA VAL D 252 -6.30 14.68 -21.93
C VAL D 252 -7.67 14.71 -22.60
N THR D 253 -7.82 13.93 -23.66
CA THR D 253 -9.12 13.85 -24.33
C THR D 253 -9.56 12.39 -24.39
N ILE D 254 -10.81 12.13 -24.01
CA ILE D 254 -11.32 10.77 -23.97
C ILE D 254 -12.16 10.57 -25.24
N ASN D 255 -11.78 9.54 -26.01
CA ASN D 255 -12.37 9.19 -27.28
C ASN D 255 -12.63 7.68 -27.36
N ALA D 256 -13.02 7.07 -26.23
CA ALA D 256 -13.10 5.63 -26.11
C ALA D 256 -14.55 5.22 -25.88
N PRO D 257 -14.96 3.98 -26.21
CA PRO D 257 -16.32 3.52 -25.88
C PRO D 257 -16.42 3.25 -24.39
N LEU D 258 -17.67 3.21 -23.89
CA LEU D 258 -17.99 2.77 -22.54
C LEU D 258 -18.12 1.26 -22.55
N HIS D 259 -17.30 0.59 -21.75
CA HIS D 259 -17.41 -0.84 -21.46
C HIS D 259 -16.73 -1.05 -20.11
N PRO D 260 -16.72 -2.27 -19.49
CA PRO D 260 -16.20 -2.39 -18.13
C PRO D 260 -14.82 -1.76 -17.89
N GLY D 261 -13.95 -1.74 -18.91
CA GLY D 261 -12.62 -1.12 -18.82
C GLY D 261 -12.64 0.41 -18.65
N THR D 262 -13.69 1.09 -19.10
CA THR D 262 -13.69 2.55 -19.06
C THR D 262 -14.76 3.10 -18.12
N LEU D 263 -15.64 2.21 -17.59
CA LEU D 263 -16.68 2.67 -16.69
C LEU D 263 -16.01 3.22 -15.44
N ASP D 264 -16.27 4.49 -15.13
CA ASP D 264 -15.73 5.15 -13.95
C ASP D 264 -14.20 5.19 -13.98
N LEU D 265 -13.60 5.20 -15.18
CA LEU D 265 -12.16 5.18 -15.36
C LEU D 265 -11.54 6.43 -14.72
N PHE D 266 -12.07 7.61 -15.07
CA PHE D 266 -11.56 8.83 -14.47
C PHE D 266 -12.25 9.07 -13.13
N ASN D 267 -11.74 8.42 -12.07
CA ASN D 267 -12.31 8.53 -10.73
C ASN D 267 -11.33 9.32 -9.88
N ASP D 268 -11.57 9.37 -8.57
CA ASP D 268 -10.75 10.25 -7.77
C ASP D 268 -9.28 9.84 -7.87
N GLU D 269 -9.04 8.53 -7.80
CA GLU D 269 -7.67 8.05 -7.78
C GLU D 269 -6.95 8.36 -9.09
N LEU D 270 -7.58 8.06 -10.23
CA LEU D 270 -6.88 8.35 -11.49
C LEU D 270 -6.71 9.85 -11.69
N ILE D 271 -7.76 10.64 -11.46
CA ILE D 271 -7.64 12.07 -11.64
C ILE D 271 -6.51 12.61 -10.75
N SER D 272 -6.36 12.10 -9.53
CA SER D 272 -5.25 12.50 -8.65
C SER D 272 -3.89 12.18 -9.26
N LYS D 273 -3.80 11.29 -10.26
CA LYS D 273 -2.50 10.95 -10.83
C LYS D 273 -2.15 11.86 -12.02
N MET D 274 -3.13 12.69 -12.43
CA MET D 274 -2.92 13.63 -13.52
C MET D 274 -2.01 14.76 -13.04
N LYS D 275 -1.38 15.50 -13.96
CA LYS D 275 -0.62 16.68 -13.55
C LYS D 275 -1.58 17.72 -12.95
N ARG D 276 -1.13 18.40 -11.91
CA ARG D 276 -1.94 19.46 -11.36
C ARG D 276 -2.19 20.50 -12.44
N GLY D 277 -3.45 20.92 -12.54
CA GLY D 277 -3.90 21.90 -13.51
C GLY D 277 -4.03 21.28 -14.91
N ALA D 278 -4.15 19.94 -14.96
CA ALA D 278 -4.50 19.31 -16.24
C ALA D 278 -5.85 19.81 -16.77
N TYR D 279 -6.03 19.71 -18.11
CA TYR D 279 -7.31 19.92 -18.77
C TYR D 279 -7.83 18.56 -19.23
N LEU D 280 -9.10 18.28 -19.00
CA LEU D 280 -9.70 17.02 -19.40
C LEU D 280 -10.91 17.35 -20.26
N VAL D 281 -11.00 16.73 -21.44
CA VAL D 281 -12.10 16.93 -22.38
C VAL D 281 -12.75 15.56 -22.63
N ASN D 282 -14.10 15.49 -22.56
CA ASN D 282 -14.79 14.20 -22.67
C ASN D 282 -16.01 14.34 -23.57
N THR D 283 -15.87 13.91 -24.83
CA THR D 283 -17.00 13.86 -25.74
C THR D 283 -17.41 12.41 -26.02
N ALA D 284 -16.95 11.48 -25.18
CA ALA D 284 -17.18 10.05 -25.42
C ALA D 284 -18.45 9.57 -24.70
N ARG D 285 -18.36 9.30 -23.38
CA ARG D 285 -19.56 8.98 -22.59
C ARG D 285 -19.40 9.58 -21.21
N GLY D 286 -20.50 10.09 -20.66
CA GLY D 286 -20.54 10.73 -19.36
C GLY D 286 -19.92 9.86 -18.27
N LYS D 287 -20.31 8.57 -18.21
CA LYS D 287 -19.95 7.73 -17.09
C LYS D 287 -18.48 7.30 -17.14
N ILE D 288 -17.76 7.69 -18.20
CA ILE D 288 -16.35 7.38 -18.21
C ILE D 288 -15.64 8.21 -17.13
N CYS D 289 -16.17 9.41 -16.86
CA CYS D 289 -15.73 10.27 -15.77
C CYS D 289 -16.69 10.11 -14.58
N ASN D 290 -16.13 9.87 -13.37
CA ASN D 290 -16.95 9.89 -12.16
C ASN D 290 -17.45 11.33 -11.93
N ARG D 291 -18.77 11.50 -11.99
CA ARG D 291 -19.37 12.81 -11.88
C ARG D 291 -18.79 13.66 -10.73
N ASP D 292 -18.88 13.16 -9.49
CA ASP D 292 -18.44 13.95 -8.34
C ASP D 292 -16.92 14.14 -8.29
N ALA D 293 -16.15 13.20 -8.80
CA ALA D 293 -14.69 13.32 -8.79
C ALA D 293 -14.23 14.51 -9.65
N VAL D 294 -14.89 14.68 -10.79
CA VAL D 294 -14.62 15.80 -11.68
C VAL D 294 -14.88 17.11 -10.94
N VAL D 295 -16.02 17.20 -10.24
CA VAL D 295 -16.39 18.42 -9.52
C VAL D 295 -15.31 18.71 -8.47
N ARG D 296 -14.92 17.68 -7.72
CA ARG D 296 -13.95 17.85 -6.65
C ARG D 296 -12.61 18.32 -7.22
N ALA D 297 -12.20 17.72 -8.36
CA ALA D 297 -10.92 18.07 -8.99
C ALA D 297 -10.91 19.54 -9.45
N LEU D 298 -12.04 20.03 -10.00
CA LEU D 298 -12.09 21.42 -10.45
C LEU D 298 -12.13 22.37 -9.25
N GLU D 299 -12.86 22.01 -8.19
CA GLU D 299 -12.88 22.78 -6.95
C GLU D 299 -11.49 22.90 -6.33
N SER D 300 -10.67 21.85 -6.37
CA SER D 300 -9.35 21.92 -5.75
C SER D 300 -8.27 22.48 -6.68
N GLY D 301 -8.56 22.59 -7.99
CA GLY D 301 -7.53 23.02 -8.91
C GLY D 301 -6.69 21.84 -9.43
N GLN D 302 -7.00 20.61 -9.01
CA GLN D 302 -6.29 19.48 -9.61
C GLN D 302 -6.50 19.47 -11.14
N LEU D 303 -7.74 19.76 -11.56
CA LEU D 303 -8.00 20.02 -12.96
C LEU D 303 -8.11 21.53 -13.10
N ALA D 304 -7.40 22.12 -14.09
CA ALA D 304 -7.61 23.52 -14.42
C ALA D 304 -8.92 23.73 -15.19
N GLY D 305 -9.36 22.71 -15.94
CA GLY D 305 -10.60 22.90 -16.69
C GLY D 305 -11.16 21.57 -17.18
N TYR D 306 -12.46 21.54 -17.44
CA TYR D 306 -13.12 20.34 -17.96
C TYR D 306 -14.12 20.80 -19.00
N ALA D 307 -14.19 20.08 -20.13
CA ALA D 307 -15.24 20.41 -21.08
C ALA D 307 -15.66 19.09 -21.73
N GLY D 308 -16.82 19.11 -22.38
CA GLY D 308 -17.31 17.90 -23.01
C GLY D 308 -18.76 18.13 -23.38
N ASP D 309 -19.38 17.13 -23.99
CA ASP D 309 -20.77 17.30 -24.39
C ASP D 309 -21.62 16.10 -23.95
N VAL D 310 -21.04 15.20 -23.13
CA VAL D 310 -21.71 13.99 -22.67
C VAL D 310 -21.89 14.07 -21.15
N TRP D 311 -23.07 13.65 -20.69
CA TRP D 311 -23.50 13.85 -19.32
C TRP D 311 -24.13 12.56 -18.80
N PHE D 312 -24.09 12.33 -17.49
CA PHE D 312 -24.90 11.25 -16.94
C PHE D 312 -25.80 11.76 -15.81
N PRO D 313 -27.15 11.59 -15.88
CA PRO D 313 -27.83 11.03 -17.05
C PRO D 313 -27.99 12.07 -18.16
N GLN D 314 -28.63 11.69 -19.26
CA GLN D 314 -28.96 12.61 -20.34
C GLN D 314 -30.43 12.50 -20.70
N PRO D 315 -31.19 13.61 -20.86
CA PRO D 315 -30.68 14.98 -20.72
C PRO D 315 -30.28 15.28 -19.28
N ALA D 316 -29.29 16.16 -19.12
CA ALA D 316 -28.82 16.58 -17.80
C ALA D 316 -29.98 17.19 -17.00
N PRO D 317 -30.27 16.70 -15.78
CA PRO D 317 -31.31 17.34 -14.96
C PRO D 317 -30.89 18.79 -14.67
N LYS D 318 -31.86 19.63 -14.33
CA LYS D 318 -31.55 21.02 -13.98
C LYS D 318 -30.54 21.10 -12.85
N ASP D 319 -30.55 20.16 -11.91
CA ASP D 319 -29.67 20.22 -10.75
C ASP D 319 -28.35 19.48 -11.00
N HIS D 320 -28.06 19.01 -12.23
CA HIS D 320 -26.80 18.30 -12.43
C HIS D 320 -25.62 19.19 -12.04
N PRO D 321 -24.66 18.76 -11.20
CA PRO D 321 -23.61 19.66 -10.73
C PRO D 321 -22.54 20.01 -11.77
N TRP D 322 -22.47 19.29 -12.90
CA TRP D 322 -21.56 19.77 -13.95
C TRP D 322 -22.05 21.08 -14.58
N ARG D 323 -23.29 21.50 -14.31
CA ARG D 323 -23.71 22.78 -14.86
C ARG D 323 -23.08 23.94 -14.10
N THR D 324 -22.75 23.76 -12.82
CA THR D 324 -22.35 24.89 -12.00
C THR D 324 -20.91 24.75 -11.48
N MET D 325 -20.24 23.62 -11.74
CA MET D 325 -18.88 23.44 -11.23
C MET D 325 -17.97 24.51 -11.86
N PRO D 326 -16.87 24.93 -11.21
CA PRO D 326 -16.01 25.99 -11.76
C PRO D 326 -15.25 25.51 -13.00
N HIS D 327 -14.87 26.46 -13.89
CA HIS D 327 -13.88 26.29 -14.93
C HIS D 327 -14.25 25.19 -15.92
N HIS D 328 -15.53 25.11 -16.30
CA HIS D 328 -15.97 24.15 -17.30
C HIS D 328 -16.31 24.89 -18.59
N GLY D 329 -16.31 24.16 -19.70
CA GLY D 329 -16.77 24.66 -20.99
C GLY D 329 -17.76 23.68 -21.61
N MET D 330 -18.73 23.19 -20.84
CA MET D 330 -19.62 22.13 -21.30
C MET D 330 -20.52 22.63 -22.43
N THR D 331 -21.01 21.71 -23.29
CA THR D 331 -22.21 21.99 -24.05
C THR D 331 -23.21 20.86 -23.75
N PRO D 332 -24.49 20.96 -24.17
CA PRO D 332 -25.36 19.78 -24.19
C PRO D 332 -24.78 18.83 -25.26
N HIS D 333 -25.39 17.66 -25.38
CA HIS D 333 -24.94 16.61 -26.27
C HIS D 333 -25.26 16.92 -27.73
N ILE D 334 -24.35 17.62 -28.43
CA ILE D 334 -24.69 18.21 -29.72
C ILE D 334 -23.59 17.97 -30.75
N SER D 335 -22.41 17.47 -30.35
CA SER D 335 -21.25 17.52 -31.25
C SER D 335 -21.53 16.74 -32.53
N GLY D 336 -22.16 15.56 -32.43
CA GLY D 336 -22.42 14.75 -33.62
C GLY D 336 -23.75 15.08 -34.33
N THR D 337 -24.38 16.20 -33.99
CA THR D 337 -25.63 16.61 -34.64
C THR D 337 -25.55 18.05 -35.13
N SER D 338 -24.34 18.50 -35.55
CA SER D 338 -24.28 19.69 -36.38
C SER D 338 -25.16 19.48 -37.62
N LEU D 339 -25.57 20.58 -38.27
CA LEU D 339 -26.35 20.45 -39.49
C LEU D 339 -25.59 19.66 -40.56
N SER D 340 -24.28 19.81 -40.62
CA SER D 340 -23.44 19.11 -41.59
C SER D 340 -23.50 17.60 -41.34
N ALA D 341 -23.31 17.16 -40.08
CA ALA D 341 -23.43 15.75 -39.76
C ALA D 341 -24.85 15.22 -40.02
N GLN D 342 -25.88 16.02 -39.71
CA GLN D 342 -27.28 15.60 -39.92
C GLN D 342 -27.53 15.25 -41.39
N ALA D 343 -26.98 16.05 -42.31
CA ALA D 343 -27.09 15.83 -43.76
C ALA D 343 -26.55 14.44 -44.09
N ARG D 344 -25.45 14.04 -43.44
CA ARG D 344 -24.83 12.76 -43.71
C ARG D 344 -25.66 11.61 -43.14
N TYR D 345 -26.03 11.70 -41.85
CA TYR D 345 -26.73 10.57 -41.26
C TYR D 345 -28.18 10.47 -41.74
N ALA D 346 -28.79 11.60 -42.11
CA ALA D 346 -30.11 11.51 -42.73
C ALA D 346 -29.98 10.83 -44.08
N ALA D 347 -28.97 11.23 -44.87
CA ALA D 347 -28.84 10.57 -46.16
C ALA D 347 -28.53 9.08 -45.94
N GLY D 348 -27.70 8.74 -44.93
CA GLY D 348 -27.38 7.33 -44.73
C GLY D 348 -28.60 6.53 -44.24
N THR D 349 -29.44 7.16 -43.41
CA THR D 349 -30.68 6.51 -42.98
C THR D 349 -31.58 6.17 -44.18
N ARG D 350 -31.72 7.12 -45.09
CA ARG D 350 -32.48 6.83 -46.30
C ARG D 350 -31.84 5.72 -47.15
N GLU D 351 -30.52 5.77 -47.33
CA GLU D 351 -29.83 4.71 -48.08
C GLU D 351 -30.16 3.32 -47.49
N ILE D 352 -30.16 3.22 -46.16
CA ILE D 352 -30.37 1.94 -45.50
C ILE D 352 -31.80 1.50 -45.76
N LEU D 353 -32.73 2.47 -45.66
CA LEU D 353 -34.12 2.11 -45.83
C LEU D 353 -34.38 1.66 -47.28
N GLU D 354 -33.73 2.34 -48.24
CA GLU D 354 -33.92 1.96 -49.64
C GLU D 354 -33.44 0.53 -49.86
N CYS D 355 -32.24 0.19 -49.33
CA CYS D 355 -31.74 -1.19 -49.40
C CYS D 355 -32.74 -2.16 -48.78
N TRP D 356 -33.22 -1.83 -47.58
CA TRP D 356 -34.14 -2.68 -46.85
C TRP D 356 -35.43 -2.92 -47.64
N PHE D 357 -36.09 -1.85 -48.09
CA PHE D 357 -37.39 -2.02 -48.73
C PHE D 357 -37.24 -2.69 -50.10
N GLU D 358 -36.07 -2.56 -50.72
CA GLU D 358 -35.83 -3.18 -52.02
C GLU D 358 -35.26 -4.60 -51.88
N GLU D 359 -35.13 -5.12 -50.66
CA GLU D 359 -34.48 -6.42 -50.43
C GLU D 359 -33.07 -6.48 -51.03
N ARG D 360 -32.25 -5.42 -50.88
CA ARG D 360 -30.87 -5.40 -51.29
C ARG D 360 -29.99 -5.29 -50.04
N PRO D 361 -28.77 -5.86 -50.08
CA PRO D 361 -27.90 -5.84 -48.91
C PRO D 361 -27.63 -4.40 -48.44
N ILE D 362 -27.73 -4.19 -47.13
CA ILE D 362 -27.27 -2.96 -46.46
C ILE D 362 -25.76 -3.03 -46.46
N ARG D 363 -25.06 -1.88 -46.55
CA ARG D 363 -23.61 -1.94 -46.54
C ARG D 363 -23.10 -2.72 -45.33
N GLU D 364 -22.08 -3.56 -45.58
CA GLU D 364 -21.39 -4.27 -44.52
C GLU D 364 -20.96 -3.32 -43.40
N GLU D 365 -20.36 -2.17 -43.76
CA GLU D 365 -19.88 -1.25 -42.73
C GLU D 365 -21.03 -0.63 -41.91
N TYR D 366 -22.30 -0.67 -42.37
CA TYR D 366 -23.40 -0.15 -41.55
C TYR D 366 -24.00 -1.15 -40.55
N LEU D 367 -23.71 -2.46 -40.74
CA LEU D 367 -24.41 -3.51 -40.01
C LEU D 367 -23.75 -3.81 -38.68
N ILE D 368 -24.55 -3.78 -37.63
CA ILE D 368 -24.10 -4.19 -36.31
C ILE D 368 -24.65 -5.59 -36.00
N VAL D 369 -25.94 -5.84 -36.28
CA VAL D 369 -26.47 -7.19 -36.28
C VAL D 369 -27.27 -7.42 -37.55
N ASP D 370 -27.06 -8.58 -38.16
CA ASP D 370 -27.74 -8.99 -39.41
C ASP D 370 -28.22 -10.44 -39.24
N GLY D 371 -29.52 -10.65 -39.37
CA GLY D 371 -30.15 -12.00 -39.27
C GLY D 371 -29.55 -12.88 -38.17
N GLY D 372 -29.73 -12.44 -36.93
CA GLY D 372 -29.36 -13.18 -35.71
C GLY D 372 -27.89 -13.33 -35.42
N LYS D 373 -27.03 -12.43 -35.88
CA LYS D 373 -25.61 -12.59 -35.47
C LYS D 373 -24.86 -11.26 -35.56
N LEU D 374 -23.87 -11.06 -34.70
CA LEU D 374 -23.01 -9.89 -34.80
C LEU D 374 -22.37 -9.86 -36.20
#